data_7EG0
#
_entry.id   7EG0
#
_cell.length_a   1.00
_cell.length_b   1.00
_cell.length_c   1.00
_cell.angle_alpha   90.00
_cell.angle_beta   90.00
_cell.angle_gamma   90.00
#
_symmetry.space_group_name_H-M   'P 1'
#
loop_
_entity.id
_entity.type
_entity.pdbx_description
1 polymer "cGMP-inhibited 3',5'-cyclic phosphodiesterase A"
2 polymer 'Schlafen family member 12'
3 non-polymer 6,7-bis(chloranyl)-3,5-dihydro-1H-imidazo[2,1-b]quinazolin-2-one
4 non-polymer 'MAGNESIUM ION'
5 non-polymer 'ZINC ION'
#
loop_
_entity_poly.entity_id
_entity_poly.type
_entity_poly.pdbx_seq_one_letter_code
_entity_poly.pdbx_strand_id
1 'polypeptide(L)'
;KPILAPEPLVMDNLDSIMEQLNTWNFPIFDLVENIGRKCGRILSQVSYRLFEDMGLFEAFKIPIREFMNYFHALEIGYRD
IPYHNRIHATDVLHAVWYLTTQPIPGLSTVINDHGSTSDSDSDSGFTHGHMGYVFSKTYNVTDDKYGCLSGNIPALELMA
LYVAAAMHDYDHPGRTNAFLVATSAPQAVLYNDRSVLENHHAAAAWNLFMSRPEYNFLINLDHVEFKHFRFLVIEAILAT
DLKKHFDFVAKFNGKVNDDVGIDWTNENDRLLVCQMCIKLADINGPAKCKELHLQWTDGIVNEFYEQGDEEASLGLPISP
FMDRSAPQLANLQESFISHIVGPLCNSYDSAGLMPGKWVEDSDESGDTDDPEEEEEEAPAPNEEETCENNESPKKKTFKR
RKIYCQITQHLLQNHKMWKKVIEEEQRLAGIENQ
;
A,C
2 'polypeptide(L)'
;NISVDLETNYAELVLDVGRVTLGENSRKKMKDCKLRKKQNESVSRAMCALLNSGGGVIKAEIENEDYSYTKDGIGLDLEN
SFSNILLFVPEYLDFMQNGNYFLIFVKSWSLNTSGLRITTLSSNLYKRDITSAKVMNATAALEFLKDMKKTRGRLYLRPE
LLAKRPCVDIQEENNMKALAGVFFDRTELDRKEKLTFTESTHVEIKNFSTERLLQRIKEILPQYVSAFANTDGGYLFIGL
NEDKEIIGFKAEMSDLDDLEREIEKSIRKMPVHHFCMEKKKINYSCKFLGVYDKGSLCGYVCALRVERFCCAVFAKEPDS
WHVKDNRVMQLTRKEWIQFMVEAEPKFSSAYEEVISQINTSLPAPHSWPLLEWQRQRHHCPGLSGRITYTPENLCRKLFL
QHEGLKQLICEEMSSVRKGSLIFSRSWSVDLGLQENHKVLCDALLISQDSPPVLYTFHMVQDEEFKGYSTQTALTLKQKL
AKIGGYTKKVCVMTKIFYLSPEGMTSCQYDLRSQVIYPESYYFTRRKYLLKALFKALKRLKSLRDQFSFAENLYQIIGID
CFQKNDK
;
B,D
#
loop_
_chem_comp.id
_chem_comp.type
_chem_comp.name
_chem_comp.formula
J33 non-polymer 6,7-bis(chloranyl)-3,5-dihydro-1H-imidazo[2,1-b]quinazolin-2-one 'C10 H7 Cl2 N3 O'
MG non-polymer 'MAGNESIUM ION' 'Mg 2'
ZN non-polymer 'ZINC ION' 'Zn 2'
#
# COMPACT_ATOMS: atom_id res chain seq x y z
N LYS A 1 -2.70 23.59 -54.34
CA LYS A 1 -2.99 22.16 -54.17
C LYS A 1 -3.31 21.82 -52.73
N PRO A 2 -2.44 22.18 -51.78
CA PRO A 2 -2.78 21.99 -50.37
C PRO A 2 -3.89 22.94 -49.97
N ILE A 3 -4.67 22.51 -48.97
CA ILE A 3 -5.72 23.36 -48.45
C ILE A 3 -5.06 24.55 -47.78
N LEU A 4 -5.15 25.72 -48.41
CA LEU A 4 -4.31 26.81 -47.95
C LEU A 4 -5.04 27.70 -46.94
N ALA A 5 -6.08 28.41 -47.37
CA ALA A 5 -6.89 29.22 -46.46
C ALA A 5 -7.95 29.93 -47.28
N PRO A 6 -8.95 30.49 -46.61
CA PRO A 6 -9.83 31.43 -47.28
C PRO A 6 -9.21 32.82 -47.28
N GLU A 7 -9.75 33.68 -48.15
CA GLU A 7 -9.03 34.88 -48.56
C GLU A 7 -8.78 35.84 -47.40
N PRO A 8 -9.79 36.46 -46.80
CA PRO A 8 -9.52 37.32 -45.64
C PRO A 8 -9.48 36.47 -44.39
N LEU A 9 -8.42 36.61 -43.59
CA LEU A 9 -8.14 35.67 -42.51
C LEU A 9 -9.25 35.64 -41.48
N VAL A 10 -9.46 36.74 -40.78
CA VAL A 10 -10.43 36.82 -39.70
C VAL A 10 -11.68 37.49 -40.24
N MET A 11 -12.66 36.70 -40.63
CA MET A 11 -13.92 37.27 -41.06
C MET A 11 -14.57 38.00 -39.90
N ASP A 12 -15.32 39.05 -40.23
CA ASP A 12 -15.77 39.97 -39.20
C ASP A 12 -17.29 40.11 -39.09
N ASN A 13 -18.07 39.36 -39.85
CA ASN A 13 -19.52 39.42 -39.63
C ASN A 13 -19.86 38.78 -38.30
N LEU A 14 -19.07 37.80 -37.87
CA LEU A 14 -19.28 37.17 -36.57
C LEU A 14 -18.55 37.93 -35.46
N ASP A 15 -18.76 39.23 -35.46
CA ASP A 15 -18.46 40.08 -34.33
C ASP A 15 -19.72 40.28 -33.51
N SER A 16 -19.53 40.58 -32.22
CA SER A 16 -20.62 40.79 -31.27
C SER A 16 -21.30 39.47 -30.89
N ILE A 17 -20.89 38.37 -31.51
CA ILE A 17 -21.27 37.04 -31.05
C ILE A 17 -20.14 36.35 -30.31
N MET A 18 -18.88 36.57 -30.71
CA MET A 18 -17.75 36.10 -29.92
C MET A 18 -17.61 36.88 -28.62
N GLU A 19 -18.30 38.01 -28.49
CA GLU A 19 -18.26 38.73 -27.22
C GLU A 19 -18.95 37.93 -26.13
N GLN A 20 -20.01 37.21 -26.50
CA GLN A 20 -20.67 36.31 -25.56
C GLN A 20 -20.05 34.92 -25.61
N LEU A 21 -18.73 34.90 -25.54
CA LEU A 21 -17.96 33.66 -25.54
C LEU A 21 -17.40 33.33 -24.17
N ASN A 22 -17.50 34.25 -23.23
CA ASN A 22 -17.13 34.02 -21.84
C ASN A 22 -18.28 33.45 -21.03
N THR A 23 -19.31 32.93 -21.69
CA THR A 23 -20.44 32.32 -21.02
C THR A 23 -20.44 30.83 -21.30
N TRP A 24 -20.81 30.04 -20.30
CA TRP A 24 -20.74 28.59 -20.45
C TRP A 24 -21.67 28.09 -21.54
N ASN A 25 -22.82 28.72 -21.71
CA ASN A 25 -23.78 28.29 -22.72
C ASN A 25 -23.62 29.10 -24.01
N PHE A 26 -22.50 28.89 -24.67
CA PHE A 26 -22.22 29.57 -25.92
C PHE A 26 -23.20 29.09 -26.99
N PRO A 27 -23.95 29.98 -27.62
CA PRO A 27 -24.93 29.54 -28.62
C PRO A 27 -24.28 29.08 -29.90
N ILE A 28 -23.74 27.86 -29.89
CA ILE A 28 -22.84 27.44 -30.96
C ILE A 28 -23.58 27.28 -32.28
N PHE A 29 -24.78 26.73 -32.26
CA PHE A 29 -25.50 26.52 -33.51
C PHE A 29 -25.92 27.85 -34.12
N ASP A 30 -26.19 28.84 -33.27
CA ASP A 30 -26.49 30.17 -33.80
C ASP A 30 -25.32 30.71 -34.61
N LEU A 31 -24.10 30.58 -34.08
CA LEU A 31 -22.93 30.98 -34.84
C LEU A 31 -22.75 30.13 -36.09
N VAL A 32 -23.10 28.84 -36.01
CA VAL A 32 -22.97 27.96 -37.16
C VAL A 32 -23.83 28.47 -38.31
N GLU A 33 -25.10 28.73 -38.03
CA GLU A 33 -25.99 29.24 -39.07
C GLU A 33 -25.60 30.65 -39.49
N ASN A 34 -25.11 31.46 -38.55
CA ASN A 34 -24.62 32.80 -38.89
C ASN A 34 -23.48 32.70 -39.90
N ILE A 35 -22.42 31.99 -39.53
CA ILE A 35 -21.36 31.68 -40.49
C ILE A 35 -21.98 30.94 -41.65
N GLY A 36 -21.38 31.10 -42.83
CA GLY A 36 -21.78 30.31 -43.97
C GLY A 36 -21.64 28.84 -43.66
N ARG A 37 -22.76 28.14 -43.51
CA ARG A 37 -22.73 26.70 -43.33
C ARG A 37 -22.41 25.98 -44.63
N LYS A 38 -22.36 26.70 -45.76
CA LYS A 38 -21.96 26.08 -47.02
C LYS A 38 -20.54 25.53 -46.94
N CYS A 39 -19.60 26.31 -46.42
CA CYS A 39 -18.19 25.94 -46.41
C CYS A 39 -17.77 25.40 -45.05
N GLY A 40 -17.96 26.18 -44.00
CA GLY A 40 -17.55 25.74 -42.69
C GLY A 40 -16.14 26.16 -42.37
N ARG A 41 -16.00 27.30 -41.69
CA ARG A 41 -14.73 27.78 -41.17
C ARG A 41 -14.94 28.28 -39.75
N ILE A 42 -15.77 27.56 -38.99
CA ILE A 42 -16.06 27.93 -37.63
C ILE A 42 -14.90 27.62 -36.71
N LEU A 43 -14.31 26.43 -36.87
CA LEU A 43 -13.24 25.99 -36.00
C LEU A 43 -12.07 26.97 -36.05
N SER A 44 -11.70 27.40 -37.25
CA SER A 44 -10.61 28.34 -37.40
C SER A 44 -10.91 29.67 -36.72
N GLN A 45 -12.13 30.17 -36.87
CA GLN A 45 -12.45 31.48 -36.30
C GLN A 45 -12.46 31.43 -34.78
N VAL A 46 -13.11 30.42 -34.21
CA VAL A 46 -13.14 30.31 -32.75
C VAL A 46 -11.74 30.09 -32.21
N SER A 47 -10.92 29.33 -32.93
CA SER A 47 -9.55 29.12 -32.49
C SER A 47 -8.76 30.41 -32.51
N TYR A 48 -8.95 31.24 -33.55
CA TYR A 48 -8.27 32.51 -33.60
C TYR A 48 -8.70 33.40 -32.45
N ARG A 49 -10.00 33.44 -32.16
CA ARG A 49 -10.49 34.27 -31.06
C ARG A 49 -9.88 33.82 -29.74
N LEU A 50 -9.89 32.51 -29.49
CA LEU A 50 -9.38 32.01 -28.22
C LEU A 50 -7.88 32.26 -28.09
N PHE A 51 -7.13 32.04 -29.17
CA PHE A 51 -5.69 32.24 -29.10
C PHE A 51 -5.34 33.72 -28.99
N GLU A 52 -6.11 34.60 -29.61
CA GLU A 52 -5.91 36.02 -29.39
C GLU A 52 -6.23 36.40 -27.95
N ASP A 53 -7.25 35.77 -27.36
CA ASP A 53 -7.57 36.04 -25.96
C ASP A 53 -6.41 35.67 -25.08
N MET A 54 -5.91 34.44 -25.21
CA MET A 54 -4.78 34.04 -24.39
C MET A 54 -3.52 34.82 -24.74
N GLY A 55 -3.47 35.42 -25.92
CA GLY A 55 -2.29 36.15 -26.33
C GLY A 55 -1.17 35.27 -26.80
N LEU A 56 -1.44 34.02 -27.16
CA LEU A 56 -0.40 33.11 -27.59
C LEU A 56 0.25 33.52 -28.90
N PHE A 57 -0.36 34.44 -29.64
CA PHE A 57 0.27 34.97 -30.84
C PHE A 57 1.36 35.97 -30.53
N GLU A 58 1.65 36.21 -29.26
CA GLU A 58 2.82 36.97 -28.86
C GLU A 58 3.60 36.19 -27.82
N ALA A 59 2.90 35.32 -27.10
CA ALA A 59 3.57 34.47 -26.11
C ALA A 59 4.41 33.38 -26.76
N PHE A 60 4.24 33.13 -28.05
CA PHE A 60 5.08 32.19 -28.77
C PHE A 60 5.47 32.65 -30.16
N LYS A 61 5.00 33.81 -30.61
CA LYS A 61 5.28 34.32 -31.96
C LYS A 61 4.86 33.31 -33.03
N ILE A 62 3.56 33.05 -33.09
CA ILE A 62 3.00 32.08 -34.03
C ILE A 62 2.46 32.86 -35.22
N PRO A 63 2.98 32.66 -36.43
CA PRO A 63 2.53 33.47 -37.56
C PRO A 63 1.10 33.12 -37.92
N ILE A 64 0.23 34.14 -37.89
CA ILE A 64 -1.21 33.89 -37.90
C ILE A 64 -1.64 33.27 -39.22
N ARG A 65 -0.91 33.54 -40.30
CA ARG A 65 -1.32 33.01 -41.59
C ARG A 65 -1.17 31.51 -41.63
N GLU A 66 -0.01 31.00 -41.22
CA GLU A 66 0.19 29.55 -41.21
C GLU A 66 -0.72 28.88 -40.20
N PHE A 67 -1.00 29.57 -39.09
CA PHE A 67 -1.98 29.08 -38.14
C PHE A 67 -3.32 28.84 -38.79
N MET A 68 -3.85 29.87 -39.47
CA MET A 68 -5.14 29.72 -40.14
C MET A 68 -5.07 28.67 -41.23
N ASN A 69 -3.95 28.58 -41.93
CA ASN A 69 -3.76 27.52 -42.92
C ASN A 69 -4.00 26.17 -42.30
N TYR A 70 -3.27 25.88 -41.23
CA TYR A 70 -3.36 24.56 -40.62
C TYR A 70 -4.76 24.29 -40.13
N PHE A 71 -5.37 25.26 -39.45
CA PHE A 71 -6.63 24.94 -38.81
C PHE A 71 -7.78 24.90 -39.81
N HIS A 72 -7.70 25.65 -40.90
CA HIS A 72 -8.69 25.47 -41.95
C HIS A 72 -8.53 24.12 -42.62
N ALA A 73 -7.28 23.68 -42.83
CA ALA A 73 -7.08 22.33 -43.34
C ALA A 73 -7.65 21.31 -42.38
N LEU A 74 -7.51 21.58 -41.08
CA LEU A 74 -8.05 20.67 -40.07
C LEU A 74 -9.57 20.58 -40.18
N GLU A 75 -10.25 21.73 -40.14
CA GLU A 75 -11.71 21.72 -40.21
C GLU A 75 -12.19 21.12 -41.51
N ILE A 76 -11.43 21.27 -42.60
CA ILE A 76 -11.77 20.53 -43.80
C ILE A 76 -11.60 19.05 -43.57
N GLY A 77 -10.68 18.67 -42.67
CA GLY A 77 -10.42 17.25 -42.46
C GLY A 77 -11.57 16.53 -41.79
N TYR A 78 -12.34 17.22 -40.96
CA TYR A 78 -13.43 16.59 -40.23
C TYR A 78 -14.51 16.12 -41.18
N ARG A 79 -14.93 14.87 -41.04
CA ARG A 79 -15.96 14.34 -41.92
C ARG A 79 -17.29 15.00 -41.62
N ASP A 80 -18.25 14.80 -42.53
CA ASP A 80 -19.58 15.40 -42.43
C ASP A 80 -20.52 14.33 -41.90
N ILE A 81 -20.59 14.21 -40.58
CA ILE A 81 -21.44 13.22 -39.94
C ILE A 81 -22.32 13.90 -38.90
N PRO A 82 -23.28 13.19 -38.32
CA PRO A 82 -24.23 13.86 -37.42
C PRO A 82 -23.61 14.44 -36.16
N TYR A 83 -22.76 13.70 -35.46
CA TYR A 83 -22.26 14.16 -34.17
C TYR A 83 -20.80 14.57 -34.22
N HIS A 84 -19.90 13.69 -34.65
CA HIS A 84 -18.47 13.99 -34.59
C HIS A 84 -18.04 14.79 -35.81
N ASN A 85 -18.37 16.07 -35.81
CA ASN A 85 -17.95 16.97 -36.87
C ASN A 85 -17.33 18.24 -36.31
N ARG A 86 -16.99 19.20 -37.19
CA ARG A 86 -16.23 20.36 -36.77
C ARG A 86 -16.97 21.22 -35.77
N ILE A 87 -18.30 21.19 -35.77
CA ILE A 87 -19.04 21.86 -34.74
C ILE A 87 -18.74 21.24 -33.37
N HIS A 88 -18.63 19.92 -33.33
CA HIS A 88 -18.29 19.26 -32.08
C HIS A 88 -16.90 19.64 -31.61
N ALA A 89 -15.95 19.74 -32.53
CA ALA A 89 -14.60 20.11 -32.15
C ALA A 89 -14.55 21.55 -31.65
N THR A 90 -15.29 22.45 -32.29
CA THR A 90 -15.38 23.80 -31.77
C THR A 90 -15.99 23.83 -30.38
N ASP A 91 -17.03 23.01 -30.17
CA ASP A 91 -17.60 22.83 -28.86
C ASP A 91 -16.53 22.47 -27.85
N VAL A 92 -15.74 21.43 -28.14
CA VAL A 92 -14.80 20.93 -27.15
C VAL A 92 -13.69 21.94 -26.91
N LEU A 93 -13.26 22.64 -27.96
CA LEU A 93 -12.25 23.66 -27.78
C LEU A 93 -12.76 24.75 -26.85
N HIS A 94 -13.98 25.23 -27.10
CA HIS A 94 -14.54 26.25 -26.23
C HIS A 94 -14.71 25.75 -24.81
N ALA A 95 -15.09 24.48 -24.65
CA ALA A 95 -15.27 23.92 -23.32
C ALA A 95 -13.98 23.92 -22.54
N VAL A 96 -12.89 23.43 -23.15
CA VAL A 96 -11.62 23.41 -22.43
C VAL A 96 -11.15 24.83 -22.14
N TRP A 97 -11.38 25.76 -23.07
CA TRP A 97 -10.95 27.13 -22.82
C TRP A 97 -11.70 27.73 -21.64
N TYR A 98 -13.01 27.54 -21.60
CA TYR A 98 -13.79 28.04 -20.47
C TYR A 98 -13.33 27.40 -19.18
N LEU A 99 -13.11 26.09 -19.19
CA LEU A 99 -12.74 25.40 -17.95
C LEU A 99 -11.38 25.86 -17.44
N THR A 100 -10.51 26.34 -18.32
CA THR A 100 -9.20 26.73 -17.86
C THR A 100 -8.98 28.23 -17.74
N THR A 101 -9.91 29.06 -18.19
CA THR A 101 -9.74 30.51 -18.10
C THR A 101 -10.99 31.21 -17.63
N GLN A 102 -11.62 30.68 -16.59
CA GLN A 102 -12.75 31.33 -15.98
C GLN A 102 -12.66 31.11 -14.48
N PRO A 103 -13.23 32.02 -13.69
CA PRO A 103 -12.91 32.07 -12.25
C PRO A 103 -13.29 30.79 -11.53
N ILE A 104 -12.38 30.31 -10.70
CA ILE A 104 -12.55 29.09 -9.92
C ILE A 104 -12.46 29.47 -8.44
N PRO A 105 -13.54 29.42 -7.70
CA PRO A 105 -13.50 29.83 -6.29
C PRO A 105 -12.59 28.97 -5.44
N GLY A 106 -11.60 29.62 -4.82
CA GLY A 106 -10.73 28.94 -3.89
C GLY A 106 -9.55 28.26 -4.55
N LEU A 107 -8.95 28.90 -5.54
CA LEU A 107 -7.78 28.37 -6.21
C LEU A 107 -6.63 29.36 -6.09
N SER A 108 -5.49 28.88 -5.60
CA SER A 108 -4.33 29.71 -5.29
C SER A 108 -3.32 29.57 -6.42
N THR A 109 -3.20 30.61 -7.24
CA THR A 109 -2.24 30.61 -8.31
C THR A 109 -0.83 30.86 -7.77
N VAL A 110 0.12 30.99 -8.70
CA VAL A 110 1.49 31.34 -8.33
C VAL A 110 2.00 32.41 -9.30
N GLY A 132 6.65 30.38 -18.49
CA GLY A 132 5.89 31.61 -18.52
C GLY A 132 4.41 31.35 -18.61
N TYR A 133 3.63 32.05 -17.79
CA TYR A 133 2.19 31.84 -17.70
C TYR A 133 1.47 32.95 -18.44
N VAL A 134 0.23 32.67 -18.83
CA VAL A 134 -0.60 33.63 -19.54
C VAL A 134 -2.04 33.44 -19.09
N PHE A 135 -2.74 34.54 -18.88
CA PHE A 135 -4.12 34.54 -18.42
C PHE A 135 -5.03 34.96 -19.56
N SER A 136 -6.32 34.73 -19.37
CA SER A 136 -7.29 35.12 -20.38
C SER A 136 -7.24 36.63 -20.60
N LYS A 137 -7.84 37.06 -21.71
CA LYS A 137 -7.85 38.49 -22.01
C LYS A 137 -8.53 39.28 -20.91
N THR A 138 -9.77 38.91 -20.58
CA THR A 138 -10.47 39.65 -19.56
C THR A 138 -10.17 39.18 -18.13
N TYR A 139 -10.78 38.06 -17.74
CA TYR A 139 -10.50 37.34 -16.50
C TYR A 139 -10.76 38.13 -15.20
N ASN A 140 -10.84 39.46 -15.28
CA ASN A 140 -11.02 40.35 -14.12
C ASN A 140 -10.24 39.95 -12.87
N VAL A 141 -8.91 39.94 -12.94
CA VAL A 141 -8.11 39.56 -11.78
C VAL A 141 -8.18 40.69 -10.75
N THR A 142 -8.94 40.46 -9.67
CA THR A 142 -9.03 41.45 -8.60
C THR A 142 -8.89 40.88 -7.19
N ASP A 143 -9.35 39.66 -6.92
CA ASP A 143 -9.32 39.13 -5.57
C ASP A 143 -8.24 38.07 -5.43
N ASP A 144 -8.28 37.38 -4.30
CA ASP A 144 -7.43 36.21 -4.11
C ASP A 144 -8.22 34.92 -4.01
N LYS A 145 -9.51 34.98 -3.76
CA LYS A 145 -10.33 33.79 -3.59
C LYS A 145 -10.75 33.16 -4.92
N TYR A 146 -10.29 33.71 -6.03
CA TYR A 146 -10.60 33.18 -7.36
C TYR A 146 -9.30 32.90 -8.08
N GLY A 147 -9.09 31.64 -8.45
CA GLY A 147 -7.98 31.26 -9.29
C GLY A 147 -8.47 30.83 -10.66
N CYS A 148 -7.53 30.63 -11.57
CA CYS A 148 -7.83 30.07 -12.88
C CYS A 148 -6.73 29.09 -13.24
N LEU A 149 -7.06 28.12 -14.10
CA LEU A 149 -6.09 27.10 -14.43
C LEU A 149 -4.91 27.65 -15.21
N SER A 150 -5.05 28.80 -15.86
CA SER A 150 -3.88 29.42 -16.46
C SER A 150 -2.88 29.90 -15.42
N GLY A 151 -3.31 30.08 -14.17
CA GLY A 151 -2.42 30.54 -13.13
C GLY A 151 -1.73 29.41 -12.41
N ASN A 152 -1.85 28.19 -12.96
CA ASN A 152 -1.13 27.04 -12.46
C ASN A 152 -0.46 26.23 -13.56
N ILE A 153 -0.68 26.57 -14.82
CA ILE A 153 -0.20 25.77 -15.94
C ILE A 153 0.48 26.69 -16.96
N PRO A 154 1.71 26.40 -17.36
CA PRO A 154 2.42 27.30 -18.26
C PRO A 154 1.72 27.41 -19.60
N ALA A 155 2.14 28.40 -20.39
CA ALA A 155 1.48 28.66 -21.66
C ALA A 155 1.64 27.50 -22.62
N LEU A 156 2.78 26.82 -22.58
CA LEU A 156 3.01 25.71 -23.49
C LEU A 156 1.99 24.61 -23.28
N GLU A 157 1.74 24.25 -22.02
CA GLU A 157 0.81 23.18 -21.74
C GLU A 157 -0.60 23.55 -22.20
N LEU A 158 -1.00 24.80 -22.03
CA LEU A 158 -2.34 25.16 -22.46
C LEU A 158 -2.44 25.21 -23.97
N MET A 159 -1.42 25.71 -24.66
CA MET A 159 -1.47 25.69 -26.11
C MET A 159 -1.56 24.27 -26.63
N ALA A 160 -0.80 23.36 -26.01
CA ALA A 160 -0.91 21.95 -26.35
C ALA A 160 -2.31 21.43 -26.12
N LEU A 161 -2.92 21.81 -24.99
CA LEU A 161 -4.25 21.31 -24.67
C LEU A 161 -5.28 21.83 -25.66
N TYR A 162 -5.19 23.10 -26.05
CA TYR A 162 -6.14 23.65 -27.00
C TYR A 162 -6.00 22.98 -28.35
N VAL A 163 -4.78 22.84 -28.85
CA VAL A 163 -4.61 22.17 -30.14
C VAL A 163 -5.00 20.70 -30.04
N ALA A 164 -4.85 20.08 -28.87
CA ALA A 164 -5.33 18.71 -28.73
C ALA A 164 -6.84 18.64 -28.84
N ALA A 165 -7.55 19.60 -28.24
CA ALA A 165 -9.00 19.61 -28.34
C ALA A 165 -9.45 19.90 -29.77
N ALA A 166 -8.74 20.78 -30.47
CA ALA A 166 -9.15 21.15 -31.82
C ALA A 166 -9.06 19.96 -32.76
N MET A 167 -7.99 19.17 -32.67
CA MET A 167 -7.84 17.97 -33.49
C MET A 167 -7.88 16.76 -32.57
N HIS A 168 -9.08 16.32 -32.24
CA HIS A 168 -9.22 15.16 -31.37
C HIS A 168 -10.22 14.15 -31.89
N ASP A 169 -11.03 14.51 -32.87
CA ASP A 169 -11.93 13.58 -33.53
C ASP A 169 -11.72 13.64 -35.04
N TYR A 170 -10.49 13.85 -35.47
CA TYR A 170 -10.21 14.14 -36.86
C TYR A 170 -10.51 12.94 -37.74
N ASP A 171 -11.18 13.20 -38.85
CA ASP A 171 -11.48 12.16 -39.85
C ASP A 171 -12.23 11.00 -39.22
N HIS A 172 -13.21 11.33 -38.41
CA HIS A 172 -13.96 10.30 -37.73
C HIS A 172 -14.75 9.47 -38.73
N PRO A 173 -14.63 8.15 -38.71
CA PRO A 173 -15.39 7.34 -39.67
C PRO A 173 -16.87 7.34 -39.44
N GLY A 174 -17.33 7.76 -38.27
CA GLY A 174 -18.73 7.68 -37.92
C GLY A 174 -19.12 6.45 -37.15
N ARG A 175 -18.22 5.48 -37.00
CA ARG A 175 -18.46 4.29 -36.20
C ARG A 175 -17.71 4.39 -34.89
N THR A 176 -17.96 3.43 -34.01
CA THR A 176 -17.28 3.41 -32.73
C THR A 176 -16.08 2.46 -32.78
N ASN A 177 -15.32 2.45 -31.69
CA ASN A 177 -14.19 1.53 -31.63
C ASN A 177 -14.68 0.09 -31.67
N ALA A 178 -15.70 -0.24 -30.90
CA ALA A 178 -16.16 -1.61 -30.82
C ALA A 178 -16.68 -2.11 -32.16
N PHE A 179 -17.22 -1.21 -32.98
CA PHE A 179 -17.66 -1.63 -34.32
C PHE A 179 -16.46 -1.96 -35.20
N LEU A 180 -15.46 -1.08 -35.22
CA LEU A 180 -14.27 -1.35 -36.03
C LEU A 180 -13.57 -2.62 -35.57
N VAL A 181 -13.63 -2.91 -34.27
CA VAL A 181 -13.04 -4.15 -33.77
C VAL A 181 -13.90 -5.35 -34.15
N ALA A 182 -15.21 -5.16 -34.20
CA ALA A 182 -16.09 -6.26 -34.54
C ALA A 182 -15.93 -6.69 -35.98
N THR A 183 -16.10 -5.76 -36.92
CA THR A 183 -15.96 -6.07 -38.34
C THR A 183 -14.52 -6.22 -38.77
N SER A 184 -13.56 -6.02 -37.87
CA SER A 184 -12.14 -6.12 -38.19
C SER A 184 -11.76 -5.14 -39.30
N ALA A 185 -12.09 -3.87 -39.08
CA ALA A 185 -11.81 -2.87 -40.07
C ALA A 185 -10.30 -2.66 -40.20
N PRO A 186 -9.84 -2.17 -41.35
CA PRO A 186 -8.41 -1.91 -41.51
C PRO A 186 -7.84 -0.95 -40.49
N GLN A 187 -8.61 0.02 -40.02
CA GLN A 187 -8.14 0.82 -38.90
C GLN A 187 -8.03 0.01 -37.63
N ALA A 188 -8.70 -1.14 -37.56
CA ALA A 188 -8.59 -1.99 -36.38
C ALA A 188 -7.35 -2.86 -36.45
N VAL A 189 -7.11 -3.50 -37.58
CA VAL A 189 -5.88 -4.25 -37.75
C VAL A 189 -4.67 -3.34 -37.61
N LEU A 190 -4.74 -2.15 -38.21
CA LEU A 190 -3.56 -1.29 -38.31
C LEU A 190 -3.07 -0.84 -36.95
N TYR A 191 -3.95 -0.82 -35.95
CA TYR A 191 -3.59 -0.30 -34.65
C TYR A 191 -3.75 -1.33 -33.55
N ASN A 192 -3.94 -2.59 -33.90
CA ASN A 192 -3.88 -3.68 -32.93
C ASN A 192 -5.03 -3.63 -31.94
N ASP A 193 -6.15 -3.03 -32.32
CA ASP A 193 -7.38 -3.08 -31.53
C ASP A 193 -7.20 -2.45 -30.17
N ARG A 194 -6.35 -1.43 -30.05
CA ARG A 194 -6.11 -0.78 -28.77
C ARG A 194 -6.28 0.73 -28.96
N SER A 195 -7.47 1.22 -28.65
CA SER A 195 -7.83 2.61 -28.89
C SER A 195 -7.60 2.96 -30.35
N VAL A 196 -8.37 2.31 -31.20
CA VAL A 196 -8.20 2.46 -32.64
C VAL A 196 -8.44 3.91 -33.06
N LEU A 197 -9.57 4.47 -32.64
CA LEU A 197 -9.97 5.76 -33.17
C LEU A 197 -9.05 6.88 -32.69
N GLU A 198 -8.62 6.84 -31.44
CA GLU A 198 -7.82 7.96 -30.93
C GLU A 198 -6.43 7.96 -31.56
N ASN A 199 -5.82 6.79 -31.68
CA ASN A 199 -4.58 6.68 -32.42
C ASN A 199 -4.76 7.20 -33.83
N HIS A 200 -5.88 6.86 -34.47
CA HIS A 200 -6.11 7.33 -35.82
C HIS A 200 -6.21 8.85 -35.88
N HIS A 201 -6.93 9.44 -34.93
CA HIS A 201 -7.11 10.89 -34.92
C HIS A 201 -5.76 11.59 -34.78
N ALA A 202 -5.00 11.21 -33.76
CA ALA A 202 -3.71 11.86 -33.53
C ALA A 202 -2.77 11.62 -34.71
N ALA A 203 -2.74 10.39 -35.22
CA ALA A 203 -1.84 10.07 -36.31
C ALA A 203 -2.15 10.88 -37.55
N ALA A 204 -3.42 10.86 -37.98
CA ALA A 204 -3.79 11.58 -39.20
C ALA A 204 -3.60 13.08 -39.04
N ALA A 205 -3.94 13.62 -37.88
CA ALA A 205 -3.78 15.06 -37.68
C ALA A 205 -2.33 15.46 -37.75
N TRP A 206 -1.45 14.74 -37.05
CA TRP A 206 -0.04 15.12 -37.07
C TRP A 206 0.57 14.89 -38.44
N ASN A 207 0.15 13.84 -39.14
CA ASN A 207 0.61 13.63 -40.51
C ASN A 207 0.29 14.82 -41.37
N LEU A 208 -0.98 15.23 -41.39
CA LEU A 208 -1.39 16.41 -42.14
C LEU A 208 -0.61 17.63 -41.70
N PHE A 209 -0.28 17.75 -40.42
CA PHE A 209 0.47 18.92 -39.98
C PHE A 209 1.84 18.95 -40.60
N MET A 210 2.56 17.83 -40.52
CA MET A 210 3.93 17.84 -41.01
C MET A 210 4.02 17.77 -42.52
N SER A 211 2.91 17.52 -43.21
CA SER A 211 2.95 17.39 -44.67
C SER A 211 3.46 18.64 -45.36
N ARG A 212 2.79 19.76 -45.19
CA ARG A 212 3.23 20.94 -45.91
C ARG A 212 4.19 21.76 -45.07
N PRO A 213 4.90 22.69 -45.70
CA PRO A 213 5.77 23.58 -44.93
C PRO A 213 5.05 24.79 -44.38
N GLU A 214 3.96 25.21 -45.00
CA GLU A 214 3.24 26.39 -44.57
C GLU A 214 2.33 26.12 -43.37
N TYR A 215 2.25 24.88 -42.90
CA TYR A 215 1.46 24.56 -41.72
C TYR A 215 2.21 24.78 -40.43
N ASN A 216 3.54 24.92 -40.49
CA ASN A 216 4.33 24.96 -39.27
C ASN A 216 4.09 26.28 -38.57
N PHE A 217 3.02 26.34 -37.78
CA PHE A 217 2.80 27.46 -36.88
C PHE A 217 3.54 27.29 -35.57
N LEU A 218 4.47 26.35 -35.50
CA LEU A 218 5.35 26.16 -34.36
C LEU A 218 6.78 26.40 -34.79
N ILE A 219 6.95 27.32 -35.74
CA ILE A 219 8.25 27.53 -36.36
C ILE A 219 9.23 28.14 -35.37
N ASN A 220 8.75 29.00 -34.48
CA ASN A 220 9.61 29.62 -33.48
C ASN A 220 9.58 28.87 -32.16
N LEU A 221 9.82 27.57 -32.21
CA LEU A 221 9.97 26.78 -31.00
C LEU A 221 11.37 26.17 -30.96
N ASP A 222 11.71 25.62 -29.80
CA ASP A 222 12.95 24.91 -29.60
C ASP A 222 12.73 23.44 -29.96
N HIS A 223 13.82 22.72 -30.17
CA HIS A 223 13.72 21.28 -30.36
C HIS A 223 13.02 20.63 -29.18
N VAL A 224 13.51 20.89 -27.98
CA VAL A 224 12.93 20.28 -26.78
C VAL A 224 11.51 20.79 -26.58
N GLU A 225 11.28 22.07 -26.85
CA GLU A 225 9.95 22.63 -26.71
C GLU A 225 8.96 21.91 -27.61
N PHE A 226 9.32 21.75 -28.89
CA PHE A 226 8.42 21.08 -29.81
C PHE A 226 8.23 19.63 -29.43
N LYS A 227 9.27 18.98 -28.93
CA LYS A 227 9.12 17.60 -28.49
C LYS A 227 8.11 17.50 -27.36
N HIS A 228 8.24 18.36 -26.36
CA HIS A 228 7.31 18.35 -25.24
C HIS A 228 5.90 18.66 -25.71
N PHE A 229 5.77 19.60 -26.63
CA PHE A 229 4.46 19.97 -27.15
C PHE A 229 3.79 18.80 -27.83
N ARG A 230 4.55 18.09 -28.67
CA ARG A 230 4.00 16.93 -29.37
C ARG A 230 3.59 15.86 -28.38
N PHE A 231 4.41 15.63 -27.36
CA PHE A 231 4.09 14.62 -26.36
C PHE A 231 2.78 14.96 -25.65
N LEU A 232 2.64 16.21 -25.23
CA LEU A 232 1.44 16.62 -24.51
C LEU A 232 0.21 16.54 -25.39
N VAL A 233 0.34 16.94 -26.65
CA VAL A 233 -0.81 16.90 -27.55
C VAL A 233 -1.29 15.48 -27.74
N ILE A 234 -0.36 14.56 -27.96
CA ILE A 234 -0.75 13.18 -28.22
C ILE A 234 -1.32 12.54 -26.97
N GLU A 235 -0.75 12.85 -25.81
CA GLU A 235 -1.31 12.35 -24.55
C GLU A 235 -2.73 12.85 -24.35
N ALA A 236 -2.94 14.14 -24.61
CA ALA A 236 -4.27 14.72 -24.44
C ALA A 236 -5.28 14.04 -25.34
N ILE A 237 -4.94 13.86 -26.62
CA ILE A 237 -5.89 13.23 -27.53
C ILE A 237 -6.13 11.79 -27.13
N LEU A 238 -5.11 11.10 -26.64
CA LEU A 238 -5.31 9.70 -26.25
C LEU A 238 -6.09 9.59 -24.96
N ALA A 239 -6.23 10.68 -24.22
CA ALA A 239 -6.99 10.61 -22.98
C ALA A 239 -8.48 10.47 -23.21
N THR A 240 -8.96 10.80 -24.40
CA THR A 240 -10.40 10.85 -24.64
C THR A 240 -10.96 9.52 -25.11
N ASP A 241 -10.29 8.43 -24.78
CA ASP A 241 -10.75 7.09 -25.12
C ASP A 241 -11.66 6.60 -24.01
N LEU A 242 -12.94 6.46 -24.30
CA LEU A 242 -13.94 6.15 -23.30
C LEU A 242 -13.70 4.81 -22.63
N LYS A 243 -12.93 3.90 -23.23
CA LYS A 243 -12.64 2.64 -22.54
C LYS A 243 -11.83 2.88 -21.28
N LYS A 244 -10.95 3.87 -21.28
CA LYS A 244 -10.06 4.15 -20.17
C LYS A 244 -10.67 5.18 -19.25
N HIS A 245 -11.99 5.17 -19.11
CA HIS A 245 -12.66 6.22 -18.35
C HIS A 245 -12.53 5.98 -16.86
N PHE A 246 -12.96 4.81 -16.40
CA PHE A 246 -12.95 4.54 -14.97
C PHE A 246 -11.53 4.50 -14.44
N ASP A 247 -10.56 4.12 -15.26
CA ASP A 247 -9.18 4.18 -14.84
C ASP A 247 -8.76 5.62 -14.54
N PHE A 248 -9.09 6.54 -15.44
CA PHE A 248 -8.76 7.94 -15.20
C PHE A 248 -9.48 8.47 -13.98
N VAL A 249 -10.75 8.10 -13.81
CA VAL A 249 -11.50 8.59 -12.65
C VAL A 249 -10.87 8.09 -11.36
N ALA A 250 -10.52 6.80 -11.31
CA ALA A 250 -9.93 6.26 -10.09
C ALA A 250 -8.57 6.88 -9.81
N LYS A 251 -7.78 7.13 -10.87
CA LYS A 251 -6.49 7.77 -10.66
C LYS A 251 -6.65 9.19 -10.15
N PHE A 252 -7.63 9.93 -10.68
CA PHE A 252 -7.81 11.29 -10.20
C PHE A 252 -8.42 11.32 -8.82
N ASN A 253 -9.17 10.29 -8.44
CA ASN A 253 -9.64 10.21 -7.07
C ASN A 253 -8.50 9.93 -6.10
N GLY A 254 -7.67 8.94 -6.40
CA GLY A 254 -6.58 8.62 -5.51
C GLY A 254 -5.51 9.67 -5.40
N LYS A 255 -5.50 10.65 -6.31
CA LYS A 255 -4.48 11.69 -6.31
C LYS A 255 -5.00 13.00 -5.79
N VAL A 256 -6.21 13.02 -5.24
CA VAL A 256 -6.76 14.24 -4.65
C VAL A 256 -7.35 13.90 -3.30
N ASN A 257 -7.51 12.61 -3.03
CA ASN A 257 -8.24 12.18 -1.83
C ASN A 257 -7.34 12.04 -0.62
N ASP A 258 -6.37 11.14 -0.70
CA ASP A 258 -5.53 10.83 0.44
C ASP A 258 -4.16 11.46 0.34
N ASP A 259 -3.82 12.02 -0.81
CA ASP A 259 -2.49 12.54 -1.03
C ASP A 259 -2.33 13.90 -0.40
N VAL A 260 -1.29 14.62 -0.78
CA VAL A 260 -1.08 16.00 -0.37
C VAL A 260 -1.98 16.95 -1.18
N GLY A 261 -2.82 16.40 -2.04
CA GLY A 261 -3.68 17.21 -2.87
C GLY A 261 -3.16 17.24 -4.29
N ILE A 262 -2.77 18.42 -4.74
CA ILE A 262 -2.28 18.61 -6.10
C ILE A 262 -1.05 19.49 -6.02
N ASP A 263 0.13 18.89 -6.17
CA ASP A 263 1.37 19.66 -6.24
C ASP A 263 1.58 20.09 -7.68
N TRP A 264 1.24 21.35 -7.94
CA TRP A 264 1.21 21.83 -9.31
C TRP A 264 2.60 21.92 -9.90
N THR A 265 3.64 21.93 -9.06
CA THR A 265 4.98 21.88 -9.60
C THR A 265 5.27 20.55 -10.28
N ASN A 266 4.59 19.48 -9.88
CA ASN A 266 4.70 18.20 -10.57
C ASN A 266 4.25 18.34 -12.01
N GLU A 267 4.98 17.71 -12.92
CA GLU A 267 4.49 17.65 -14.28
C GLU A 267 3.49 16.53 -14.45
N ASN A 268 3.61 15.47 -13.65
CA ASN A 268 2.61 14.41 -13.67
C ASN A 268 1.23 14.95 -13.28
N ASP A 269 1.17 15.76 -12.23
CA ASP A 269 -0.10 16.33 -11.79
C ASP A 269 -0.70 17.22 -12.87
N ARG A 270 0.11 18.09 -13.47
CA ARG A 270 -0.42 18.97 -14.51
C ARG A 270 -0.90 18.18 -15.72
N LEU A 271 -0.13 17.16 -16.11
CA LEU A 271 -0.57 16.29 -17.20
C LEU A 271 -1.89 15.62 -16.87
N LEU A 272 -2.01 15.04 -15.68
CA LEU A 272 -3.24 14.36 -15.31
C LEU A 272 -4.41 15.32 -15.25
N VAL A 273 -4.15 16.56 -14.83
CA VAL A 273 -5.23 17.53 -14.74
C VAL A 273 -5.72 17.93 -16.13
N CYS A 274 -4.79 18.16 -17.07
CA CYS A 274 -5.23 18.44 -18.43
C CYS A 274 -5.93 17.24 -19.06
N GLN A 275 -5.47 16.02 -18.77
CA GLN A 275 -6.17 14.86 -19.28
C GLN A 275 -7.59 14.79 -18.76
N MET A 276 -7.79 15.01 -17.46
CA MET A 276 -9.14 15.00 -16.93
C MET A 276 -9.96 16.14 -17.49
N CYS A 277 -9.35 17.31 -17.69
CA CYS A 277 -10.09 18.45 -18.20
C CYS A 277 -10.63 18.17 -19.60
N ILE A 278 -9.80 17.62 -20.48
CA ILE A 278 -10.31 17.35 -21.81
C ILE A 278 -11.26 16.16 -21.79
N LYS A 279 -11.08 15.22 -20.87
CA LYS A 279 -12.06 14.16 -20.69
C LYS A 279 -13.43 14.74 -20.41
N LEU A 280 -13.48 15.71 -19.50
CA LEU A 280 -14.74 16.34 -19.14
C LEU A 280 -15.27 17.20 -20.26
N ALA A 281 -14.38 17.79 -21.07
CA ALA A 281 -14.85 18.64 -22.14
C ALA A 281 -15.44 17.87 -23.29
N ASP A 282 -14.88 16.71 -23.66
CA ASP A 282 -15.42 16.01 -24.81
C ASP A 282 -16.83 15.50 -24.54
N ILE A 283 -17.13 15.13 -23.31
CA ILE A 283 -18.47 14.74 -22.92
C ILE A 283 -19.07 15.92 -22.14
N ASN A 284 -19.71 16.84 -22.87
CA ASN A 284 -20.32 17.99 -22.23
C ASN A 284 -21.67 18.33 -22.83
N GLY A 285 -22.30 17.40 -23.54
CA GLY A 285 -23.66 17.57 -23.96
C GLY A 285 -24.58 17.78 -22.78
N PRO A 286 -24.60 16.82 -21.85
CA PRO A 286 -25.47 16.98 -20.68
C PRO A 286 -24.85 17.87 -19.61
N ALA A 287 -24.35 19.03 -20.00
CA ALA A 287 -23.95 20.03 -19.02
C ALA A 287 -24.24 21.43 -19.52
N LYS A 288 -25.07 21.58 -20.55
CA LYS A 288 -25.47 22.88 -21.03
C LYS A 288 -26.97 23.07 -20.81
N CYS A 289 -27.53 24.14 -21.37
CA CYS A 289 -28.97 24.34 -21.28
C CYS A 289 -29.70 23.19 -21.98
N LYS A 290 -31.02 23.16 -21.80
CA LYS A 290 -31.77 22.01 -22.27
C LYS A 290 -31.77 21.90 -23.78
N GLU A 291 -31.89 23.02 -24.49
CA GLU A 291 -32.01 22.93 -25.94
C GLU A 291 -30.69 22.51 -26.58
N LEU A 292 -29.56 23.05 -26.09
CA LEU A 292 -28.27 22.65 -26.61
C LEU A 292 -28.05 21.16 -26.43
N HIS A 293 -28.28 20.67 -25.20
CA HIS A 293 -28.10 19.26 -24.95
C HIS A 293 -29.04 18.41 -25.79
N LEU A 294 -30.26 18.89 -26.01
CA LEU A 294 -31.18 18.14 -26.85
C LEU A 294 -30.64 18.05 -28.28
N GLN A 295 -30.02 19.12 -28.76
CA GLN A 295 -29.46 19.08 -30.11
C GLN A 295 -28.31 18.09 -30.21
N TRP A 296 -27.41 18.12 -29.22
CA TRP A 296 -26.31 17.16 -29.22
C TRP A 296 -26.82 15.74 -29.14
N THR A 297 -27.85 15.50 -28.32
CA THR A 297 -28.41 14.16 -28.23
C THR A 297 -29.03 13.74 -29.55
N ASP A 298 -29.70 14.67 -30.24
CA ASP A 298 -30.23 14.36 -31.56
C ASP A 298 -29.11 13.94 -32.50
N GLY A 299 -27.99 14.65 -32.46
CA GLY A 299 -26.86 14.27 -33.30
C GLY A 299 -26.35 12.87 -32.98
N ILE A 300 -26.15 12.59 -31.70
CA ILE A 300 -25.53 11.32 -31.34
C ILE A 300 -26.48 10.16 -31.64
N VAL A 301 -27.77 10.35 -31.46
CA VAL A 301 -28.71 9.30 -31.81
C VAL A 301 -28.73 9.09 -33.31
N ASN A 302 -28.62 10.16 -34.10
CA ASN A 302 -28.57 9.97 -35.55
C ASN A 302 -27.35 9.17 -35.95
N GLU A 303 -26.21 9.44 -35.33
CA GLU A 303 -24.99 8.74 -35.69
C GLU A 303 -25.08 7.26 -35.31
N PHE A 304 -25.60 6.97 -34.11
CA PHE A 304 -25.79 5.59 -33.72
C PHE A 304 -26.76 4.88 -34.66
N TYR A 305 -27.78 5.60 -35.14
CA TYR A 305 -28.72 4.99 -36.06
C TYR A 305 -28.05 4.65 -37.38
N GLU A 306 -27.18 5.53 -37.87
CA GLU A 306 -26.41 5.22 -39.08
C GLU A 306 -25.61 3.95 -38.88
N GLN A 307 -24.89 3.87 -37.75
CA GLN A 307 -24.04 2.70 -37.51
C GLN A 307 -24.87 1.43 -37.39
N GLY A 308 -25.99 1.49 -36.71
CA GLY A 308 -26.85 0.32 -36.62
C GLY A 308 -27.41 -0.08 -37.98
N ASP A 309 -27.73 0.91 -38.80
CA ASP A 309 -28.19 0.63 -40.15
C ASP A 309 -27.15 -0.18 -40.92
N GLU A 310 -25.89 0.26 -40.85
CA GLU A 310 -24.85 -0.51 -41.52
C GLU A 310 -24.66 -1.87 -40.87
N GLU A 311 -24.85 -1.96 -39.56
CA GLU A 311 -24.58 -3.20 -38.86
C GLU A 311 -25.60 -4.28 -39.15
N ALA A 312 -26.87 -3.90 -39.33
CA ALA A 312 -27.88 -4.89 -39.67
C ALA A 312 -27.69 -5.43 -41.08
N SER A 313 -27.04 -4.66 -41.95
CA SER A 313 -26.85 -5.09 -43.33
C SER A 313 -25.72 -6.09 -43.48
N LEU A 314 -24.73 -6.06 -42.60
CA LEU A 314 -23.62 -6.99 -42.67
C LEU A 314 -23.91 -8.31 -41.99
N GLY A 315 -25.14 -8.52 -41.51
CA GLY A 315 -25.53 -9.77 -40.89
C GLY A 315 -25.32 -9.81 -39.40
N LEU A 316 -24.70 -8.80 -38.82
CA LEU A 316 -24.39 -8.82 -37.40
C LEU A 316 -25.63 -8.50 -36.58
N PRO A 317 -25.76 -9.08 -35.39
CA PRO A 317 -26.87 -8.72 -34.51
C PRO A 317 -26.78 -7.25 -34.11
N ILE A 318 -27.90 -6.55 -34.25
CA ILE A 318 -27.91 -5.11 -34.12
C ILE A 318 -27.53 -4.72 -32.70
N SER A 319 -26.88 -3.57 -32.58
CA SER A 319 -26.32 -3.16 -31.30
C SER A 319 -27.41 -2.59 -30.39
N PRO A 320 -27.19 -2.60 -29.08
CA PRO A 320 -28.13 -1.95 -28.17
C PRO A 320 -28.16 -0.45 -28.42
N PHE A 321 -29.35 0.14 -28.29
CA PHE A 321 -29.59 1.56 -28.46
C PHE A 321 -29.44 2.03 -29.90
N MET A 322 -29.03 1.17 -30.82
CA MET A 322 -28.68 1.57 -32.18
C MET A 322 -29.69 1.03 -33.18
N ASP A 323 -30.97 1.09 -32.84
CA ASP A 323 -32.02 0.59 -33.72
C ASP A 323 -33.06 1.68 -33.85
N ARG A 324 -33.03 2.39 -34.99
CA ARG A 324 -34.01 3.45 -35.22
C ARG A 324 -35.43 2.94 -35.29
N SER A 325 -35.62 1.63 -35.48
CA SER A 325 -36.94 1.03 -35.48
C SER A 325 -37.41 0.64 -34.08
N ALA A 326 -36.56 0.77 -33.06
CA ALA A 326 -36.93 0.51 -31.67
C ALA A 326 -36.11 1.42 -30.76
N PRO A 327 -36.33 2.72 -30.81
CA PRO A 327 -35.44 3.65 -30.11
C PRO A 327 -35.63 3.59 -28.61
N GLN A 328 -34.51 3.74 -27.90
CA GLN A 328 -34.46 3.82 -26.45
C GLN A 328 -33.62 5.01 -26.04
N LEU A 329 -33.92 6.15 -26.67
CA LEU A 329 -33.10 7.34 -26.52
C LEU A 329 -32.97 7.78 -25.07
N ALA A 330 -34.09 7.89 -24.36
CA ALA A 330 -34.04 8.36 -22.99
C ALA A 330 -33.30 7.36 -22.09
N ASN A 331 -33.46 6.07 -22.35
CA ASN A 331 -32.68 5.07 -21.63
C ASN A 331 -31.19 5.37 -21.76
N LEU A 332 -30.75 5.55 -23.01
CA LEU A 332 -29.35 5.83 -23.27
C LEU A 332 -28.89 7.07 -22.54
N GLN A 333 -29.65 8.15 -22.64
CA GLN A 333 -29.16 9.40 -22.08
C GLN A 333 -29.14 9.37 -20.56
N GLU A 334 -30.13 8.75 -19.93
CA GLU A 334 -30.10 8.65 -18.48
C GLU A 334 -28.94 7.79 -18.01
N SER A 335 -28.77 6.61 -18.61
CA SER A 335 -27.67 5.75 -18.20
C SER A 335 -26.34 6.44 -18.43
N PHE A 336 -26.21 7.17 -19.54
CA PHE A 336 -24.98 7.89 -19.81
C PHE A 336 -24.71 8.93 -18.74
N ILE A 337 -25.70 9.76 -18.43
CA ILE A 337 -25.46 10.81 -17.46
C ILE A 337 -25.16 10.24 -16.09
N SER A 338 -25.76 9.10 -15.76
CA SER A 338 -25.53 8.51 -14.45
C SER A 338 -24.19 7.82 -14.34
N HIS A 339 -23.74 7.16 -15.40
CA HIS A 339 -22.55 6.33 -15.33
C HIS A 339 -21.29 7.05 -15.78
N ILE A 340 -21.34 7.87 -16.82
CA ILE A 340 -20.16 8.45 -17.42
C ILE A 340 -19.93 9.88 -16.93
N VAL A 341 -20.85 10.78 -17.22
CA VAL A 341 -20.59 12.18 -16.86
C VAL A 341 -20.77 12.43 -15.37
N GLY A 342 -21.51 11.59 -14.67
CA GLY A 342 -21.75 11.80 -13.27
C GLY A 342 -20.47 11.71 -12.46
N PRO A 343 -19.93 10.49 -12.37
CA PRO A 343 -18.71 10.31 -11.56
C PRO A 343 -17.54 11.15 -12.02
N LEU A 344 -17.45 11.45 -13.31
CA LEU A 344 -16.38 12.31 -13.77
C LEU A 344 -16.52 13.72 -13.19
N CYS A 345 -17.72 14.30 -13.29
CA CYS A 345 -17.92 15.64 -12.74
C CYS A 345 -17.77 15.62 -11.23
N ASN A 346 -18.15 14.53 -10.58
CA ASN A 346 -17.94 14.44 -9.14
C ASN A 346 -16.47 14.48 -8.80
N SER A 347 -15.66 13.67 -9.47
CA SER A 347 -14.24 13.64 -9.15
C SER A 347 -13.57 14.96 -9.52
N TYR A 348 -14.02 15.57 -10.61
CA TYR A 348 -13.47 16.86 -11.02
C TYR A 348 -13.84 17.97 -10.05
N ASP A 349 -15.01 17.89 -9.41
CA ASP A 349 -15.45 18.94 -8.51
C ASP A 349 -14.91 18.75 -7.09
N SER A 350 -14.88 17.52 -6.59
CA SER A 350 -14.39 17.25 -5.26
C SER A 350 -12.95 17.72 -5.07
N ALA A 351 -12.18 17.78 -6.16
CA ALA A 351 -10.86 18.39 -6.14
C ALA A 351 -10.92 19.90 -6.28
N GLY A 352 -12.10 20.49 -6.17
CA GLY A 352 -12.24 21.93 -6.09
C GLY A 352 -11.70 22.68 -7.29
N LEU A 353 -11.98 22.16 -8.48
CA LEU A 353 -11.53 22.79 -9.71
C LEU A 353 -12.67 23.26 -10.59
N MET A 354 -13.88 22.87 -10.32
CA MET A 354 -14.99 23.26 -11.16
C MET A 354 -15.19 24.77 -11.04
N PRO A 355 -15.42 25.48 -12.13
CA PRO A 355 -15.60 26.93 -12.04
C PRO A 355 -17.01 27.26 -11.55
N GLY A 356 -17.10 28.18 -10.60
CA GLY A 356 -18.38 28.61 -10.05
C GLY A 356 -18.29 29.94 -9.39
N LYS A 357 -19.20 30.21 -8.45
CA LYS A 357 -19.23 31.49 -7.77
C LYS A 357 -19.71 31.29 -6.35
N TRP A 358 -19.32 32.21 -5.47
CA TRP A 358 -19.78 32.14 -4.09
C TRP A 358 -21.26 32.49 -4.01
N VAL A 359 -21.79 32.44 -2.80
CA VAL A 359 -23.13 32.91 -2.49
C VAL A 359 -23.00 33.78 -1.25
N GLU A 360 -23.23 35.08 -1.39
CA GLU A 360 -23.11 35.99 -0.26
C GLU A 360 -24.27 35.85 0.72
N LYS A 402 -23.19 27.31 -0.22
CA LYS A 402 -22.20 28.37 -0.06
C LYS A 402 -21.68 28.85 -1.42
N ILE A 403 -21.56 27.91 -2.36
CA ILE A 403 -21.02 28.17 -3.68
C ILE A 403 -22.02 27.68 -4.72
N TYR A 404 -22.15 28.43 -5.80
CA TYR A 404 -23.05 28.06 -6.87
C TYR A 404 -22.26 27.67 -8.11
N CYS A 405 -22.50 26.44 -8.59
CA CYS A 405 -21.85 25.92 -9.79
C CYS A 405 -22.92 25.68 -10.84
N GLN A 406 -22.79 26.34 -11.99
CA GLN A 406 -23.78 26.21 -13.04
C GLN A 406 -23.79 24.82 -13.67
N ILE A 407 -22.62 24.21 -13.77
CA ILE A 407 -22.47 22.99 -14.54
C ILE A 407 -23.22 21.84 -13.89
N THR A 408 -22.93 21.57 -12.61
CA THR A 408 -23.60 20.45 -11.96
C THR A 408 -25.09 20.69 -11.84
N GLN A 409 -25.51 21.95 -11.73
CA GLN A 409 -26.96 22.23 -11.71
C GLN A 409 -27.60 21.83 -13.03
N HIS A 410 -26.99 22.23 -14.15
CA HIS A 410 -27.49 21.80 -15.45
C HIS A 410 -27.53 20.28 -15.53
N LEU A 411 -26.50 19.63 -15.00
CA LEU A 411 -26.44 18.18 -15.06
C LEU A 411 -27.60 17.56 -14.30
N LEU A 412 -27.87 18.05 -13.09
CA LEU A 412 -28.98 17.51 -12.30
C LEU A 412 -30.30 17.73 -13.01
N GLN A 413 -30.49 18.92 -13.60
CA GLN A 413 -31.75 19.20 -14.28
C GLN A 413 -31.97 18.23 -15.44
N ASN A 414 -30.95 18.04 -16.26
CA ASN A 414 -31.12 17.15 -17.41
C ASN A 414 -31.33 15.70 -16.96
N HIS A 415 -30.61 15.26 -15.93
CA HIS A 415 -30.81 13.90 -15.46
C HIS A 415 -32.23 13.71 -14.95
N LYS A 416 -32.77 14.70 -14.24
CA LYS A 416 -34.15 14.61 -13.80
C LYS A 416 -35.11 14.56 -14.97
N MET A 417 -34.82 15.32 -16.03
CA MET A 417 -35.70 15.31 -17.19
C MET A 417 -35.75 13.94 -17.85
N TRP A 418 -34.58 13.33 -18.04
CA TRP A 418 -34.57 12.01 -18.65
C TRP A 418 -35.20 10.97 -17.74
N LYS A 419 -35.06 11.14 -16.42
CA LYS A 419 -35.74 10.25 -15.50
C LYS A 419 -37.25 10.41 -15.59
N LYS A 420 -37.76 11.63 -15.82
CA LYS A 420 -39.19 11.84 -16.15
C LYS A 420 -39.60 11.06 -17.39
N VAL A 421 -38.82 11.17 -18.46
CA VAL A 421 -39.22 10.53 -19.71
C VAL A 421 -39.25 9.01 -19.54
N ILE A 422 -38.25 8.46 -18.85
CA ILE A 422 -38.21 7.02 -18.61
C ILE A 422 -39.41 6.58 -17.79
N GLU A 423 -39.69 7.29 -16.69
CA GLU A 423 -40.77 6.91 -15.80
C GLU A 423 -42.10 6.94 -16.54
N GLU A 424 -42.37 8.03 -17.25
CA GLU A 424 -43.63 8.15 -17.96
C GLU A 424 -43.77 7.07 -19.03
N GLU A 425 -42.70 6.79 -19.78
CA GLU A 425 -42.80 5.76 -20.80
C GLU A 425 -43.10 4.40 -20.19
N GLN A 426 -42.37 4.03 -19.13
CA GLN A 426 -42.60 2.72 -18.54
C GLN A 426 -44.00 2.64 -17.95
N ARG A 427 -44.48 3.74 -17.37
CA ARG A 427 -45.81 3.74 -16.78
C ARG A 427 -46.87 3.54 -17.86
N LEU A 428 -46.76 4.27 -18.97
CA LEU A 428 -47.73 4.12 -20.05
C LEU A 428 -47.68 2.73 -20.65
N ALA A 429 -46.48 2.17 -20.80
CA ALA A 429 -46.36 0.85 -21.40
C ALA A 429 -46.93 -0.22 -20.48
N GLY A 430 -46.68 -0.09 -19.17
CA GLY A 430 -47.26 -1.04 -18.23
C GLY A 430 -48.77 -0.92 -18.17
N ILE A 431 -49.30 0.30 -18.35
CA ILE A 431 -50.74 0.45 -18.42
C ILE A 431 -51.28 -0.26 -19.64
N GLU A 432 -50.75 0.04 -20.83
CA GLU A 432 -51.35 -0.44 -22.07
C GLU A 432 -51.18 -1.94 -22.22
N ASN A 433 -49.98 -2.43 -21.95
CA ASN A 433 -49.65 -3.83 -22.18
C ASN A 433 -49.94 -4.71 -20.98
N GLN A 434 -50.52 -4.14 -19.92
CA GLN A 434 -50.98 -4.91 -18.77
C GLN A 434 -49.82 -5.61 -18.06
N ASN B 1 -17.12 -25.32 30.93
CA ASN B 1 -16.67 -24.74 29.67
C ASN B 1 -17.61 -23.66 29.15
N ILE B 2 -17.57 -23.46 27.84
CA ILE B 2 -18.30 -22.40 27.17
C ILE B 2 -19.06 -23.03 26.00
N SER B 3 -20.38 -22.95 26.04
CA SER B 3 -21.23 -23.68 25.12
C SER B 3 -22.07 -22.71 24.29
N VAL B 4 -22.14 -22.99 22.99
CA VAL B 4 -22.92 -22.14 22.09
C VAL B 4 -24.39 -22.39 22.35
N ASP B 5 -25.07 -21.40 22.90
CA ASP B 5 -26.47 -21.57 23.30
C ASP B 5 -27.30 -21.67 22.03
N LEU B 6 -27.65 -22.89 21.64
CA LEU B 6 -28.47 -23.12 20.46
C LEU B 6 -29.95 -22.90 20.72
N GLU B 7 -30.32 -22.42 21.90
CA GLU B 7 -31.70 -22.32 22.31
C GLU B 7 -32.11 -20.86 22.53
N THR B 8 -31.61 -19.98 21.67
CA THR B 8 -31.99 -18.58 21.73
C THR B 8 -32.64 -18.17 20.43
N ASN B 9 -33.53 -17.20 20.53
CA ASN B 9 -34.19 -16.62 19.36
C ASN B 9 -33.40 -15.44 18.79
N TYR B 10 -32.13 -15.32 19.16
CA TYR B 10 -31.26 -14.30 18.61
C TYR B 10 -30.70 -14.77 17.29
N ALA B 11 -30.53 -13.84 16.35
CA ALA B 11 -29.87 -14.13 15.08
C ALA B 11 -28.36 -13.94 15.22
N GLU B 12 -27.79 -14.64 16.19
CA GLU B 12 -26.38 -14.43 16.51
C GLU B 12 -25.83 -15.65 17.21
N LEU B 13 -24.51 -15.68 17.34
CA LEU B 13 -23.86 -16.67 18.18
C LEU B 13 -24.00 -16.25 19.62
N VAL B 14 -24.58 -17.12 20.45
CA VAL B 14 -24.72 -16.88 21.88
C VAL B 14 -23.83 -17.86 22.60
N LEU B 15 -23.05 -17.37 23.54
CA LEU B 15 -22.18 -18.21 24.36
C LEU B 15 -22.63 -18.14 25.81
N ASP B 16 -22.62 -19.30 26.46
CA ASP B 16 -23.09 -19.44 27.82
C ASP B 16 -21.87 -19.69 28.69
N VAL B 17 -21.51 -18.68 29.49
CA VAL B 17 -20.33 -18.76 30.34
C VAL B 17 -20.64 -19.32 31.72
N GLY B 18 -21.81 -19.91 31.92
CA GLY B 18 -22.14 -20.45 33.22
C GLY B 18 -22.45 -19.34 34.20
N ARG B 19 -22.59 -19.66 35.49
CA ARG B 19 -22.90 -18.66 36.49
C ARG B 19 -21.74 -17.69 36.62
N VAL B 20 -22.05 -16.43 36.90
CA VAL B 20 -21.03 -15.39 36.99
C VAL B 20 -21.47 -14.35 37.98
N THR B 21 -20.68 -14.16 39.03
CA THR B 21 -20.94 -13.07 39.96
C THR B 21 -20.70 -11.75 39.26
N LEU B 22 -21.29 -10.68 39.79
CA LEU B 22 -21.11 -9.39 39.16
C LEU B 22 -21.21 -8.29 40.20
N GLY B 23 -20.69 -7.13 39.87
CA GLY B 23 -20.71 -6.00 40.77
C GLY B 23 -19.36 -5.81 41.42
N GLU B 24 -18.95 -4.54 41.56
CA GLU B 24 -17.64 -4.24 42.10
C GLU B 24 -17.50 -4.73 43.53
N ASN B 25 -18.51 -4.45 44.36
CA ASN B 25 -18.45 -4.88 45.75
C ASN B 25 -18.70 -6.37 45.88
N SER B 26 -19.48 -6.97 44.97
CA SER B 26 -19.70 -8.41 45.05
C SER B 26 -18.47 -9.18 44.58
N ARG B 27 -17.75 -8.64 43.60
CA ARG B 27 -16.50 -9.25 43.19
C ARG B 27 -15.40 -9.05 44.23
N LYS B 28 -15.30 -7.85 44.78
CA LYS B 28 -14.24 -7.54 45.74
C LYS B 28 -14.36 -8.42 46.98
N LYS B 29 -15.55 -8.49 47.55
CA LYS B 29 -15.77 -9.28 48.75
C LYS B 29 -16.04 -10.75 48.46
N MET B 30 -15.65 -11.23 47.29
CA MET B 30 -15.85 -12.63 46.96
C MET B 30 -14.78 -13.48 47.61
N LYS B 31 -15.20 -14.39 48.48
CA LYS B 31 -14.26 -15.19 49.28
C LYS B 31 -13.89 -16.49 48.58
N ASP B 32 -13.46 -16.38 47.32
CA ASP B 32 -12.91 -17.54 46.61
C ASP B 32 -12.11 -17.01 45.43
N CYS B 33 -10.80 -16.89 45.61
CA CYS B 33 -9.99 -16.25 44.60
C CYS B 33 -9.86 -17.11 43.35
N LYS B 34 -9.71 -18.43 43.54
CA LYS B 34 -9.62 -19.30 42.37
C LYS B 34 -10.90 -19.26 41.55
N LEU B 35 -12.06 -19.27 42.21
CA LEU B 35 -13.31 -19.19 41.49
C LEU B 35 -13.43 -17.88 40.72
N ARG B 36 -13.04 -16.78 41.35
CA ARG B 36 -13.13 -15.49 40.69
C ARG B 36 -12.23 -15.45 39.46
N LYS B 37 -11.00 -15.93 39.60
CA LYS B 37 -10.11 -15.98 38.45
C LYS B 37 -10.69 -16.86 37.35
N LYS B 38 -11.30 -17.98 37.73
CA LYS B 38 -11.86 -18.88 36.72
C LYS B 38 -13.01 -18.24 35.98
N GLN B 39 -13.89 -17.53 36.69
CA GLN B 39 -14.99 -16.83 36.04
C GLN B 39 -14.48 -15.75 35.10
N ASN B 40 -13.52 -14.95 35.57
CA ASN B 40 -12.95 -13.91 34.71
C ASN B 40 -12.32 -14.51 33.46
N GLU B 41 -11.63 -15.64 33.63
CA GLU B 41 -11.00 -16.28 32.48
C GLU B 41 -12.05 -16.83 31.52
N SER B 42 -13.15 -17.36 32.03
CA SER B 42 -14.18 -17.89 31.14
C SER B 42 -14.80 -16.77 30.33
N VAL B 43 -15.09 -15.64 30.98
CA VAL B 43 -15.66 -14.52 30.26
C VAL B 43 -14.68 -13.98 29.22
N SER B 44 -13.39 -13.93 29.55
CA SER B 44 -12.42 -13.42 28.59
C SER B 44 -12.25 -14.37 27.41
N ARG B 45 -12.26 -15.68 27.67
CA ARG B 45 -12.26 -16.63 26.57
C ARG B 45 -13.46 -16.42 25.66
N ALA B 46 -14.63 -16.25 26.26
CA ALA B 46 -15.83 -16.03 25.46
C ALA B 46 -15.71 -14.78 24.62
N MET B 47 -15.20 -13.70 25.20
CA MET B 47 -15.14 -12.44 24.47
C MET B 47 -14.12 -12.50 23.34
N CYS B 48 -12.98 -13.14 23.57
CA CYS B 48 -12.02 -13.28 22.47
C CYS B 48 -12.60 -14.15 21.37
N ALA B 49 -13.27 -15.25 21.73
CA ALA B 49 -13.86 -16.13 20.74
C ALA B 49 -14.91 -15.41 19.92
N LEU B 50 -15.65 -14.51 20.55
CA LEU B 50 -16.62 -13.73 19.81
C LEU B 50 -15.96 -12.74 18.89
N LEU B 51 -14.94 -12.03 19.37
CA LEU B 51 -14.30 -11.03 18.53
C LEU B 51 -13.65 -11.67 17.31
N ASN B 52 -13.11 -12.87 17.45
CA ASN B 52 -12.37 -13.44 16.34
C ASN B 52 -13.26 -13.96 15.24
N SER B 53 -14.55 -14.19 15.50
CA SER B 53 -15.43 -14.82 14.52
C SER B 53 -16.71 -14.02 14.40
N GLY B 54 -16.68 -12.96 13.61
CA GLY B 54 -17.86 -12.13 13.45
C GLY B 54 -18.30 -11.55 14.78
N GLY B 55 -19.59 -11.31 14.92
CA GLY B 55 -20.07 -10.74 16.15
C GLY B 55 -20.46 -11.82 17.12
N GLY B 56 -21.35 -11.51 18.05
CA GLY B 56 -21.81 -12.51 18.99
C GLY B 56 -22.37 -11.84 20.23
N VAL B 57 -22.87 -12.67 21.14
CA VAL B 57 -23.48 -12.19 22.37
C VAL B 57 -23.15 -13.17 23.48
N ILE B 58 -22.66 -12.66 24.59
CA ILE B 58 -22.28 -13.46 25.74
C ILE B 58 -23.40 -13.40 26.78
N LYS B 59 -23.85 -14.55 27.24
CA LYS B 59 -24.97 -14.64 28.17
C LYS B 59 -24.47 -15.26 29.46
N ALA B 60 -24.58 -14.52 30.56
CA ALA B 60 -24.05 -14.95 31.84
C ALA B 60 -25.16 -14.94 32.88
N GLU B 61 -25.36 -16.06 33.55
CA GLU B 61 -26.36 -16.12 34.61
C GLU B 61 -25.85 -15.39 35.85
N ILE B 62 -26.64 -14.43 36.33
CA ILE B 62 -26.23 -13.66 37.49
C ILE B 62 -26.19 -14.55 38.71
N GLU B 63 -25.02 -14.64 39.33
CA GLU B 63 -24.85 -15.58 40.43
C GLU B 63 -25.37 -15.03 41.75
N ASN B 64 -25.02 -13.80 42.09
CA ASN B 64 -25.59 -13.18 43.28
C ASN B 64 -27.10 -13.00 43.11
N GLU B 65 -27.81 -13.00 44.23
CA GLU B 65 -29.27 -12.97 44.19
C GLU B 65 -29.79 -11.63 43.68
N ASP B 66 -29.54 -10.56 44.43
CA ASP B 66 -30.10 -9.24 44.14
C ASP B 66 -29.03 -8.41 43.45
N TYR B 67 -29.06 -8.39 42.11
CA TYR B 67 -28.09 -7.66 41.32
C TYR B 67 -28.81 -6.66 40.44
N SER B 68 -28.25 -5.46 40.34
CA SER B 68 -28.94 -4.39 39.63
C SER B 68 -28.20 -3.90 38.39
N TYR B 69 -26.90 -3.66 38.51
CA TYR B 69 -26.05 -3.08 37.46
C TYR B 69 -26.31 -1.59 37.30
N THR B 70 -27.38 -1.08 37.87
CA THR B 70 -27.62 0.35 37.81
C THR B 70 -27.22 1.04 39.09
N LYS B 71 -26.99 0.27 40.16
CA LYS B 71 -26.29 0.76 41.33
C LYS B 71 -25.19 -0.20 41.73
N ASP B 72 -24.77 -1.08 40.83
CA ASP B 72 -23.71 -2.03 41.13
C ASP B 72 -22.58 -2.07 40.12
N GLY B 73 -22.82 -1.71 38.86
CA GLY B 73 -21.75 -1.82 37.90
C GLY B 73 -21.39 -3.26 37.61
N ILE B 74 -20.21 -3.45 37.02
CA ILE B 74 -19.77 -4.79 36.64
C ILE B 74 -18.76 -5.30 37.63
N GLY B 75 -17.61 -4.63 37.70
CA GLY B 75 -16.51 -5.09 38.50
C GLY B 75 -15.26 -4.34 38.09
N LEU B 76 -14.12 -4.89 38.50
CA LEU B 76 -12.85 -4.27 38.12
C LEU B 76 -11.87 -5.23 37.49
N ASP B 77 -11.89 -6.50 37.87
CA ASP B 77 -11.08 -7.48 37.16
C ASP B 77 -11.58 -7.66 35.74
N LEU B 78 -12.90 -7.78 35.57
CA LEU B 78 -13.45 -7.92 34.23
C LEU B 78 -13.18 -6.69 33.41
N GLU B 79 -13.25 -5.50 34.02
CA GLU B 79 -12.97 -4.28 33.28
C GLU B 79 -11.51 -4.23 32.84
N ASN B 80 -10.61 -4.71 33.70
CA ASN B 80 -9.20 -4.75 33.32
C ASN B 80 -9.00 -5.68 32.14
N SER B 81 -9.58 -6.88 32.20
CA SER B 81 -9.45 -7.81 31.09
C SER B 81 -10.01 -7.24 29.80
N PHE B 82 -11.18 -6.61 29.89
CA PHE B 82 -11.80 -6.01 28.73
C PHE B 82 -10.90 -4.95 28.12
N SER B 83 -10.45 -4.01 28.92
CA SER B 83 -9.59 -2.95 28.42
C SER B 83 -8.27 -3.47 27.91
N ASN B 84 -7.86 -4.67 28.33
CA ASN B 84 -6.63 -5.21 27.78
C ASN B 84 -6.86 -5.80 26.40
N ILE B 85 -7.92 -6.59 26.22
CA ILE B 85 -8.10 -7.26 24.94
C ILE B 85 -8.41 -6.26 23.84
N LEU B 86 -9.08 -5.16 24.17
CA LEU B 86 -9.45 -4.16 23.20
C LEU B 86 -8.67 -2.88 23.47
N LEU B 87 -8.60 -2.02 22.47
CA LEU B 87 -8.14 -0.67 22.73
C LEU B 87 -9.27 0.17 23.32
N PHE B 88 -10.39 0.25 22.60
CA PHE B 88 -11.53 1.04 23.00
C PHE B 88 -12.67 0.10 23.38
N VAL B 89 -13.20 0.28 24.58
CA VAL B 89 -14.28 -0.57 25.09
C VAL B 89 -15.64 -0.11 24.58
N PRO B 90 -15.97 1.19 24.59
CA PRO B 90 -17.29 1.59 24.08
C PRO B 90 -17.50 1.28 22.62
N GLU B 91 -16.46 1.08 21.83
CA GLU B 91 -16.63 0.80 20.42
C GLU B 91 -16.99 -0.63 20.12
N TYR B 92 -16.76 -1.53 21.03
CA TYR B 92 -16.96 -2.95 20.73
C TYR B 92 -18.00 -3.59 21.62
N LEU B 93 -18.13 -3.14 22.86
CA LEU B 93 -18.91 -3.83 23.86
C LEU B 93 -20.19 -3.07 24.20
N ASP B 94 -21.24 -3.82 24.49
CA ASP B 94 -22.45 -3.29 25.09
C ASP B 94 -22.90 -4.27 26.14
N PHE B 95 -23.23 -3.76 27.32
CA PHE B 95 -23.69 -4.59 28.42
C PHE B 95 -25.16 -4.32 28.65
N MET B 96 -25.94 -5.39 28.80
CA MET B 96 -27.37 -5.23 29.00
C MET B 96 -27.87 -6.38 29.84
N GLN B 97 -28.39 -6.07 31.02
CA GLN B 97 -28.93 -7.07 31.93
C GLN B 97 -30.39 -7.30 31.61
N ASN B 98 -30.76 -8.56 31.42
CA ASN B 98 -32.11 -8.95 31.01
C ASN B 98 -32.69 -9.78 32.14
N GLY B 99 -33.24 -9.13 33.15
CA GLY B 99 -33.75 -9.85 34.30
C GLY B 99 -32.66 -10.61 35.03
N ASN B 100 -32.69 -11.93 34.93
CA ASN B 100 -31.70 -12.77 35.59
C ASN B 100 -30.61 -13.23 34.64
N TYR B 101 -30.24 -12.40 33.66
CA TYR B 101 -29.18 -12.71 32.73
C TYR B 101 -28.46 -11.42 32.35
N PHE B 102 -27.15 -11.51 32.25
CA PHE B 102 -26.31 -10.36 31.91
C PHE B 102 -25.72 -10.61 30.54
N LEU B 103 -26.18 -9.84 29.56
CA LEU B 103 -25.80 -10.05 28.17
C LEU B 103 -24.77 -9.01 27.74
N ILE B 104 -23.71 -9.47 27.10
CA ILE B 104 -22.65 -8.63 26.58
C ILE B 104 -22.63 -8.78 25.07
N PHE B 105 -22.92 -7.71 24.36
CA PHE B 105 -22.97 -7.75 22.91
C PHE B 105 -21.61 -7.34 22.38
N VAL B 106 -21.04 -8.16 21.52
CA VAL B 106 -19.67 -7.97 21.05
C VAL B 106 -19.67 -7.70 19.56
N LYS B 107 -19.17 -6.53 19.18
CA LYS B 107 -18.92 -6.25 17.78
C LYS B 107 -17.86 -7.22 17.26
N SER B 108 -17.74 -7.30 15.95
CA SER B 108 -16.73 -8.15 15.33
C SER B 108 -15.42 -7.39 15.19
N TRP B 109 -14.31 -8.10 15.30
CA TRP B 109 -13.02 -7.45 15.17
C TRP B 109 -12.83 -6.95 13.75
N SER B 110 -12.19 -5.80 13.60
CA SER B 110 -11.99 -5.17 12.31
C SER B 110 -10.53 -4.84 12.11
N LEU B 111 -10.09 -4.87 10.86
CA LEU B 111 -8.74 -4.43 10.53
C LEU B 111 -8.61 -2.93 10.79
N ASN B 112 -7.61 -2.56 11.58
CA ASN B 112 -7.37 -1.15 11.86
C ASN B 112 -5.93 -0.80 11.52
N THR B 113 -5.48 0.38 11.93
CA THR B 113 -4.13 0.80 11.55
C THR B 113 -3.06 -0.07 12.18
N SER B 114 -3.36 -0.68 13.33
CA SER B 114 -2.37 -1.52 14.00
C SER B 114 -1.93 -2.69 13.13
N GLY B 115 -2.78 -3.17 12.24
CA GLY B 115 -2.43 -4.27 11.38
C GLY B 115 -2.88 -5.62 11.88
N LEU B 116 -3.40 -5.71 13.09
CA LEU B 116 -3.80 -7.00 13.64
C LEU B 116 -5.04 -7.51 12.93
N ARG B 117 -5.08 -8.81 12.69
CA ARG B 117 -6.24 -9.44 12.09
C ARG B 117 -7.01 -10.33 13.03
N ILE B 118 -6.44 -10.71 14.17
CA ILE B 118 -7.17 -11.44 15.20
C ILE B 118 -6.68 -10.98 16.55
N THR B 119 -7.54 -11.15 17.55
CA THR B 119 -7.23 -10.78 18.92
C THR B 119 -6.76 -11.99 19.69
N THR B 120 -5.85 -11.76 20.63
CA THR B 120 -5.26 -12.83 21.41
C THR B 120 -5.22 -12.42 22.87
N LEU B 121 -5.68 -13.32 23.74
CA LEU B 121 -5.57 -13.06 25.17
C LEU B 121 -4.12 -12.92 25.59
N SER B 122 -3.23 -13.67 24.96
CA SER B 122 -1.81 -13.63 25.26
C SER B 122 -1.06 -14.36 24.16
N SER B 123 -0.01 -13.74 23.63
CA SER B 123 0.74 -14.38 22.56
C SER B 123 1.55 -15.55 23.06
N ASN B 124 1.98 -15.51 24.33
CA ASN B 124 2.84 -16.51 24.93
C ASN B 124 4.22 -16.55 24.29
N LEU B 125 4.62 -15.48 23.63
CA LEU B 125 5.99 -15.30 23.18
C LEU B 125 6.65 -14.32 24.12
N TYR B 126 7.49 -14.81 25.01
CA TYR B 126 8.14 -13.94 25.97
C TYR B 126 9.40 -13.35 25.37
N LYS B 127 9.71 -12.13 25.77
CA LYS B 127 10.93 -11.47 25.35
C LYS B 127 11.69 -11.04 26.59
N ARG B 128 13.01 -11.04 26.48
CA ARG B 128 13.88 -10.72 27.58
C ARG B 128 14.22 -9.24 27.49
N ASP B 129 13.75 -8.48 28.47
CA ASP B 129 14.09 -7.06 28.54
C ASP B 129 15.50 -6.93 29.07
N ILE B 130 15.87 -5.74 29.56
CA ILE B 130 17.16 -5.60 30.22
C ILE B 130 17.31 -6.63 31.32
N THR B 131 16.31 -6.77 32.17
CA THR B 131 16.41 -7.65 33.32
C THR B 131 15.30 -8.67 33.45
N SER B 132 14.09 -8.35 33.02
CA SER B 132 12.92 -9.17 33.28
C SER B 132 12.39 -9.78 32.00
N ALA B 133 11.87 -11.00 32.11
CA ALA B 133 11.28 -11.70 30.98
C ALA B 133 9.81 -11.39 30.91
N LYS B 134 9.43 -10.50 29.99
CA LYS B 134 8.06 -10.08 29.81
C LYS B 134 7.46 -10.83 28.64
N VAL B 135 6.15 -10.76 28.54
CA VAL B 135 5.43 -11.40 27.45
C VAL B 135 5.13 -10.37 26.38
N MET B 136 5.33 -10.76 25.13
CA MET B 136 5.08 -9.86 24.02
C MET B 136 3.59 -9.54 23.94
N ASN B 137 3.25 -8.27 23.81
CA ASN B 137 1.87 -7.89 23.60
C ASN B 137 1.48 -8.24 22.16
N ALA B 138 0.32 -7.79 21.72
CA ALA B 138 -0.10 -8.11 20.36
C ALA B 138 0.79 -7.44 19.33
N THR B 139 1.08 -6.15 19.52
CA THR B 139 1.79 -5.40 18.50
C THR B 139 3.25 -5.83 18.41
N ALA B 140 3.90 -6.03 19.55
CA ALA B 140 5.29 -6.48 19.53
C ALA B 140 5.39 -7.86 18.92
N ALA B 141 4.44 -8.73 19.23
CA ALA B 141 4.47 -10.06 18.65
C ALA B 141 4.28 -10.01 17.14
N LEU B 142 3.38 -9.14 16.67
CA LEU B 142 3.21 -8.96 15.24
C LEU B 142 4.51 -8.53 14.58
N GLU B 143 5.12 -7.48 15.12
CA GLU B 143 6.37 -6.95 14.58
C GLU B 143 7.46 -8.01 14.56
N PHE B 144 7.62 -8.73 15.66
CA PHE B 144 8.61 -9.78 15.79
C PHE B 144 8.42 -10.84 14.71
N LEU B 145 7.21 -11.38 14.62
CA LEU B 145 6.96 -12.46 13.68
C LEU B 145 7.08 -12.00 12.23
N LYS B 146 6.69 -10.77 11.94
CA LYS B 146 6.79 -10.32 10.55
C LYS B 146 8.23 -10.06 10.15
N ASP B 147 9.03 -9.48 11.05
CA ASP B 147 10.45 -9.32 10.74
C ASP B 147 11.11 -10.67 10.50
N MET B 148 10.77 -11.66 11.31
CA MET B 148 11.32 -12.98 11.10
C MET B 148 10.87 -13.60 9.78
N LYS B 149 9.59 -13.53 9.48
CA LYS B 149 9.11 -14.10 8.22
C LYS B 149 9.73 -13.40 7.02
N LYS B 150 10.12 -12.13 7.16
CA LYS B 150 10.70 -11.42 6.03
C LYS B 150 12.03 -12.03 5.61
N THR B 151 12.96 -12.17 6.54
CA THR B 151 14.29 -12.67 6.26
C THR B 151 14.34 -14.18 6.12
N ARG B 152 13.18 -14.86 6.17
CA ARG B 152 13.09 -16.31 6.12
C ARG B 152 13.93 -16.97 7.20
N GLY B 153 14.14 -16.26 8.29
CA GLY B 153 14.90 -16.76 9.41
C GLY B 153 15.04 -15.67 10.44
N ARG B 154 16.15 -15.66 11.17
CA ARG B 154 16.41 -14.62 12.16
C ARG B 154 17.90 -14.36 12.15
N LEU B 155 18.28 -13.16 11.72
CA LEU B 155 19.66 -12.87 11.32
C LEU B 155 20.55 -12.68 12.54
N TYR B 156 21.66 -13.42 12.58
CA TYR B 156 22.68 -13.29 13.60
C TYR B 156 24.01 -13.00 12.92
N LEU B 157 25.03 -12.66 13.72
CA LEU B 157 26.35 -12.31 13.22
C LEU B 157 27.41 -13.15 13.94
N ARG B 158 27.23 -14.47 13.86
CA ARG B 158 28.11 -15.49 14.43
C ARG B 158 29.58 -15.15 14.24
N PRO B 159 30.47 -15.60 15.15
CA PRO B 159 31.74 -14.91 15.39
C PRO B 159 32.70 -14.90 14.21
N GLU B 160 32.42 -14.01 13.24
CA GLU B 160 33.34 -13.81 12.14
C GLU B 160 34.57 -13.00 12.57
N LEU B 161 34.42 -12.06 13.49
CA LEU B 161 35.56 -11.28 13.93
C LEU B 161 35.17 -10.45 15.15
N LEU B 162 36.12 -10.31 16.08
CA LEU B 162 36.06 -9.26 17.08
C LEU B 162 36.61 -7.98 16.46
N ALA B 163 35.81 -6.92 16.50
CA ALA B 163 36.21 -5.68 15.84
C ALA B 163 37.48 -5.11 16.47
N LYS B 164 38.29 -4.45 15.65
CA LYS B 164 39.52 -3.85 16.15
C LYS B 164 39.24 -2.54 16.85
N ARG B 165 38.96 -2.60 18.13
CA ARG B 165 38.64 -1.41 18.89
C ARG B 165 39.84 -0.98 19.72
N PRO B 166 39.87 0.27 20.17
CA PRO B 166 40.99 0.73 20.99
C PRO B 166 41.08 -0.06 22.29
N CYS B 167 42.27 -0.06 22.87
CA CYS B 167 42.49 -0.66 24.18
C CYS B 167 42.13 0.41 25.19
N VAL B 168 41.21 0.09 26.07
CA VAL B 168 40.80 1.00 27.14
C VAL B 168 39.90 0.22 28.09
N ASP B 169 40.04 0.51 29.39
CA ASP B 169 39.23 -0.17 30.39
C ASP B 169 37.78 0.28 30.22
N ILE B 170 36.93 -0.61 29.72
CA ILE B 170 35.54 -0.29 29.43
C ILE B 170 34.68 -1.46 29.86
N GLN B 171 33.45 -1.17 30.29
CA GLN B 171 32.57 -2.16 30.85
C GLN B 171 31.28 -2.24 30.05
N GLU B 172 30.90 -3.46 29.66
CA GLU B 172 29.71 -3.66 28.86
C GLU B 172 29.02 -4.96 29.26
N GLU B 173 27.85 -5.18 28.68
CA GLU B 173 27.07 -6.39 28.93
C GLU B 173 27.81 -7.66 28.57
N ASN B 174 28.64 -7.61 27.53
CA ASN B 174 29.39 -8.80 27.16
C ASN B 174 30.38 -9.18 28.25
N ASN B 175 30.78 -8.24 29.10
CA ASN B 175 31.54 -8.61 30.28
C ASN B 175 30.75 -9.57 31.15
N MET B 176 29.48 -9.26 31.42
CA MET B 176 28.66 -10.14 32.23
C MET B 176 28.43 -11.47 31.52
N LYS B 177 28.22 -11.42 30.21
CA LYS B 177 28.04 -12.65 29.46
C LYS B 177 29.26 -13.54 29.57
N ALA B 178 30.45 -12.96 29.47
CA ALA B 178 31.68 -13.75 29.54
C ALA B 178 31.92 -14.27 30.94
N LEU B 179 31.63 -13.46 31.96
CA LEU B 179 31.78 -13.95 33.32
C LEU B 179 30.83 -15.09 33.60
N ALA B 180 29.63 -15.03 33.03
CA ALA B 180 28.73 -16.18 33.16
C ALA B 180 29.29 -17.38 32.42
N GLY B 181 29.90 -17.14 31.26
CA GLY B 181 30.49 -18.24 30.51
C GLY B 181 31.61 -18.92 31.26
N VAL B 182 32.33 -18.18 32.09
CA VAL B 182 33.35 -18.80 32.93
C VAL B 182 32.73 -19.42 34.18
N PHE B 183 31.63 -18.87 34.67
CA PHE B 183 30.94 -19.48 35.81
C PHE B 183 30.36 -20.83 35.43
N PHE B 184 29.95 -20.98 34.18
CA PHE B 184 29.17 -22.13 33.77
C PHE B 184 30.01 -23.40 33.73
N ASP B 185 31.29 -23.26 33.37
CA ASP B 185 32.17 -24.41 33.26
C ASP B 185 32.94 -24.70 34.54
N ARG B 186 32.76 -23.89 35.57
CA ARG B 186 33.44 -24.14 36.84
C ARG B 186 33.01 -25.49 37.39
N THR B 187 33.98 -26.26 37.86
CA THR B 187 33.70 -27.62 38.29
C THR B 187 33.20 -27.69 39.74
N GLU B 188 33.39 -26.64 40.52
CA GLU B 188 32.98 -26.64 41.91
C GLU B 188 32.76 -25.22 42.35
N LEU B 189 31.93 -25.04 43.37
CA LEU B 189 31.62 -23.72 43.90
C LEU B 189 31.84 -23.70 45.40
N ASP B 190 32.58 -22.71 45.89
CA ASP B 190 32.75 -22.57 47.32
C ASP B 190 31.53 -21.91 47.94
N ARG B 191 30.95 -22.58 48.93
CA ARG B 191 29.72 -22.12 49.53
C ARG B 191 29.91 -20.75 50.18
N LYS B 192 28.89 -19.91 50.08
CA LYS B 192 28.91 -18.57 50.65
C LYS B 192 30.10 -17.76 50.14
N GLU B 193 30.22 -17.72 48.82
CA GLU B 193 31.18 -16.87 48.16
C GLU B 193 30.44 -15.77 47.41
N LYS B 194 31.17 -14.74 47.02
CA LYS B 194 30.60 -13.60 46.34
C LYS B 194 30.59 -13.84 44.84
N LEU B 195 29.78 -13.06 44.14
CA LEU B 195 29.73 -13.11 42.69
C LEU B 195 30.39 -11.87 42.10
N THR B 196 31.00 -12.05 40.93
CA THR B 196 31.62 -10.95 40.23
C THR B 196 30.68 -10.26 39.25
N PHE B 197 29.47 -10.77 39.07
CA PHE B 197 28.61 -10.30 38.01
C PHE B 197 27.16 -10.31 38.49
N THR B 198 26.34 -9.49 37.83
CA THR B 198 24.93 -9.42 38.12
C THR B 198 24.13 -9.83 36.89
N GLU B 199 22.81 -9.76 37.01
CA GLU B 199 21.92 -10.25 35.96
C GLU B 199 21.61 -9.14 34.97
N SER B 200 21.62 -9.49 33.69
CA SER B 200 21.33 -8.55 32.62
C SER B 200 20.62 -9.30 31.53
N THR B 201 20.62 -8.75 30.32
CA THR B 201 19.88 -9.34 29.22
C THR B 201 20.35 -10.74 28.85
N HIS B 202 21.48 -11.22 29.37
CA HIS B 202 21.90 -12.58 29.13
C HIS B 202 21.97 -13.41 30.41
N VAL B 203 21.76 -12.81 31.58
CA VAL B 203 21.98 -13.47 32.84
C VAL B 203 20.77 -13.31 33.74
N GLU B 204 20.30 -14.41 34.30
CA GLU B 204 19.18 -14.41 35.23
C GLU B 204 19.53 -15.26 36.43
N ILE B 205 18.99 -14.90 37.59
CA ILE B 205 19.31 -15.56 38.85
C ILE B 205 18.01 -15.76 39.65
N LYS B 206 17.87 -16.94 40.24
CA LYS B 206 16.68 -17.30 40.99
C LYS B 206 17.07 -17.89 42.33
N ASN B 207 16.29 -17.56 43.36
CA ASN B 207 16.55 -18.12 44.69
C ASN B 207 15.93 -19.50 44.86
N PHE B 208 14.61 -19.57 44.80
CA PHE B 208 13.83 -20.82 44.88
C PHE B 208 14.23 -21.65 46.10
N SER B 209 13.97 -21.08 47.28
CA SER B 209 14.27 -21.74 48.55
C SER B 209 13.11 -22.67 48.89
N THR B 210 12.86 -23.61 47.99
CA THR B 210 11.67 -24.46 48.04
C THR B 210 12.07 -25.89 48.27
N GLU B 211 11.34 -26.55 49.18
CA GLU B 211 11.64 -27.93 49.53
C GLU B 211 11.46 -28.84 48.34
N ARG B 212 10.41 -28.60 47.55
CA ARG B 212 10.19 -29.37 46.32
C ARG B 212 11.06 -28.85 45.20
N LEU B 213 10.83 -27.59 44.79
CA LEU B 213 11.58 -26.91 43.73
C LEU B 213 11.28 -27.43 42.33
N LEU B 214 10.59 -28.57 42.23
CA LEU B 214 10.29 -29.17 40.94
C LEU B 214 8.95 -28.72 40.40
N GLN B 215 7.94 -28.66 41.26
CA GLN B 215 6.68 -28.05 40.84
C GLN B 215 6.86 -26.59 40.46
N ARG B 216 7.84 -25.91 41.03
CA ARG B 216 8.12 -24.52 40.74
C ARG B 216 8.89 -24.35 39.45
N ILE B 217 9.94 -25.15 39.26
CA ILE B 217 10.70 -25.10 38.02
C ILE B 217 9.82 -25.47 36.84
N LYS B 218 8.98 -26.50 37.01
CA LYS B 218 8.13 -26.96 35.92
C LYS B 218 7.20 -25.88 35.40
N GLU B 219 6.91 -24.87 36.21
CA GLU B 219 6.02 -23.80 35.79
C GLU B 219 6.73 -22.49 35.49
N ILE B 220 7.92 -22.27 36.01
CA ILE B 220 8.62 -21.01 35.78
C ILE B 220 9.68 -21.10 34.72
N LEU B 221 10.21 -22.28 34.43
CA LEU B 221 11.32 -22.42 33.50
C LEU B 221 10.97 -22.05 32.07
N PRO B 222 9.86 -22.55 31.52
CA PRO B 222 9.59 -22.31 30.10
C PRO B 222 9.51 -20.85 29.72
N GLN B 223 8.98 -19.99 30.58
CA GLN B 223 8.92 -18.60 30.18
C GLN B 223 10.31 -17.98 30.13
N TYR B 224 11.22 -18.39 31.01
CA TYR B 224 12.58 -17.87 30.93
C TYR B 224 13.35 -18.48 29.77
N VAL B 225 13.11 -19.76 29.46
CA VAL B 225 13.70 -20.36 28.27
C VAL B 225 13.25 -19.62 27.03
N SER B 226 11.97 -19.26 26.97
CA SER B 226 11.50 -18.53 25.80
C SER B 226 12.09 -17.14 25.76
N ALA B 227 12.18 -16.48 26.92
CA ALA B 227 12.76 -15.14 26.94
C ALA B 227 14.19 -15.16 26.45
N PHE B 228 14.91 -16.23 26.75
CA PHE B 228 16.30 -16.30 26.29
C PHE B 228 16.38 -16.65 24.81
N ALA B 229 15.72 -17.72 24.40
CA ALA B 229 15.82 -18.16 23.01
C ALA B 229 15.26 -17.13 22.05
N ASN B 230 14.40 -16.24 22.53
CA ASN B 230 13.88 -15.19 21.67
C ASN B 230 14.75 -13.95 21.67
N THR B 231 15.85 -13.93 22.43
CA THR B 231 16.78 -12.82 22.33
C THR B 231 18.15 -13.22 22.87
N ASP B 232 19.07 -13.55 21.96
CA ASP B 232 20.50 -13.55 22.26
C ASP B 232 20.99 -14.70 23.13
N GLY B 233 20.10 -15.60 23.55
CA GLY B 233 20.51 -16.69 24.42
C GLY B 233 20.98 -16.21 25.77
N GLY B 234 21.27 -17.13 26.70
CA GLY B 234 21.77 -16.69 27.99
C GLY B 234 21.79 -17.81 28.99
N TYR B 235 22.03 -17.43 30.25
CA TYR B 235 22.22 -18.38 31.34
C TYR B 235 21.19 -18.13 32.43
N LEU B 236 20.81 -19.20 33.12
CA LEU B 236 19.83 -19.12 34.20
C LEU B 236 20.34 -19.94 35.38
N PHE B 237 20.70 -19.27 36.46
CA PHE B 237 21.32 -19.91 37.62
C PHE B 237 20.31 -19.97 38.76
N ILE B 238 20.29 -21.10 39.45
CA ILE B 238 19.38 -21.33 40.56
C ILE B 238 20.18 -21.83 41.75
N GLY B 239 19.89 -21.27 42.92
CA GLY B 239 20.59 -21.65 44.13
C GLY B 239 21.33 -20.48 44.73
N LEU B 240 21.13 -19.30 44.16
CA LEU B 240 21.75 -18.08 44.63
C LEU B 240 20.70 -17.28 45.37
N ASN B 241 21.14 -16.22 46.03
CA ASN B 241 20.18 -15.37 46.73
C ASN B 241 20.29 -13.95 46.21
N GLU B 242 19.40 -13.08 46.70
CA GLU B 242 19.37 -11.69 46.25
C GLU B 242 20.70 -11.00 46.45
N ASP B 243 21.39 -11.28 47.54
CA ASP B 243 22.64 -10.62 47.84
C ASP B 243 23.82 -11.25 47.13
N LYS B 244 23.57 -12.10 46.13
CA LYS B 244 24.63 -12.68 45.30
C LYS B 244 25.56 -13.57 46.12
N GLU B 245 25.04 -14.19 47.16
CA GLU B 245 25.80 -15.12 47.98
C GLU B 245 25.38 -16.52 47.60
N ILE B 246 26.29 -17.29 47.00
CA ILE B 246 25.96 -18.63 46.56
C ILE B 246 25.59 -19.49 47.75
N ILE B 247 24.37 -20.02 47.75
CA ILE B 247 23.90 -20.91 48.80
C ILE B 247 23.48 -22.26 48.21
N GLY B 248 22.81 -22.23 47.07
CA GLY B 248 22.32 -23.45 46.48
C GLY B 248 21.15 -24.01 47.24
N PHE B 249 20.57 -25.07 46.68
CA PHE B 249 19.41 -25.72 47.26
C PHE B 249 19.82 -27.11 47.76
N LYS B 250 19.30 -27.48 48.92
CA LYS B 250 19.71 -28.69 49.60
C LYS B 250 19.16 -29.92 48.90
N ALA B 251 19.86 -30.40 47.88
CA ALA B 251 19.41 -31.55 47.11
C ALA B 251 20.42 -32.69 47.27
N GLU B 252 19.90 -33.88 47.52
CA GLU B 252 20.71 -35.09 47.59
C GLU B 252 20.75 -35.77 46.23
N MET B 253 21.70 -36.69 46.09
CA MET B 253 21.79 -37.46 44.87
C MET B 253 20.54 -38.33 44.72
N SER B 254 20.35 -38.84 43.50
CA SER B 254 19.18 -39.57 43.03
C SER B 254 18.02 -38.63 42.70
N ASP B 255 18.13 -37.34 43.00
CA ASP B 255 17.12 -36.38 42.55
C ASP B 255 17.61 -35.49 41.44
N LEU B 256 18.93 -35.29 41.32
CA LEU B 256 19.43 -34.42 40.26
C LEU B 256 19.13 -35.00 38.88
N ASP B 257 19.21 -36.32 38.75
CA ASP B 257 18.82 -36.96 37.50
C ASP B 257 17.34 -36.74 37.22
N ASP B 258 16.50 -36.85 38.26
CA ASP B 258 15.08 -36.62 38.08
C ASP B 258 14.81 -35.18 37.65
N LEU B 259 15.48 -34.22 38.30
CA LEU B 259 15.31 -32.83 37.96
C LEU B 259 15.74 -32.56 36.52
N GLU B 260 16.88 -33.12 36.11
CA GLU B 260 17.32 -32.97 34.73
C GLU B 260 16.32 -33.59 33.76
N ARG B 261 15.76 -34.73 34.13
CA ARG B 261 14.78 -35.37 33.27
C ARG B 261 13.54 -34.49 33.11
N GLU B 262 13.06 -33.92 34.22
CA GLU B 262 11.90 -33.05 34.14
C GLU B 262 12.21 -31.80 33.32
N ILE B 263 13.43 -31.29 33.45
CA ILE B 263 13.80 -30.11 32.68
C ILE B 263 13.82 -30.41 31.19
N GLU B 264 14.41 -31.55 30.82
CA GLU B 264 14.44 -31.90 29.41
C GLU B 264 13.05 -32.12 28.87
N LYS B 265 12.19 -32.79 29.63
CA LYS B 265 10.80 -32.96 29.24
C LYS B 265 10.13 -31.62 29.02
N SER B 266 10.27 -30.71 30.00
CA SER B 266 9.62 -29.41 29.92
C SER B 266 10.09 -28.62 28.72
N ILE B 267 11.38 -28.62 28.44
CA ILE B 267 11.87 -27.81 27.33
C ILE B 267 11.55 -28.47 26.00
N ARG B 268 11.38 -29.79 25.97
CA ARG B 268 10.94 -30.41 24.74
C ARG B 268 9.45 -30.27 24.50
N LYS B 269 8.66 -30.00 25.54
CA LYS B 269 7.24 -29.77 25.34
C LYS B 269 6.93 -28.39 24.79
N MET B 270 7.84 -27.44 24.95
CA MET B 270 7.57 -26.07 24.54
C MET B 270 7.46 -25.98 23.01
N PRO B 271 6.39 -25.39 22.50
CA PRO B 271 6.20 -25.32 21.05
C PRO B 271 7.25 -24.44 20.39
N VAL B 272 7.32 -24.53 19.07
CA VAL B 272 8.26 -23.75 18.28
C VAL B 272 7.78 -23.76 16.82
N HIS B 273 8.10 -22.66 16.12
CA HIS B 273 7.64 -22.50 14.75
C HIS B 273 8.76 -21.88 13.92
N HIS B 274 9.18 -22.59 12.87
CA HIS B 274 10.34 -22.20 12.09
C HIS B 274 9.93 -21.48 10.81
N PHE B 275 10.69 -20.45 10.46
CA PHE B 275 10.61 -19.83 9.14
C PHE B 275 11.86 -20.07 8.32
N CYS B 276 12.72 -20.99 8.74
CA CYS B 276 13.98 -21.27 8.08
C CYS B 276 13.87 -22.60 7.32
N MET B 277 14.90 -22.90 6.53
CA MET B 277 14.87 -24.10 5.70
C MET B 277 14.90 -25.35 6.57
N GLU B 278 16.00 -25.55 7.29
CA GLU B 278 16.10 -26.63 8.26
C GLU B 278 15.14 -26.36 9.40
N LYS B 279 15.03 -27.34 10.30
CA LYS B 279 14.18 -27.19 11.47
C LYS B 279 14.96 -27.75 12.65
N LYS B 280 15.70 -26.89 13.32
CA LYS B 280 16.50 -27.33 14.45
C LYS B 280 15.60 -27.64 15.64
N LYS B 281 16.22 -27.95 16.77
CA LYS B 281 15.56 -28.01 18.04
C LYS B 281 16.15 -26.93 18.93
N ILE B 282 15.61 -26.79 20.13
CA ILE B 282 16.12 -25.78 21.04
C ILE B 282 17.42 -26.29 21.62
N ASN B 283 18.54 -25.79 21.12
CA ASN B 283 19.83 -26.22 21.63
C ASN B 283 20.07 -25.60 22.99
N TYR B 284 20.29 -26.44 23.98
CA TYR B 284 20.48 -26.00 25.36
C TYR B 284 21.35 -27.03 26.07
N SER B 285 21.60 -26.80 27.35
CA SER B 285 22.35 -27.76 28.14
C SER B 285 22.29 -27.41 29.61
N CYS B 286 22.05 -28.40 30.46
CA CYS B 286 22.01 -28.19 31.89
C CYS B 286 23.34 -28.60 32.51
N LYS B 287 23.46 -28.38 33.81
CA LYS B 287 24.66 -28.75 34.55
C LYS B 287 24.41 -28.48 36.02
N PHE B 288 25.13 -29.21 36.87
CA PHE B 288 25.03 -29.03 38.31
C PHE B 288 26.42 -28.85 38.89
N LEU B 289 26.50 -28.07 39.96
CA LEU B 289 27.78 -27.72 40.57
C LEU B 289 27.68 -27.88 42.08
N GLY B 290 28.74 -28.41 42.68
CA GLY B 290 28.76 -28.56 44.12
C GLY B 290 29.10 -27.25 44.82
N VAL B 291 28.65 -27.14 46.06
CA VAL B 291 28.80 -25.91 46.83
C VAL B 291 29.58 -26.21 48.10
N TYR B 292 30.54 -27.13 48.00
CA TYR B 292 31.31 -27.64 49.14
C TYR B 292 31.80 -26.53 50.06
N ASP B 293 31.30 -26.53 51.29
CA ASP B 293 31.65 -25.49 52.26
C ASP B 293 33.12 -25.55 52.62
N LYS B 294 33.55 -26.60 53.31
CA LYS B 294 34.99 -26.69 53.59
C LYS B 294 35.57 -28.04 53.25
N GLY B 295 34.84 -29.12 53.50
CA GLY B 295 35.26 -30.43 53.02
C GLY B 295 34.08 -31.29 52.63
N SER B 296 32.88 -30.74 52.77
CA SER B 296 31.65 -31.49 52.60
C SER B 296 30.71 -30.76 51.65
N LEU B 297 29.82 -31.53 51.03
CA LEU B 297 28.87 -31.00 50.06
C LEU B 297 27.64 -30.47 50.79
N CYS B 298 27.41 -29.17 50.70
CA CYS B 298 26.20 -28.59 51.28
C CYS B 298 25.00 -28.73 50.37
N GLY B 299 25.22 -28.73 49.07
CA GLY B 299 24.14 -28.80 48.11
C GLY B 299 24.62 -28.59 46.68
N TYR B 300 23.73 -28.15 45.80
CA TYR B 300 24.05 -28.01 44.40
C TYR B 300 23.53 -26.67 43.92
N VAL B 301 23.90 -26.33 42.68
CA VAL B 301 23.39 -25.15 42.00
C VAL B 301 23.21 -25.50 40.54
N CYS B 302 21.96 -25.65 40.11
CA CYS B 302 21.66 -26.07 38.75
C CYS B 302 21.83 -24.90 37.79
N ALA B 303 22.74 -25.04 36.85
CA ALA B 303 23.05 -23.99 35.89
C ALA B 303 22.59 -24.44 34.51
N LEU B 304 21.79 -23.62 33.86
CA LEU B 304 21.22 -23.94 32.56
C LEU B 304 21.65 -22.89 31.56
N ARG B 305 22.14 -23.34 30.41
CA ARG B 305 22.58 -22.45 29.35
C ARG B 305 21.68 -22.67 28.15
N VAL B 306 21.09 -21.58 27.65
CA VAL B 306 20.18 -21.62 26.52
C VAL B 306 20.78 -20.81 25.39
N GLU B 307 20.80 -21.38 24.21
CA GLU B 307 21.41 -20.73 23.06
C GLU B 307 20.34 -20.04 22.23
N ARG B 308 20.73 -18.93 21.60
CA ARG B 308 19.79 -18.15 20.82
C ARG B 308 19.23 -18.99 19.68
N PHE B 309 17.94 -18.83 19.42
CA PHE B 309 17.21 -19.66 18.47
C PHE B 309 17.00 -18.93 17.15
N CYS B 310 16.74 -19.72 16.11
CA CYS B 310 16.60 -19.20 14.76
C CYS B 310 15.19 -18.78 14.40
N CYS B 311 14.19 -19.30 15.09
CA CYS B 311 12.81 -18.86 14.87
C CYS B 311 12.15 -18.72 16.24
N ALA B 312 10.83 -18.56 16.26
CA ALA B 312 10.16 -18.18 17.49
C ALA B 312 9.97 -19.37 18.42
N VAL B 313 9.95 -19.09 19.72
CA VAL B 313 9.80 -20.11 20.75
C VAL B 313 8.72 -19.68 21.73
N PHE B 314 7.68 -20.49 21.85
CA PHE B 314 6.55 -20.21 22.71
C PHE B 314 6.72 -20.88 24.06
N ALA B 315 6.08 -20.31 25.08
CA ALA B 315 5.98 -21.02 26.34
C ALA B 315 4.83 -22.01 26.34
N LYS B 316 3.72 -21.64 25.70
CA LYS B 316 2.60 -22.53 25.47
C LYS B 316 1.99 -22.11 24.15
N GLU B 317 0.93 -22.79 23.73
CA GLU B 317 0.26 -22.38 22.52
C GLU B 317 -0.28 -20.98 22.68
N PRO B 318 -0.37 -20.23 21.59
CA PRO B 318 -0.88 -18.85 21.68
C PRO B 318 -2.31 -18.85 22.19
N ASP B 319 -2.62 -17.88 23.03
CA ASP B 319 -3.92 -17.82 23.68
C ASP B 319 -4.90 -17.06 22.81
N SER B 320 -5.35 -17.74 21.76
CA SER B 320 -6.30 -17.19 20.81
C SER B 320 -7.37 -18.20 20.50
N TRP B 321 -8.62 -17.77 20.58
CA TRP B 321 -9.77 -18.67 20.47
C TRP B 321 -10.62 -18.32 19.25
N HIS B 322 -11.57 -19.19 18.97
CA HIS B 322 -12.54 -18.95 17.93
C HIS B 322 -13.54 -20.10 17.98
N VAL B 323 -14.78 -19.80 17.61
CA VAL B 323 -15.83 -20.80 17.51
C VAL B 323 -15.93 -21.24 16.06
N LYS B 324 -15.63 -22.52 15.81
CA LYS B 324 -15.58 -23.01 14.45
C LYS B 324 -16.98 -23.31 13.92
N ASP B 325 -17.63 -24.31 14.49
CA ASP B 325 -19.03 -24.59 14.21
C ASP B 325 -19.86 -24.57 15.48
N ASN B 326 -19.48 -25.34 16.48
CA ASN B 326 -19.89 -25.17 17.85
C ASN B 326 -18.71 -25.55 18.70
N ARG B 327 -18.88 -25.48 20.02
CA ARG B 327 -17.83 -25.90 20.94
C ARG B 327 -16.55 -25.09 20.68
N VAL B 328 -16.63 -23.81 21.03
CA VAL B 328 -15.58 -22.82 20.81
C VAL B 328 -14.19 -23.37 21.11
N MET B 329 -13.31 -23.31 20.13
CA MET B 329 -12.01 -23.96 20.19
C MET B 329 -10.91 -22.92 20.27
N GLN B 330 -9.68 -23.41 20.39
CA GLN B 330 -8.51 -22.56 20.43
C GLN B 330 -7.80 -22.67 19.10
N LEU B 331 -7.37 -21.53 18.56
CA LEU B 331 -6.66 -21.53 17.29
C LEU B 331 -5.37 -22.33 17.42
N THR B 332 -5.15 -23.23 16.47
CA THR B 332 -3.88 -23.94 16.46
C THR B 332 -2.74 -22.96 16.21
N ARG B 333 -1.53 -23.42 16.48
CA ARG B 333 -0.36 -22.56 16.31
C ARG B 333 -0.20 -22.13 14.86
N LYS B 334 -0.37 -23.06 13.93
CA LYS B 334 -0.15 -22.74 12.52
C LYS B 334 -1.15 -21.70 12.02
N GLU B 335 -2.43 -21.88 12.36
CA GLU B 335 -3.44 -20.90 11.99
C GLU B 335 -3.17 -19.55 12.61
N TRP B 336 -2.75 -19.54 13.88
CA TRP B 336 -2.45 -18.29 14.56
C TRP B 336 -1.36 -17.52 13.84
N ILE B 337 -0.27 -18.21 13.50
CA ILE B 337 0.81 -17.49 12.84
C ILE B 337 0.44 -17.14 11.41
N GLN B 338 -0.47 -17.89 10.79
CA GLN B 338 -0.90 -17.44 9.46
C GLN B 338 -1.76 -16.19 9.56
N PHE B 339 -2.50 -16.03 10.66
CA PHE B 339 -3.27 -14.80 10.83
C PHE B 339 -2.36 -13.65 11.23
N MET B 340 -1.24 -13.95 11.86
CA MET B 340 -0.34 -12.88 12.26
C MET B 340 0.65 -12.49 11.18
N VAL B 341 0.93 -13.34 10.22
CA VAL B 341 1.99 -13.10 9.24
C VAL B 341 1.43 -12.68 7.88
N GLU B 342 0.42 -13.39 7.38
CA GLU B 342 -0.08 -13.08 6.06
C GLU B 342 -0.86 -11.77 6.06
N ALA B 343 -1.02 -11.21 4.87
CA ALA B 343 -1.82 -10.02 4.62
C ALA B 343 -3.17 -10.46 4.06
N GLU B 344 -4.15 -9.45 3.85
CA GLU B 344 -5.37 -9.72 3.05
C GLU B 344 -5.12 -9.45 1.57
N PRO B 345 -5.88 -10.12 0.70
CA PRO B 345 -5.65 -10.00 -0.74
C PRO B 345 -5.85 -8.59 -1.28
N LYS B 346 -7.04 -8.04 -1.11
CA LYS B 346 -7.32 -6.63 -1.41
C LYS B 346 -6.97 -6.27 -2.86
N PHE B 347 -7.70 -6.91 -3.77
CA PHE B 347 -7.45 -6.71 -5.19
C PHE B 347 -7.89 -5.32 -5.64
N SER B 348 -9.20 -5.03 -5.58
CA SER B 348 -9.74 -3.69 -5.81
C SER B 348 -9.38 -3.16 -7.20
N SER B 349 -9.98 -3.79 -8.21
CA SER B 349 -9.87 -3.29 -9.58
C SER B 349 -10.37 -1.84 -9.67
N ALA B 350 -10.10 -1.21 -10.82
CA ALA B 350 -10.41 0.21 -10.99
C ALA B 350 -11.91 0.46 -10.97
N TYR B 351 -12.67 -0.42 -11.60
CA TYR B 351 -14.13 -0.29 -11.58
C TYR B 351 -14.65 -0.37 -10.16
N GLU B 352 -14.16 -1.33 -9.38
CA GLU B 352 -14.57 -1.41 -7.99
C GLU B 352 -14.07 -0.21 -7.20
N GLU B 353 -12.89 0.29 -7.54
CA GLU B 353 -12.40 1.46 -6.83
C GLU B 353 -13.35 2.63 -6.98
N VAL B 354 -13.84 2.88 -8.20
CA VAL B 354 -14.75 4.01 -8.37
C VAL B 354 -16.12 3.69 -7.78
N ILE B 355 -16.58 2.44 -7.90
CA ILE B 355 -17.87 2.06 -7.32
C ILE B 355 -17.89 2.24 -5.81
N SER B 356 -16.77 2.02 -5.16
CA SER B 356 -16.70 2.32 -3.73
C SER B 356 -16.50 3.79 -3.48
N GLN B 357 -15.49 4.41 -4.10
CA GLN B 357 -15.12 5.79 -3.85
C GLN B 357 -16.21 6.78 -4.26
N ILE B 358 -17.30 6.31 -4.87
CA ILE B 358 -18.54 7.06 -4.85
C ILE B 358 -19.02 7.31 -3.42
N ASN B 359 -18.56 6.49 -2.46
CA ASN B 359 -18.99 6.57 -1.09
C ASN B 359 -18.17 7.51 -0.22
N THR B 360 -17.60 8.57 -0.79
CA THR B 360 -16.86 9.51 0.04
C THR B 360 -17.80 10.41 0.83
N SER B 361 -18.75 11.06 0.14
CA SER B 361 -19.87 11.76 0.77
C SER B 361 -19.40 12.83 1.76
N LEU B 362 -18.70 13.82 1.23
CA LEU B 362 -18.30 14.98 2.01
C LEU B 362 -19.53 15.78 2.39
N PRO B 363 -19.38 16.87 3.14
CA PRO B 363 -20.55 17.72 3.43
C PRO B 363 -21.05 18.42 2.17
N ALA B 364 -21.64 17.65 1.25
CA ALA B 364 -22.08 18.10 -0.06
C ALA B 364 -22.92 17.00 -0.68
N PRO B 365 -23.69 17.30 -1.74
CA PRO B 365 -24.71 16.34 -2.20
C PRO B 365 -24.11 15.03 -2.69
N HIS B 366 -23.19 15.13 -3.64
CA HIS B 366 -22.50 13.98 -4.20
C HIS B 366 -23.52 12.96 -4.70
N SER B 367 -24.26 13.37 -5.73
CA SER B 367 -25.27 12.50 -6.29
C SER B 367 -24.58 11.43 -7.12
N TRP B 368 -25.36 10.66 -7.85
CA TRP B 368 -24.83 9.64 -8.74
C TRP B 368 -24.12 8.53 -7.96
N PRO B 369 -24.86 7.72 -7.22
CA PRO B 369 -24.30 6.49 -6.67
C PRO B 369 -24.57 5.32 -7.60
N LEU B 370 -23.52 4.54 -7.86
CA LEU B 370 -23.64 3.47 -8.84
C LEU B 370 -24.22 2.17 -8.28
N LEU B 371 -24.13 1.94 -6.97
CA LEU B 371 -24.67 0.73 -6.39
C LEU B 371 -26.15 0.84 -6.08
N GLU B 372 -26.84 1.82 -6.66
CA GLU B 372 -28.26 2.06 -6.39
C GLU B 372 -28.98 2.36 -7.70
N TRP B 373 -28.73 1.57 -8.73
CA TRP B 373 -29.22 1.84 -10.07
C TRP B 373 -30.19 0.77 -10.50
N GLN B 374 -31.02 1.09 -11.50
CA GLN B 374 -32.01 0.13 -11.98
C GLN B 374 -32.55 0.59 -13.33
N ARG B 375 -32.82 -0.39 -14.20
CA ARG B 375 -33.51 -0.09 -15.46
C ARG B 375 -35.01 0.12 -15.21
N GLN B 376 -35.69 -0.92 -14.76
CA GLN B 376 -37.13 -0.87 -14.57
C GLN B 376 -37.46 0.03 -13.40
N ARG B 377 -37.87 1.27 -13.70
CA ARG B 377 -38.17 2.26 -12.67
C ARG B 377 -39.66 2.41 -12.43
N HIS B 378 -40.42 1.32 -12.53
CA HIS B 378 -41.86 1.37 -12.26
C HIS B 378 -42.27 0.09 -11.54
N HIS B 379 -42.21 0.14 -10.21
CA HIS B 379 -42.76 -0.91 -9.37
C HIS B 379 -43.72 -0.29 -8.37
N CYS B 380 -44.66 -1.08 -7.91
CA CYS B 380 -45.48 -0.68 -6.78
C CYS B 380 -46.25 0.60 -7.08
N PRO B 381 -47.34 0.51 -7.88
CA PRO B 381 -47.96 1.67 -8.55
C PRO B 381 -48.05 2.97 -7.77
N GLY B 382 -48.61 2.93 -6.57
CA GLY B 382 -48.66 4.16 -5.80
C GLY B 382 -47.40 4.30 -4.98
N LEU B 383 -46.42 5.02 -5.53
CA LEU B 383 -45.14 5.22 -4.87
C LEU B 383 -44.29 6.11 -5.77
N SER B 384 -43.12 6.49 -5.27
CA SER B 384 -42.12 7.20 -6.04
C SER B 384 -41.01 6.23 -6.46
N GLY B 385 -39.98 6.75 -7.11
CA GLY B 385 -38.83 5.93 -7.47
C GLY B 385 -37.80 5.89 -6.36
N ARG B 386 -38.15 5.26 -5.24
CA ARG B 386 -37.35 5.33 -4.04
C ARG B 386 -36.95 3.97 -3.49
N ILE B 387 -37.05 2.91 -4.29
CA ILE B 387 -36.73 1.55 -3.88
C ILE B 387 -36.22 0.82 -5.10
N THR B 388 -35.00 0.30 -5.03
CA THR B 388 -34.37 -0.37 -6.16
C THR B 388 -34.49 -1.87 -5.98
N TYR B 389 -35.47 -2.48 -6.65
CA TYR B 389 -35.64 -3.93 -6.67
C TYR B 389 -34.58 -4.48 -7.60
N THR B 390 -33.54 -5.04 -7.04
CA THR B 390 -32.27 -5.09 -7.75
C THR B 390 -32.12 -6.17 -8.81
N PRO B 391 -32.39 -7.44 -8.52
CA PRO B 391 -32.13 -8.47 -9.55
C PRO B 391 -32.87 -8.24 -10.85
N GLU B 392 -34.08 -7.68 -10.81
CA GLU B 392 -34.76 -7.12 -11.97
C GLU B 392 -35.26 -8.15 -12.99
N ASN B 393 -34.85 -9.36 -12.84
CA ASN B 393 -35.39 -10.45 -13.61
C ASN B 393 -35.93 -11.54 -12.70
N LEU B 394 -35.21 -11.84 -11.63
CA LEU B 394 -35.78 -12.70 -10.60
C LEU B 394 -36.97 -12.03 -9.94
N CYS B 395 -36.88 -10.72 -9.69
CA CYS B 395 -38.00 -10.01 -9.09
C CYS B 395 -39.19 -9.93 -10.03
N ARG B 396 -38.94 -9.67 -11.32
CA ARG B 396 -40.03 -9.60 -12.28
C ARG B 396 -40.74 -10.94 -12.38
N LYS B 397 -39.98 -12.02 -12.55
CA LYS B 397 -40.60 -13.34 -12.65
C LYS B 397 -41.33 -13.70 -11.38
N LEU B 398 -40.73 -13.41 -10.22
CA LEU B 398 -41.40 -13.72 -8.96
C LEU B 398 -42.65 -12.88 -8.77
N PHE B 399 -42.73 -11.74 -9.45
CA PHE B 399 -43.94 -10.95 -9.35
C PHE B 399 -44.99 -11.44 -10.34
N LEU B 400 -44.57 -12.05 -11.44
CA LEU B 400 -45.51 -12.57 -12.43
C LEU B 400 -46.38 -13.64 -11.80
N GLN B 401 -45.78 -14.77 -11.43
CA GLN B 401 -46.49 -15.73 -10.60
C GLN B 401 -46.54 -15.20 -9.17
N HIS B 402 -47.29 -15.87 -8.32
CA HIS B 402 -47.36 -15.53 -6.91
C HIS B 402 -47.89 -14.10 -6.75
N GLU B 403 -49.10 -13.92 -7.26
CA GLU B 403 -49.69 -12.59 -7.42
C GLU B 403 -49.75 -11.82 -6.11
N GLY B 404 -50.03 -12.49 -5.00
CA GLY B 404 -50.06 -11.80 -3.73
C GLY B 404 -48.72 -11.27 -3.29
N LEU B 405 -47.63 -11.75 -3.89
CA LEU B 405 -46.29 -11.34 -3.48
C LEU B 405 -46.06 -9.86 -3.73
N LYS B 406 -46.45 -9.37 -4.91
CA LYS B 406 -46.20 -7.98 -5.24
C LYS B 406 -47.00 -7.06 -4.34
N GLN B 407 -48.25 -7.43 -4.05
CA GLN B 407 -49.05 -6.63 -3.15
C GLN B 407 -48.49 -6.64 -1.74
N LEU B 408 -47.99 -7.79 -1.29
CA LEU B 408 -47.40 -7.87 0.03
C LEU B 408 -46.15 -7.01 0.11
N ILE B 409 -45.33 -7.02 -0.95
CA ILE B 409 -44.11 -6.21 -0.96
C ILE B 409 -44.46 -4.74 -0.97
N CYS B 410 -45.49 -4.34 -1.70
CA CYS B 410 -45.94 -2.96 -1.61
C CYS B 410 -46.41 -2.58 -0.22
N GLU B 411 -47.25 -3.40 0.40
CA GLU B 411 -47.74 -3.07 1.72
C GLU B 411 -46.64 -3.14 2.77
N GLU B 412 -45.52 -3.78 2.44
CA GLU B 412 -44.38 -3.76 3.36
C GLU B 412 -43.51 -2.53 3.14
N MET B 413 -43.25 -2.16 1.89
CA MET B 413 -42.31 -1.12 1.54
C MET B 413 -42.89 0.27 1.67
N SER B 414 -43.99 0.44 2.40
CA SER B 414 -44.62 1.75 2.47
C SER B 414 -43.85 2.70 3.38
N SER B 415 -43.44 2.21 4.55
CA SER B 415 -42.78 3.05 5.55
C SER B 415 -41.27 2.95 5.45
N VAL B 416 -40.71 3.43 4.34
CA VAL B 416 -39.28 3.45 4.13
C VAL B 416 -38.92 4.66 3.28
N ARG B 417 -38.08 5.54 3.81
CA ARG B 417 -37.67 6.71 3.06
C ARG B 417 -36.94 6.32 1.78
N LYS B 418 -35.91 5.49 1.91
CA LYS B 418 -35.11 5.07 0.76
C LYS B 418 -34.37 3.81 1.14
N GLY B 419 -34.51 2.77 0.34
CA GLY B 419 -33.87 1.52 0.62
C GLY B 419 -33.64 0.74 -0.67
N SER B 420 -33.20 -0.49 -0.55
CA SER B 420 -33.02 -1.30 -1.75
C SER B 420 -33.07 -2.77 -1.43
N LEU B 421 -34.18 -3.44 -1.64
CA LEU B 421 -34.25 -4.84 -1.31
C LEU B 421 -33.74 -5.67 -2.47
N ILE B 422 -33.19 -6.83 -2.16
CA ILE B 422 -32.45 -7.66 -3.09
C ILE B 422 -33.01 -9.06 -2.98
N PHE B 423 -33.71 -9.52 -4.00
CA PHE B 423 -34.31 -10.84 -3.95
C PHE B 423 -33.25 -11.92 -4.17
N SER B 424 -33.70 -13.17 -4.16
CA SER B 424 -32.83 -14.28 -4.47
C SER B 424 -33.66 -15.55 -4.49
N ARG B 425 -33.24 -16.49 -5.35
CA ARG B 425 -33.86 -17.80 -5.33
C ARG B 425 -33.67 -18.47 -3.97
N SER B 426 -32.52 -18.25 -3.35
CA SER B 426 -32.31 -18.65 -1.96
C SER B 426 -31.04 -18.01 -1.45
N TRP B 427 -31.15 -17.25 -0.36
CA TRP B 427 -29.97 -16.58 0.17
C TRP B 427 -29.04 -17.53 0.90
N SER B 428 -29.54 -18.66 1.38
CA SER B 428 -28.71 -19.62 2.09
C SER B 428 -27.61 -20.16 1.19
N VAL B 429 -27.93 -20.42 -0.07
CA VAL B 429 -26.93 -20.95 -0.97
C VAL B 429 -26.02 -19.86 -1.48
N ASP B 430 -26.47 -18.60 -1.42
CA ASP B 430 -25.59 -17.51 -1.81
C ASP B 430 -24.56 -17.19 -0.74
N LEU B 431 -24.72 -17.77 0.46
CA LEU B 431 -23.76 -17.61 1.53
C LEU B 431 -23.01 -18.90 1.81
N GLY B 432 -23.09 -19.87 0.91
CA GLY B 432 -22.45 -21.15 1.13
C GLY B 432 -23.08 -21.90 2.28
N LEU B 433 -24.33 -22.32 2.13
CA LEU B 433 -25.06 -22.98 3.18
C LEU B 433 -25.98 -24.02 2.57
N GLN B 434 -26.60 -24.83 3.41
CA GLN B 434 -27.52 -25.85 2.95
C GLN B 434 -28.86 -25.24 2.62
N GLU B 435 -29.29 -25.43 1.37
CA GLU B 435 -30.61 -25.02 0.92
C GLU B 435 -31.65 -26.04 1.36
N ASN B 436 -32.82 -25.55 1.72
CA ASN B 436 -34.00 -26.39 1.88
C ASN B 436 -35.05 -25.97 0.87
N HIS B 437 -35.57 -26.95 0.14
CA HIS B 437 -36.37 -26.66 -1.05
C HIS B 437 -37.73 -26.06 -0.74
N LYS B 438 -38.15 -26.02 0.52
CA LYS B 438 -39.47 -25.49 0.80
C LYS B 438 -39.49 -23.97 0.85
N VAL B 439 -38.35 -23.31 0.72
CA VAL B 439 -38.29 -21.85 0.77
C VAL B 439 -38.52 -21.30 -0.62
N LEU B 440 -39.57 -20.49 -0.78
CA LEU B 440 -39.90 -19.98 -2.10
C LEU B 440 -38.83 -19.04 -2.60
N CYS B 441 -38.59 -17.95 -1.88
CA CYS B 441 -37.58 -16.99 -2.27
C CYS B 441 -37.10 -16.29 -1.01
N ASP B 442 -36.41 -15.17 -1.18
CA ASP B 442 -35.89 -14.42 -0.06
C ASP B 442 -35.89 -12.95 -0.42
N ALA B 443 -35.29 -12.15 0.44
CA ALA B 443 -35.14 -10.73 0.18
C ALA B 443 -34.20 -10.17 1.22
N LEU B 444 -33.82 -8.92 1.02
CA LEU B 444 -32.90 -8.28 1.97
C LEU B 444 -33.13 -6.79 1.91
N LEU B 445 -33.93 -6.27 2.82
CA LEU B 445 -34.27 -4.86 2.83
C LEU B 445 -33.19 -4.10 3.58
N ILE B 446 -32.58 -3.14 2.91
CA ILE B 446 -31.47 -2.38 3.46
C ILE B 446 -31.82 -0.92 3.32
N SER B 447 -32.47 -0.36 4.35
CA SER B 447 -32.90 1.02 4.35
C SER B 447 -31.96 1.86 5.22
N GLN B 448 -32.31 3.14 5.38
CA GLN B 448 -31.44 4.02 6.16
C GLN B 448 -31.44 3.66 7.63
N ASP B 449 -32.59 3.78 8.27
CA ASP B 449 -32.81 3.27 9.62
C ASP B 449 -33.38 1.86 9.50
N SER B 450 -33.86 1.30 10.62
CA SER B 450 -34.43 -0.04 10.57
C SER B 450 -33.44 -1.06 10.02
N PRO B 451 -32.56 -1.59 10.87
CA PRO B 451 -31.47 -2.48 10.41
C PRO B 451 -31.97 -3.57 9.48
N PRO B 452 -31.09 -4.11 8.64
CA PRO B 452 -31.54 -4.93 7.50
C PRO B 452 -32.39 -6.12 7.92
N VAL B 453 -33.33 -6.47 7.06
CA VAL B 453 -34.30 -7.52 7.33
C VAL B 453 -34.21 -8.58 6.25
N LEU B 454 -34.41 -9.83 6.64
CA LEU B 454 -34.32 -10.95 5.72
C LEU B 454 -35.70 -11.60 5.63
N TYR B 455 -36.53 -11.11 4.72
CA TYR B 455 -37.81 -11.75 4.49
C TYR B 455 -37.60 -13.12 3.89
N THR B 456 -38.34 -14.11 4.38
CA THR B 456 -38.36 -15.44 3.79
C THR B 456 -39.80 -15.78 3.44
N PHE B 457 -40.04 -16.11 2.18
CA PHE B 457 -41.38 -16.43 1.73
C PHE B 457 -41.49 -17.90 1.35
N HIS B 458 -42.65 -18.47 1.62
CA HIS B 458 -42.90 -19.87 1.39
C HIS B 458 -44.39 -20.10 1.46
N MET B 459 -44.84 -21.19 0.85
CA MET B 459 -46.24 -21.62 0.96
C MET B 459 -46.23 -23.08 1.40
N VAL B 460 -46.12 -23.30 2.71
CA VAL B 460 -46.24 -24.62 3.29
C VAL B 460 -46.83 -24.49 4.69
N GLN B 461 -48.06 -24.98 4.87
CA GLN B 461 -48.73 -24.85 6.16
C GLN B 461 -48.43 -26.03 7.08
N ASP B 462 -47.16 -26.39 7.20
CA ASP B 462 -46.77 -27.43 8.15
C ASP B 462 -45.60 -27.03 9.03
N GLU B 463 -44.60 -26.36 8.48
CA GLU B 463 -43.37 -26.07 9.20
C GLU B 463 -43.40 -24.66 9.75
N GLU B 464 -42.26 -24.21 10.26
CA GLU B 464 -42.16 -22.89 10.86
C GLU B 464 -41.04 -22.09 10.21
N PHE B 465 -39.96 -22.76 9.84
CA PHE B 465 -38.85 -22.14 9.12
C PHE B 465 -38.11 -21.12 9.98
N LYS B 466 -38.20 -21.24 11.30
CA LYS B 466 -37.44 -20.33 12.15
C LYS B 466 -35.96 -20.65 12.10
N GLY B 467 -35.61 -21.94 12.17
CA GLY B 467 -34.21 -22.32 12.18
C GLY B 467 -33.50 -21.90 10.91
N TYR B 468 -34.12 -22.13 9.76
CA TYR B 468 -33.51 -21.74 8.49
C TYR B 468 -33.25 -20.24 8.46
N SER B 469 -34.29 -19.45 8.73
CA SER B 469 -34.16 -18.00 8.60
C SER B 469 -33.14 -17.46 9.58
N THR B 470 -33.13 -17.97 10.81
CA THR B 470 -32.19 -17.43 11.78
C THR B 470 -30.76 -17.82 11.43
N GLN B 471 -30.53 -19.06 10.98
CA GLN B 471 -29.20 -19.42 10.53
C GLN B 471 -28.75 -18.54 9.39
N THR B 472 -29.64 -18.25 8.43
CA THR B 472 -29.25 -17.42 7.31
C THR B 472 -28.95 -16.00 7.75
N ALA B 473 -29.74 -15.45 8.66
CA ALA B 473 -29.48 -14.09 9.12
C ALA B 473 -28.17 -14.01 9.88
N LEU B 474 -27.92 -15.00 10.73
CA LEU B 474 -26.65 -15.06 11.45
C LEU B 474 -25.48 -15.09 10.48
N THR B 475 -25.54 -15.99 9.49
CA THR B 475 -24.42 -16.13 8.57
C THR B 475 -24.23 -14.87 7.76
N LEU B 476 -25.32 -14.20 7.39
CA LEU B 476 -25.19 -12.96 6.64
C LEU B 476 -24.53 -11.89 7.48
N LYS B 477 -24.91 -11.79 8.75
CA LYS B 477 -24.27 -10.82 9.62
C LYS B 477 -22.78 -11.08 9.74
N GLN B 478 -22.41 -12.33 9.99
CA GLN B 478 -21.00 -12.65 10.15
C GLN B 478 -20.23 -12.41 8.87
N LYS B 479 -20.79 -12.78 7.72
CA LYS B 479 -20.10 -12.58 6.46
C LYS B 479 -19.92 -11.11 6.16
N LEU B 480 -20.96 -10.30 6.41
CA LEU B 480 -20.83 -8.85 6.25
C LEU B 480 -19.64 -8.34 7.04
N ALA B 481 -19.62 -8.61 8.35
CA ALA B 481 -18.63 -7.98 9.21
C ALA B 481 -17.23 -8.54 8.97
N LYS B 482 -17.11 -9.81 8.56
CA LYS B 482 -15.79 -10.41 8.44
C LYS B 482 -15.20 -10.36 7.04
N ILE B 483 -16.01 -10.22 6.00
CA ILE B 483 -15.52 -10.20 4.63
C ILE B 483 -15.89 -8.91 3.93
N GLY B 484 -17.11 -8.43 4.11
CA GLY B 484 -17.42 -7.14 3.55
C GLY B 484 -16.67 -6.00 4.18
N GLY B 485 -16.12 -6.20 5.37
CA GLY B 485 -15.40 -5.13 6.00
C GLY B 485 -16.26 -4.04 6.56
N TYR B 486 -17.50 -4.33 6.94
CA TYR B 486 -18.31 -3.34 7.63
C TYR B 486 -17.81 -3.21 9.06
N THR B 487 -17.56 -1.98 9.48
CA THR B 487 -16.86 -1.69 10.72
C THR B 487 -17.77 -1.12 11.79
N LYS B 488 -19.05 -1.45 11.79
CA LYS B 488 -19.95 -0.98 12.81
C LYS B 488 -20.78 -2.14 13.32
N LYS B 489 -21.59 -1.87 14.35
CA LYS B 489 -22.42 -2.89 14.96
C LYS B 489 -23.65 -3.12 14.10
N VAL B 490 -24.04 -4.38 13.93
CA VAL B 490 -25.14 -4.74 13.06
C VAL B 490 -25.95 -5.85 13.71
N CYS B 491 -27.24 -5.87 13.41
CA CYS B 491 -28.07 -7.04 13.58
C CYS B 491 -28.88 -7.19 12.30
N VAL B 492 -29.02 -8.43 11.84
CA VAL B 492 -29.83 -8.74 10.67
C VAL B 492 -31.15 -9.29 11.18
N MET B 493 -32.20 -8.47 11.09
CA MET B 493 -33.51 -8.86 11.61
C MET B 493 -34.10 -9.94 10.72
N THR B 494 -35.34 -10.35 11.00
CA THR B 494 -35.94 -11.44 10.24
C THR B 494 -37.44 -11.23 10.17
N LYS B 495 -38.05 -11.79 9.13
CA LYS B 495 -39.49 -11.86 8.99
C LYS B 495 -39.82 -13.07 8.13
N ILE B 496 -40.92 -13.73 8.45
CA ILE B 496 -41.35 -14.89 7.67
C ILE B 496 -42.79 -14.67 7.24
N PHE B 497 -43.12 -15.12 6.04
CA PHE B 497 -44.43 -14.90 5.47
C PHE B 497 -44.95 -16.19 4.85
N TYR B 498 -46.25 -16.41 4.96
CA TYR B 498 -46.91 -17.52 4.30
C TYR B 498 -47.64 -17.00 3.07
N LEU B 499 -47.63 -17.80 2.01
CA LEU B 499 -48.08 -17.33 0.70
C LEU B 499 -48.95 -18.37 0.02
N SER B 500 -49.98 -18.84 0.72
CA SER B 500 -50.96 -19.71 0.09
C SER B 500 -51.62 -19.00 -1.08
N PRO B 501 -52.03 -19.74 -2.10
CA PRO B 501 -52.75 -19.11 -3.22
C PRO B 501 -54.06 -18.51 -2.73
N GLU B 502 -54.38 -17.34 -3.27
CA GLU B 502 -55.55 -16.58 -2.84
C GLU B 502 -55.43 -16.18 -1.36
N GLY B 503 -54.37 -15.42 -1.08
CA GLY B 503 -54.17 -14.83 0.22
C GLY B 503 -52.71 -14.64 0.56
N MET B 504 -52.34 -13.41 0.91
CA MET B 504 -50.94 -13.00 1.11
C MET B 504 -50.82 -12.24 2.44
N THR B 505 -50.72 -12.99 3.53
CA THR B 505 -50.71 -12.43 4.87
C THR B 505 -50.08 -13.49 5.77
N SER B 506 -50.40 -13.45 7.06
CA SER B 506 -49.96 -14.46 8.01
C SER B 506 -48.45 -14.44 8.14
N CYS B 507 -47.96 -13.31 8.63
CA CYS B 507 -46.54 -13.21 8.97
C CYS B 507 -46.27 -14.15 10.13
N GLN B 508 -45.72 -15.33 9.84
CA GLN B 508 -45.61 -16.36 10.87
C GLN B 508 -44.56 -16.03 11.92
N TYR B 509 -43.76 -14.99 11.71
CA TYR B 509 -42.72 -14.65 12.67
C TYR B 509 -42.21 -13.25 12.38
N ASP B 510 -41.88 -12.53 13.44
CA ASP B 510 -41.34 -11.18 13.33
C ASP B 510 -40.26 -11.04 14.39
N LEU B 511 -39.01 -11.14 13.96
CA LEU B 511 -37.91 -11.18 14.92
C LEU B 511 -37.68 -9.85 15.60
N ARG B 512 -38.23 -8.75 15.10
CA ARG B 512 -37.95 -7.47 15.73
C ARG B 512 -38.74 -7.29 17.01
N SER B 513 -39.99 -7.74 17.05
CA SER B 513 -40.74 -7.73 18.30
C SER B 513 -40.60 -9.06 19.04
N GLN B 514 -39.37 -9.52 19.15
CA GLN B 514 -39.07 -10.69 19.97
C GLN B 514 -37.79 -10.57 20.76
N VAL B 515 -36.84 -9.76 20.33
CA VAL B 515 -35.53 -9.68 20.96
C VAL B 515 -35.10 -8.23 20.98
N ILE B 516 -34.41 -7.86 22.04
CA ILE B 516 -33.95 -6.49 22.24
C ILE B 516 -32.45 -6.44 22.05
N TYR B 517 -31.97 -5.34 21.47
CA TYR B 517 -30.56 -5.07 21.25
C TYR B 517 -30.24 -3.75 21.92
N PRO B 518 -28.97 -3.40 22.06
CA PRO B 518 -28.62 -2.08 22.62
C PRO B 518 -29.15 -0.96 21.73
N GLU B 519 -29.04 0.26 22.25
CA GLU B 519 -29.61 1.39 21.54
C GLU B 519 -28.90 1.66 20.23
N SER B 520 -27.67 1.19 20.07
CA SER B 520 -26.85 1.55 18.92
C SER B 520 -26.98 0.58 17.77
N TYR B 521 -27.48 -0.62 17.99
CA TYR B 521 -27.64 -1.58 16.89
C TYR B 521 -28.75 -1.20 15.93
N TYR B 522 -29.55 -0.19 16.25
CA TYR B 522 -30.72 0.17 15.47
C TYR B 522 -30.44 1.29 14.47
N PHE B 523 -29.18 1.65 14.25
CA PHE B 523 -28.84 2.71 13.32
C PHE B 523 -27.76 2.24 12.37
N THR B 524 -28.16 1.75 11.20
CA THR B 524 -27.23 1.37 10.16
C THR B 524 -26.96 2.57 9.27
N ARG B 525 -26.11 2.38 8.27
CA ARG B 525 -25.69 3.48 7.42
C ARG B 525 -26.03 3.30 5.95
N ARG B 526 -26.30 2.08 5.51
CA ARG B 526 -27.03 1.84 4.28
C ARG B 526 -26.27 2.13 3.00
N LYS B 527 -25.13 2.81 3.10
CA LYS B 527 -24.22 2.89 1.97
C LYS B 527 -23.01 2.03 2.17
N TYR B 528 -22.51 1.97 3.40
CA TYR B 528 -21.46 1.04 3.75
C TYR B 528 -21.97 -0.37 3.85
N LEU B 529 -23.24 -0.57 4.19
CA LEU B 529 -23.82 -1.90 4.07
C LEU B 529 -23.87 -2.34 2.63
N LEU B 530 -24.08 -1.42 1.70
CA LEU B 530 -24.08 -1.81 0.30
C LEU B 530 -22.68 -2.19 -0.16
N LYS B 531 -21.67 -1.39 0.21
CA LYS B 531 -20.30 -1.75 -0.10
C LYS B 531 -19.95 -3.10 0.51
N ALA B 532 -20.36 -3.32 1.75
CA ALA B 532 -20.04 -4.57 2.43
C ALA B 532 -20.73 -5.75 1.76
N LEU B 533 -21.98 -5.58 1.35
CA LEU B 533 -22.67 -6.67 0.68
C LEU B 533 -22.05 -6.95 -0.67
N PHE B 534 -21.64 -5.91 -1.38
CA PHE B 534 -20.96 -6.10 -2.66
C PHE B 534 -19.67 -6.88 -2.47
N LYS B 535 -18.85 -6.46 -1.51
CA LYS B 535 -17.58 -7.14 -1.31
C LYS B 535 -17.77 -8.56 -0.80
N ALA B 536 -18.79 -8.79 0.02
CA ALA B 536 -19.05 -10.14 0.51
C ALA B 536 -19.47 -11.05 -0.61
N LEU B 537 -20.39 -10.59 -1.47
CA LEU B 537 -20.80 -11.41 -2.58
C LEU B 537 -19.65 -11.66 -3.55
N LYS B 538 -18.82 -10.65 -3.78
CA LYS B 538 -17.66 -10.85 -4.63
C LYS B 538 -16.72 -11.90 -4.05
N ARG B 539 -16.41 -11.77 -2.76
CA ARG B 539 -15.46 -12.68 -2.14
C ARG B 539 -16.02 -14.08 -2.03
N LEU B 540 -17.34 -14.24 -1.95
CA LEU B 540 -17.95 -15.55 -1.94
C LEU B 540 -18.20 -16.10 -3.34
N LYS B 541 -17.94 -15.30 -4.37
CA LYS B 541 -18.10 -15.76 -5.76
C LYS B 541 -19.55 -16.10 -6.06
N SER B 542 -20.48 -15.36 -5.47
CA SER B 542 -21.89 -15.55 -5.76
C SER B 542 -22.51 -14.30 -6.36
N LEU B 543 -21.72 -13.27 -6.60
CA LEU B 543 -22.20 -12.02 -7.17
C LEU B 543 -22.56 -12.31 -8.62
N ARG B 544 -23.86 -12.32 -8.92
CA ARG B 544 -24.31 -12.58 -10.29
C ARG B 544 -25.06 -11.41 -10.90
N ASP B 545 -26.12 -10.94 -10.25
CA ASP B 545 -27.03 -9.97 -10.85
C ASP B 545 -27.36 -8.80 -9.96
N GLN B 546 -27.21 -8.92 -8.65
CA GLN B 546 -27.40 -7.80 -7.74
C GLN B 546 -26.52 -6.64 -8.19
N PHE B 547 -26.94 -5.41 -7.88
CA PHE B 547 -26.18 -4.24 -8.30
C PHE B 547 -26.07 -4.20 -9.83
N SER B 548 -27.18 -3.81 -10.46
CA SER B 548 -27.32 -3.94 -11.91
C SER B 548 -26.14 -3.35 -12.69
N PHE B 549 -25.91 -2.04 -12.58
CA PHE B 549 -25.00 -1.27 -13.43
C PHE B 549 -25.00 -1.73 -14.89
N ALA B 550 -26.14 -1.59 -15.56
CA ALA B 550 -26.39 -2.22 -16.85
C ALA B 550 -25.27 -1.96 -17.86
N GLU B 551 -24.97 -3.00 -18.64
CA GLU B 551 -23.79 -3.08 -19.48
C GLU B 551 -24.10 -2.72 -20.94
N ASN B 552 -25.37 -2.48 -21.25
CA ASN B 552 -25.73 -2.10 -22.60
C ASN B 552 -25.07 -0.81 -23.03
N LEU B 553 -24.78 0.10 -22.09
CA LEU B 553 -23.95 1.25 -22.42
C LEU B 553 -22.48 0.87 -22.42
N TYR B 554 -22.08 -0.01 -21.51
CA TYR B 554 -20.70 -0.47 -21.49
C TYR B 554 -20.35 -1.20 -22.77
N GLN B 555 -21.24 -2.07 -23.24
CA GLN B 555 -20.96 -2.78 -24.48
C GLN B 555 -20.83 -1.85 -25.67
N ILE B 556 -21.61 -0.77 -25.70
CA ILE B 556 -21.45 0.21 -26.76
C ILE B 556 -20.10 0.90 -26.65
N ILE B 557 -19.76 1.37 -25.45
CA ILE B 557 -18.57 2.19 -25.31
C ILE B 557 -17.30 1.37 -25.47
N GLY B 558 -17.35 0.09 -25.13
CA GLY B 558 -16.18 -0.77 -25.21
C GLY B 558 -15.59 -1.16 -23.88
N ILE B 559 -16.27 -0.87 -22.78
CA ILE B 559 -15.79 -1.29 -21.47
C ILE B 559 -16.21 -2.74 -21.21
N ASP B 560 -15.37 -3.45 -20.47
CA ASP B 560 -15.53 -4.87 -20.29
C ASP B 560 -16.35 -5.17 -19.04
N CYS B 561 -16.41 -6.45 -18.66
CA CYS B 561 -17.22 -6.90 -17.54
C CYS B 561 -16.72 -6.30 -16.22
N PHE B 562 -17.42 -6.62 -15.13
CA PHE B 562 -17.14 -5.99 -13.85
C PHE B 562 -15.77 -6.39 -13.34
N GLN B 563 -15.54 -7.68 -13.08
CA GLN B 563 -14.24 -8.17 -12.66
C GLN B 563 -14.29 -9.69 -12.53
N LYS B 564 -13.26 -10.36 -13.03
CA LYS B 564 -12.97 -11.75 -12.68
C LYS B 564 -11.71 -12.19 -13.43
N ASN B 565 -11.19 -13.32 -13.01
CA ASN B 565 -10.08 -13.99 -13.69
C ASN B 565 -10.60 -14.86 -14.84
N ASP B 566 -11.40 -14.24 -15.72
CA ASP B 566 -12.04 -14.92 -16.84
C ASP B 566 -11.77 -14.25 -18.17
N LYS B 567 -10.99 -13.17 -18.20
CA LYS B 567 -10.66 -12.45 -19.42
C LYS B 567 -9.45 -11.56 -19.15
N LYS C 1 -0.08 -15.88 -56.86
CA LYS C 1 0.23 -14.50 -56.52
C LYS C 1 0.62 -14.34 -55.04
N PRO C 2 -0.20 -14.85 -54.12
CA PRO C 2 0.20 -14.85 -52.72
C PRO C 2 1.33 -15.83 -52.51
N ILE C 3 2.16 -15.54 -51.50
CA ILE C 3 3.23 -16.46 -51.15
C ILE C 3 2.61 -17.73 -50.61
N LEU C 4 2.66 -18.80 -51.41
CA LEU C 4 1.84 -19.95 -51.06
C LEU C 4 2.61 -20.96 -50.23
N ALA C 5 3.63 -21.61 -50.80
CA ALA C 5 4.48 -22.52 -50.05
C ALA C 5 5.50 -23.12 -51.00
N PRO C 6 6.53 -23.77 -50.47
CA PRO C 6 7.38 -24.60 -51.32
C PRO C 6 6.76 -25.97 -51.48
N GLU C 7 7.24 -26.69 -52.48
CA GLU C 7 6.50 -27.84 -53.02
C GLU C 7 6.30 -28.94 -51.98
N PRO C 8 7.34 -29.64 -51.52
CA PRO C 8 7.13 -30.66 -50.48
C PRO C 8 7.15 -29.99 -49.12
N LEU C 9 6.13 -30.25 -48.31
CA LEU C 9 5.91 -29.46 -47.10
C LEU C 9 7.07 -29.57 -46.12
N VAL C 10 7.32 -30.76 -45.60
CA VAL C 10 8.33 -30.97 -44.59
C VAL C 10 9.55 -31.57 -45.28
N MET C 11 10.51 -30.71 -45.61
CA MET C 11 11.75 -31.22 -46.17
C MET C 11 12.45 -32.11 -45.16
N ASP C 12 13.18 -33.09 -45.66
CA ASP C 12 13.69 -34.14 -44.80
C ASP C 12 15.20 -34.29 -44.78
N ASN C 13 15.96 -33.44 -45.48
CA ASN C 13 17.41 -33.52 -45.34
C ASN C 13 17.83 -33.07 -43.94
N LEU C 14 17.06 -32.17 -43.34
CA LEU C 14 17.33 -31.72 -41.98
C LEU C 14 16.65 -32.62 -40.96
N ASP C 15 16.86 -33.91 -41.14
CA ASP C 15 16.61 -34.92 -40.12
C ASP C 15 17.91 -35.23 -39.40
N SER C 16 17.79 -35.69 -38.17
CA SER C 16 18.92 -36.03 -37.31
C SER C 16 19.62 -34.78 -36.79
N ILE C 17 19.18 -33.60 -37.23
CA ILE C 17 19.59 -32.36 -36.61
C ILE C 17 18.49 -31.78 -35.72
N MET C 18 17.22 -31.93 -36.09
CA MET C 18 16.14 -31.58 -35.17
C MET C 18 16.06 -32.54 -34.00
N GLU C 19 16.74 -33.67 -34.05
CA GLU C 19 16.77 -34.55 -32.90
C GLU C 19 17.51 -33.91 -31.75
N GLN C 20 18.56 -33.14 -32.05
CA GLN C 20 19.27 -32.38 -31.04
C GLN C 20 18.65 -31.00 -30.87
N LEU C 21 17.33 -30.99 -30.72
CA LEU C 21 16.57 -29.77 -30.52
C LEU C 21 16.08 -29.63 -29.10
N ASN C 22 16.22 -30.67 -28.29
CA ASN C 22 15.93 -30.64 -26.87
C ASN C 22 17.12 -30.19 -26.04
N THR C 23 18.11 -29.58 -26.67
CA THR C 23 19.28 -29.06 -25.99
C THR C 23 19.27 -27.54 -26.07
N TRP C 24 19.69 -26.89 -24.98
CA TRP C 24 19.61 -25.44 -24.93
C TRP C 24 20.49 -24.79 -25.99
N ASN C 25 21.63 -25.39 -26.30
CA ASN C 25 22.54 -24.82 -27.28
C ASN C 25 22.32 -25.44 -28.65
N PHE C 26 21.16 -25.15 -29.23
CA PHE C 26 20.82 -25.65 -30.55
C PHE C 26 21.74 -25.03 -31.59
N PRO C 27 22.46 -25.81 -32.37
CA PRO C 27 23.39 -25.24 -33.35
C PRO C 27 22.67 -24.61 -34.52
N ILE C 28 22.14 -23.40 -34.31
CA ILE C 28 21.18 -22.84 -35.26
C ILE C 28 21.86 -22.50 -36.58
N PHE C 29 23.07 -21.95 -36.55
CA PHE C 29 23.72 -21.58 -37.80
C PHE C 29 24.12 -22.80 -38.60
N ASP C 30 24.41 -23.90 -37.92
CA ASP C 30 24.68 -25.14 -38.63
C ASP C 30 23.47 -25.57 -39.45
N LEU C 31 22.29 -25.52 -38.85
CA LEU C 31 21.07 -25.81 -39.60
C LEU C 31 20.85 -24.80 -40.71
N VAL C 32 21.20 -23.53 -40.47
CA VAL C 32 21.01 -22.50 -41.48
C VAL C 32 21.81 -22.85 -42.73
N GLU C 33 23.10 -23.14 -42.55
CA GLU C 33 23.93 -23.50 -43.69
C GLU C 33 23.52 -24.84 -44.28
N ASN C 34 23.07 -25.77 -43.44
CA ASN C 34 22.56 -27.05 -43.94
C ASN C 34 21.37 -26.81 -44.86
N ILE C 35 20.33 -26.17 -44.35
CA ILE C 35 19.23 -25.74 -45.20
C ILE C 35 19.78 -24.84 -46.29
N GLY C 36 19.12 -24.84 -47.44
CA GLY C 36 19.48 -23.90 -48.48
C GLY C 36 19.36 -22.48 -47.97
N ARG C 37 20.48 -21.81 -47.77
CA ARG C 37 20.47 -20.41 -47.40
C ARG C 37 20.08 -19.51 -48.57
N LYS C 38 19.97 -20.07 -49.78
CA LYS C 38 19.52 -19.29 -50.92
C LYS C 38 18.11 -18.75 -50.70
N CYS C 39 17.20 -19.60 -50.24
CA CYS C 39 15.79 -19.25 -50.11
C CYS C 39 15.42 -18.90 -48.68
N GLY C 40 15.67 -19.82 -47.75
CA GLY C 40 15.33 -19.56 -46.37
C GLY C 40 13.93 -20.03 -46.05
N ARG C 41 13.82 -21.25 -45.52
CA ARG C 41 12.58 -21.80 -45.01
C ARG C 41 12.86 -22.49 -43.69
N ILE C 42 13.73 -21.89 -42.89
CA ILE C 42 14.09 -22.44 -41.59
C ILE C 42 12.98 -22.26 -40.59
N LEU C 43 12.39 -21.07 -40.55
CA LEU C 43 11.36 -20.76 -39.57
C LEU C 43 10.18 -21.71 -39.70
N SER C 44 9.76 -21.98 -40.93
CA SER C 44 8.66 -22.90 -41.16
C SER C 44 8.98 -24.30 -40.68
N GLN C 45 10.19 -24.78 -40.95
CA GLN C 45 10.53 -26.15 -40.58
C GLN C 45 10.62 -26.31 -39.07
N VAL C 46 11.30 -25.38 -38.41
CA VAL C 46 11.41 -25.48 -36.95
C VAL C 46 10.04 -25.34 -36.32
N SER C 47 9.18 -24.49 -36.89
CA SER C 47 7.84 -24.35 -36.35
C SER C 47 7.05 -25.63 -36.51
N TYR C 48 7.18 -26.29 -37.66
CA TYR C 48 6.49 -27.56 -37.86
C TYR C 48 6.97 -28.60 -36.86
N ARG C 49 8.30 -28.67 -36.64
CA ARG C 49 8.82 -29.65 -35.69
C ARG C 49 8.29 -29.37 -34.30
N LEU C 50 8.32 -28.12 -33.86
CA LEU C 50 7.87 -27.79 -32.51
C LEU C 50 6.38 -28.07 -32.35
N PHE C 51 5.57 -27.71 -33.35
CA PHE C 51 4.14 -27.93 -33.23
C PHE C 51 3.79 -29.40 -33.30
N GLU C 52 4.53 -30.18 -34.09
CA GLU C 52 4.34 -31.62 -34.05
C GLU C 52 4.73 -32.19 -32.70
N ASP C 53 5.78 -31.66 -32.09
CA ASP C 53 6.16 -32.11 -30.75
C ASP C 53 5.05 -31.87 -29.76
N MET C 54 4.55 -30.64 -29.71
CA MET C 54 3.46 -30.35 -28.78
C MET C 54 2.19 -31.09 -29.16
N GLY C 55 2.08 -31.51 -30.41
CA GLY C 55 0.88 -32.19 -30.87
C GLY C 55 -0.28 -31.26 -31.15
N LEU C 56 -0.01 -29.97 -31.34
CA LEU C 56 -1.07 -29.01 -31.59
C LEU C 56 -1.78 -29.25 -32.92
N PHE C 57 -1.21 -30.04 -33.81
CA PHE C 57 -1.90 -30.41 -35.04
C PHE C 57 -2.97 -31.46 -34.81
N GLU C 58 -3.21 -31.86 -33.57
CA GLU C 58 -4.37 -32.67 -33.23
C GLU C 58 -5.09 -32.04 -32.05
N ALA C 59 -4.35 -31.28 -31.25
CA ALA C 59 -4.96 -30.57 -30.12
C ALA C 59 -5.83 -29.41 -30.57
N PHE C 60 -5.72 -28.99 -31.83
CA PHE C 60 -6.60 -27.97 -32.36
C PHE C 60 -7.05 -28.22 -33.79
N LYS C 61 -6.61 -29.31 -34.41
CA LYS C 61 -6.96 -29.63 -35.80
C LYS C 61 -6.60 -28.48 -36.73
N ILE C 62 -5.31 -28.21 -36.84
CA ILE C 62 -4.78 -27.13 -37.66
C ILE C 62 -4.30 -27.72 -38.96
N PRO C 63 -4.89 -27.36 -40.11
CA PRO C 63 -4.50 -28.00 -41.36
C PRO C 63 -3.08 -27.60 -41.74
N ILE C 64 -2.22 -28.61 -41.89
CA ILE C 64 -0.78 -28.36 -41.94
C ILE C 64 -0.41 -27.56 -43.18
N ARG C 65 -1.19 -27.69 -44.25
CA ARG C 65 -0.85 -26.99 -45.49
C ARG C 65 -1.00 -25.49 -45.31
N GLU C 66 -2.13 -25.04 -44.77
CA GLU C 66 -2.33 -23.61 -44.55
C GLU C 66 -1.36 -23.08 -43.51
N PHE C 67 -1.04 -23.92 -42.51
CA PHE C 67 0.00 -23.56 -41.55
C PHE C 67 1.31 -23.23 -42.24
N MET C 68 1.79 -24.15 -43.08
CA MET C 68 3.04 -23.91 -43.77
C MET C 68 2.93 -22.71 -44.71
N ASN C 69 1.77 -22.54 -45.34
CA ASN C 69 1.54 -21.35 -46.17
C ASN C 69 1.81 -20.09 -45.37
N TYR C 70 1.14 -19.96 -44.23
CA TYR C 70 1.26 -18.74 -43.45
C TYR C 70 2.68 -18.53 -42.99
N PHE C 71 3.32 -19.58 -42.50
CA PHE C 71 4.63 -19.35 -41.88
C PHE C 71 5.71 -19.16 -42.92
N HIS C 72 5.58 -19.76 -44.10
CA HIS C 72 6.52 -19.44 -45.16
C HIS C 72 6.32 -18.01 -45.63
N ALA C 73 5.07 -17.55 -45.72
CA ALA C 73 4.85 -16.14 -46.03
C ALA C 73 5.47 -15.26 -44.95
N LEU C 74 5.40 -15.69 -43.70
CA LEU C 74 5.99 -14.94 -42.61
C LEU C 74 7.50 -14.83 -42.79
N GLU C 75 8.17 -15.97 -42.93
CA GLU C 75 9.63 -15.94 -43.07
C GLU C 75 10.06 -15.18 -44.30
N ILE C 76 9.24 -15.18 -45.36
CA ILE C 76 9.51 -14.28 -46.46
C ILE C 76 9.36 -12.84 -46.02
N GLY C 77 8.48 -12.59 -45.04
CA GLY C 77 8.25 -11.22 -44.62
C GLY C 77 9.43 -10.59 -43.91
N TYR C 78 10.24 -11.39 -43.23
CA TYR C 78 11.36 -10.86 -42.47
C TYR C 78 12.40 -10.25 -43.40
N ARG C 79 12.82 -9.03 -43.11
CA ARG C 79 13.82 -8.38 -43.96
C ARG C 79 15.16 -9.08 -43.83
N ASP C 80 16.07 -8.75 -44.74
CA ASP C 80 17.40 -9.35 -44.79
C ASP C 80 18.36 -8.36 -44.17
N ILE C 81 18.50 -8.42 -42.85
CA ILE C 81 19.38 -7.52 -42.12
C ILE C 81 20.31 -8.33 -41.22
N PRO C 82 21.31 -7.71 -40.60
CA PRO C 82 22.30 -8.50 -39.86
C PRO C 82 21.75 -9.25 -38.66
N TYR C 83 20.94 -8.61 -37.82
CA TYR C 83 20.50 -9.25 -36.58
C TYR C 83 19.03 -9.66 -36.61
N HIS C 84 18.11 -8.73 -36.88
CA HIS C 84 16.68 -9.04 -36.78
C HIS C 84 16.19 -9.66 -38.09
N ASN C 85 16.52 -10.94 -38.26
CA ASN C 85 16.04 -11.68 -39.43
C ASN C 85 15.44 -13.01 -39.02
N ARG C 86 15.07 -13.84 -40.00
CA ARG C 86 14.32 -15.06 -39.71
C ARG C 86 15.11 -16.04 -38.87
N ILE C 87 16.44 -16.00 -38.94
CA ILE C 87 17.23 -16.81 -38.04
C ILE C 87 16.99 -16.38 -36.60
N HIS C 88 16.89 -15.08 -36.36
CA HIS C 88 16.62 -14.60 -35.02
C HIS C 88 15.25 -15.05 -34.54
N ALA C 89 14.26 -15.02 -35.42
CA ALA C 89 12.93 -15.45 -35.02
C ALA C 89 12.89 -16.94 -34.72
N THR C 90 13.60 -17.74 -35.51
CA THR C 90 13.71 -19.17 -35.20
C THR C 90 14.39 -19.38 -33.86
N ASP C 91 15.44 -18.59 -33.59
CA ASP C 91 16.08 -18.59 -32.29
C ASP C 91 15.06 -18.37 -31.18
N VAL C 92 14.27 -17.32 -31.29
CA VAL C 92 13.38 -16.96 -30.20
C VAL C 92 12.27 -17.99 -30.04
N LEU C 93 11.79 -18.54 -31.15
CA LEU C 93 10.79 -19.59 -31.07
C LEU C 93 11.34 -20.79 -30.34
N HIS C 94 12.55 -21.22 -30.70
CA HIS C 94 13.14 -22.35 -30.01
C HIS C 94 13.39 -22.04 -28.54
N ALA C 95 13.76 -20.81 -28.22
CA ALA C 95 14.02 -20.45 -26.84
C ALA C 95 12.76 -20.55 -26.00
N VAL C 96 11.66 -19.99 -26.49
CA VAL C 96 10.42 -20.08 -25.71
C VAL C 96 9.97 -21.52 -25.60
N TRP C 97 10.14 -22.32 -26.66
CA TRP C 97 9.73 -23.71 -26.58
C TRP C 97 10.53 -24.45 -25.53
N TYR C 98 11.84 -24.28 -25.53
CA TYR C 98 12.68 -24.91 -24.52
C TYR C 98 12.27 -24.46 -23.13
N LEU C 99 12.06 -23.17 -22.95
CA LEU C 99 11.76 -22.66 -21.62
C LEU C 99 10.44 -23.19 -21.11
N THR C 100 9.51 -23.54 -22.00
CA THR C 100 8.22 -24.00 -21.53
C THR C 100 8.01 -25.51 -21.61
N THR C 101 8.92 -26.26 -22.21
CA THR C 101 8.73 -27.71 -22.32
C THR C 101 10.01 -28.46 -22.01
N GLN C 102 10.68 -28.08 -20.94
CA GLN C 102 11.86 -28.81 -20.49
C GLN C 102 11.83 -28.80 -18.96
N PRO C 103 12.45 -29.80 -18.34
CA PRO C 103 12.19 -30.04 -16.90
C PRO C 103 12.61 -28.88 -16.03
N ILE C 104 11.75 -28.52 -15.10
CA ILE C 104 11.96 -27.42 -14.17
C ILE C 104 11.94 -27.99 -12.75
N PRO C 105 13.07 -28.05 -12.06
CA PRO C 105 13.09 -28.66 -10.73
C PRO C 105 12.22 -27.93 -9.73
N GLY C 106 11.26 -28.65 -9.15
CA GLY C 106 10.44 -28.11 -8.09
C GLY C 106 9.23 -27.34 -8.59
N LEU C 107 8.59 -27.85 -9.63
CA LEU C 107 7.38 -27.24 -10.16
C LEU C 107 6.24 -28.24 -10.12
N SER C 108 5.13 -27.83 -9.50
CA SER C 108 3.98 -28.70 -9.27
C SER C 108 2.91 -28.41 -10.31
N THR C 109 2.77 -29.33 -11.25
CA THR C 109 1.73 -29.19 -12.28
C THR C 109 0.36 -29.51 -11.71
N VAL C 110 -0.64 -29.51 -12.59
CA VAL C 110 -1.99 -29.92 -12.22
C VAL C 110 -2.56 -30.85 -13.28
N GLY C 132 -7.65 -27.59 -21.87
CA GLY C 132 -6.89 -28.80 -22.11
C GLY C 132 -5.41 -28.53 -22.24
N TYR C 133 -4.60 -29.33 -21.56
CA TYR C 133 -3.16 -29.13 -21.51
C TYR C 133 -2.47 -30.12 -22.43
N VAL C 134 -1.26 -29.78 -22.84
CA VAL C 134 -0.47 -30.63 -23.71
C VAL C 134 0.99 -30.50 -23.31
N PHE C 135 1.70 -31.62 -23.29
CA PHE C 135 3.09 -31.68 -22.92
C PHE C 135 3.94 -31.94 -24.14
N SER C 136 5.25 -31.73 -23.99
CA SER C 136 6.16 -31.98 -25.09
C SER C 136 6.10 -33.43 -25.50
N LYS C 137 6.64 -33.71 -26.69
CA LYS C 137 6.63 -35.07 -27.19
C LYS C 137 7.37 -36.01 -26.24
N THR C 138 8.62 -35.69 -25.93
CA THR C 138 9.37 -36.56 -25.06
C THR C 138 9.15 -36.29 -23.57
N TYR C 139 9.76 -35.23 -23.06
CA TYR C 139 9.56 -34.70 -21.71
C TYR C 139 9.88 -35.65 -20.55
N ASN C 140 9.96 -36.96 -20.81
CA ASN C 140 10.19 -38.00 -19.80
C ASN C 140 9.48 -37.78 -18.47
N VAL C 141 8.15 -37.76 -18.47
CA VAL C 141 7.40 -37.55 -17.23
C VAL C 141 7.51 -38.81 -16.36
N THR C 142 8.33 -38.73 -15.31
CA THR C 142 8.48 -39.86 -14.39
C THR C 142 8.41 -39.49 -12.91
N ASP C 143 8.88 -38.31 -12.50
CA ASP C 143 8.93 -37.98 -11.10
C ASP C 143 7.86 -36.95 -10.75
N ASP C 144 7.96 -36.42 -9.54
CA ASP C 144 7.12 -35.30 -9.14
C ASP C 144 7.90 -34.02 -8.91
N LYS C 145 9.22 -34.11 -8.73
CA LYS C 145 10.05 -32.95 -8.45
C LYS C 145 10.40 -32.15 -9.69
N TYR C 146 9.89 -32.54 -10.85
CA TYR C 146 10.13 -31.84 -12.10
C TYR C 146 8.79 -31.46 -12.71
N GLY C 147 8.57 -30.16 -12.90
CA GLY C 147 7.42 -29.67 -13.62
C GLY C 147 7.85 -29.06 -14.93
N CYS C 148 6.86 -28.73 -15.76
CA CYS C 148 7.10 -28.00 -16.99
C CYS C 148 5.99 -26.98 -17.17
N LEU C 149 6.28 -25.92 -17.89
CA LEU C 149 5.29 -24.85 -18.03
C LEU C 149 4.07 -25.30 -18.82
N SER C 150 4.18 -26.35 -19.63
CA SER C 150 2.98 -26.88 -20.24
C SER C 150 2.03 -27.50 -19.24
N GLY C 151 2.52 -27.85 -18.05
CA GLY C 151 1.68 -28.45 -17.04
C GLY C 151 1.03 -27.43 -16.14
N ASN C 152 1.13 -26.16 -16.52
CA ASN C 152 0.44 -25.08 -15.84
C ASN C 152 -0.28 -24.13 -16.77
N ILE C 153 -0.12 -24.30 -18.08
CA ILE C 153 -0.66 -23.35 -19.05
C ILE C 153 -1.40 -24.13 -20.15
N PRO C 154 -2.65 -23.78 -20.44
CA PRO C 154 -3.41 -24.55 -21.44
C PRO C 154 -2.77 -24.48 -22.81
N ALA C 155 -3.23 -25.35 -23.69
CA ALA C 155 -2.63 -25.44 -25.03
C ALA C 155 -2.85 -24.16 -25.81
N LEU C 156 -3.98 -23.49 -25.61
CA LEU C 156 -4.25 -22.26 -26.36
C LEU C 156 -3.22 -21.19 -26.04
N GLU C 157 -2.91 -21.02 -24.76
CA GLU C 157 -1.94 -19.99 -24.38
C GLU C 157 -0.57 -20.28 -24.96
N LEU C 158 -0.17 -21.54 -24.98
CA LEU C 158 1.15 -21.84 -25.52
C LEU C 158 1.18 -21.68 -27.03
N MET C 159 0.11 -22.08 -27.72
CA MET C 159 0.09 -21.87 -29.16
C MET C 159 0.16 -20.38 -29.48
N ALA C 160 -0.56 -19.58 -28.70
CA ALA C 160 -0.47 -18.13 -28.86
C ALA C 160 0.94 -17.64 -28.62
N LEU C 161 1.61 -18.17 -27.59
CA LEU C 161 2.95 -17.72 -27.28
C LEU C 161 3.94 -18.08 -28.38
N TYR C 162 3.82 -19.30 -28.93
CA TYR C 162 4.72 -19.70 -30.00
C TYR C 162 4.53 -18.85 -31.24
N VAL C 163 3.27 -18.66 -31.65
CA VAL C 163 3.04 -17.81 -32.81
C VAL C 163 3.43 -16.37 -32.54
N ALA C 164 3.35 -15.92 -31.29
CA ALA C 164 3.85 -14.58 -30.98
C ALA C 164 5.34 -14.49 -31.16
N ALA C 165 6.08 -15.50 -30.73
CA ALA C 165 7.52 -15.50 -30.91
C ALA C 165 7.90 -15.60 -32.38
N ALA C 166 7.15 -16.37 -33.16
CA ALA C 166 7.49 -16.54 -34.57
C ALA C 166 7.36 -15.23 -35.34
N MET C 167 6.30 -14.48 -35.08
CA MET C 167 6.11 -13.18 -35.72
C MET C 167 6.20 -12.11 -34.64
N HIS C 168 7.41 -11.70 -34.31
CA HIS C 168 7.61 -10.68 -33.30
C HIS C 168 8.58 -9.61 -33.72
N ASP C 169 9.34 -9.82 -34.78
CA ASP C 169 10.20 -8.80 -35.35
C ASP C 169 9.92 -8.65 -36.85
N TYR C 170 8.67 -8.82 -37.24
CA TYR C 170 8.32 -8.91 -38.64
C TYR C 170 8.58 -7.60 -39.36
N ASP C 171 9.19 -7.69 -40.53
CA ASP C 171 9.44 -6.54 -41.38
C ASP C 171 10.23 -5.46 -40.65
N HIS C 172 11.25 -5.90 -39.94
CA HIS C 172 12.03 -4.96 -39.15
C HIS C 172 12.78 -4.01 -40.08
N PRO C 173 12.67 -2.70 -39.86
CA PRO C 173 13.37 -1.76 -40.74
C PRO C 173 14.87 -1.78 -40.59
N GLY C 174 15.38 -2.37 -39.51
CA GLY C 174 16.79 -2.33 -39.23
C GLY C 174 17.23 -1.22 -38.31
N ARG C 175 16.34 -0.28 -37.98
CA ARG C 175 16.63 0.79 -37.04
C ARG C 175 15.94 0.51 -35.72
N THR C 176 16.24 1.33 -34.73
CA THR C 176 15.63 1.18 -33.42
C THR C 176 14.43 2.12 -33.28
N ASN C 177 13.71 1.98 -32.17
CA ASN C 177 12.59 2.88 -31.91
C ASN C 177 13.08 4.32 -31.79
N ALA C 178 14.15 4.53 -31.03
CA ALA C 178 14.61 5.90 -30.79
C ALA C 178 15.07 6.56 -32.07
N PHE C 179 15.56 5.80 -33.04
CA PHE C 179 15.93 6.39 -34.31
C PHE C 179 14.70 6.83 -35.09
N LEU C 180 13.69 5.96 -35.18
CA LEU C 180 12.47 6.34 -35.88
C LEU C 180 11.80 7.53 -35.22
N VAL C 181 11.92 7.64 -33.90
CA VAL C 181 11.36 8.79 -33.20
C VAL C 181 12.20 10.03 -33.45
N ALA C 182 13.51 9.86 -33.60
CA ALA C 182 14.38 11.00 -33.82
C ALA C 182 14.14 11.62 -35.18
N THR C 183 14.25 10.83 -36.25
CA THR C 183 14.05 11.34 -37.60
C THR C 183 12.59 11.55 -37.94
N SER C 184 11.68 11.22 -37.03
CA SER C 184 10.25 11.36 -37.26
C SER C 184 9.81 10.53 -38.47
N ALA C 185 10.14 9.25 -38.44
CA ALA C 185 9.80 8.39 -39.55
C ALA C 185 8.29 8.19 -39.63
N PRO C 186 7.77 7.87 -40.81
CA PRO C 186 6.34 7.63 -40.94
C PRO C 186 5.82 6.54 -40.02
N GLN C 187 6.60 5.51 -39.73
CA GLN C 187 6.19 4.56 -38.72
C GLN C 187 6.15 5.19 -37.34
N ALA C 188 6.82 6.32 -37.15
CA ALA C 188 6.78 7.00 -35.87
C ALA C 188 5.54 7.86 -35.74
N VAL C 189 5.25 8.66 -36.77
CA VAL C 189 4.00 9.42 -36.76
C VAL C 189 2.81 8.48 -36.70
N LEU C 190 2.84 7.39 -37.46
CA LEU C 190 1.66 6.55 -37.61
C LEU C 190 1.23 5.91 -36.31
N TYR C 191 2.16 5.75 -35.37
CA TYR C 191 1.86 5.07 -34.13
C TYR C 191 2.09 5.93 -32.91
N ASN C 192 2.25 7.23 -33.09
CA ASN C 192 2.25 8.17 -31.98
C ASN C 192 3.45 8.00 -31.06
N ASP C 193 4.55 7.46 -31.58
CA ASP C 193 5.80 7.40 -30.85
C ASP C 193 5.70 6.58 -29.58
N ARG C 194 4.85 5.56 -29.56
CA ARG C 194 4.67 4.74 -28.38
C ARG C 194 4.83 3.28 -28.78
N SER C 195 6.04 2.75 -28.60
CA SER C 195 6.37 1.41 -29.04
C SER C 195 6.07 1.25 -30.52
N VAL C 196 6.80 2.02 -31.32
CA VAL C 196 6.57 2.07 -32.75
C VAL C 196 6.78 0.69 -33.37
N LEU C 197 7.92 0.09 -33.09
CA LEU C 197 8.29 -1.11 -33.82
C LEU C 197 7.39 -2.29 -33.47
N GLU C 198 7.02 -2.44 -32.19
CA GLU C 198 6.24 -3.61 -31.80
C GLU C 198 4.84 -3.54 -32.36
N ASN C 199 4.22 -2.36 -32.28
CA ASN C 199 2.94 -2.16 -32.94
C ASN C 199 3.05 -2.46 -34.41
N HIS C 200 4.14 -2.04 -35.05
CA HIS C 200 4.30 -2.32 -36.47
C HIS C 200 4.40 -3.82 -36.74
N HIS C 201 5.17 -4.53 -35.92
CA HIS C 201 5.33 -5.97 -36.12
C HIS C 201 3.99 -6.69 -36.00
N ALA C 202 3.28 -6.46 -34.91
CA ALA C 202 2.00 -7.14 -34.71
C ALA C 202 1.00 -6.74 -35.79
N ALA C 203 0.95 -5.45 -36.12
CA ALA C 203 0.00 -4.99 -37.12
C ALA C 203 0.25 -5.62 -38.47
N ALA C 204 1.49 -5.53 -38.96
CA ALA C 204 1.80 -6.07 -40.27
C ALA C 204 1.61 -7.58 -40.31
N ALA C 205 2.01 -8.28 -39.25
CA ALA C 205 1.86 -9.73 -39.25
C ALA C 205 0.40 -10.13 -39.31
N TRP C 206 -0.44 -9.51 -38.48
CA TRP C 206 -1.85 -9.89 -38.48
C TRP C 206 -2.53 -9.48 -39.77
N ASN C 207 -2.14 -8.34 -40.34
CA ASN C 207 -2.67 -7.94 -41.63
C ASN C 207 -2.39 -9.01 -42.68
N LEU C 208 -1.13 -9.39 -42.81
CA LEU C 208 -0.76 -10.46 -43.73
C LEU C 208 -1.51 -11.74 -43.44
N PHE C 209 -1.78 -12.03 -42.17
CA PHE C 209 -2.51 -13.25 -41.84
C PHE C 209 -3.92 -13.21 -42.40
N MET C 210 -4.62 -12.11 -42.13
CA MET C 210 -6.01 -12.06 -42.55
C MET C 210 -6.18 -11.79 -44.03
N SER C 211 -5.11 -11.43 -44.73
CA SER C 211 -5.22 -11.10 -46.15
C SER C 211 -5.77 -12.24 -47.00
N ARG C 212 -5.09 -13.37 -47.00
CA ARG C 212 -5.57 -14.45 -47.86
C ARG C 212 -6.49 -15.37 -47.10
N PRO C 213 -7.24 -16.22 -47.81
CA PRO C 213 -8.07 -17.21 -47.13
C PRO C 213 -7.33 -18.48 -46.79
N GLU C 214 -6.27 -18.80 -47.51
CA GLU C 214 -5.53 -20.03 -47.28
C GLU C 214 -4.56 -19.92 -46.11
N TYR C 215 -4.46 -18.76 -45.48
CA TYR C 215 -3.60 -18.60 -44.31
C TYR C 215 -4.30 -19.00 -43.02
N ASN C 216 -5.62 -19.14 -43.03
CA ASN C 216 -6.35 -19.36 -41.79
C ASN C 216 -6.08 -20.76 -41.29
N PHE C 217 -4.97 -20.91 -40.57
CA PHE C 217 -4.70 -22.15 -39.85
C PHE C 217 -5.38 -22.17 -38.49
N LEU C 218 -6.30 -21.24 -38.24
CA LEU C 218 -7.13 -21.22 -37.05
C LEU C 218 -8.58 -21.40 -37.44
N ILE C 219 -8.81 -22.18 -38.50
CA ILE C 219 -10.14 -22.31 -39.07
C ILE C 219 -11.05 -23.06 -38.13
N ASN C 220 -10.54 -24.03 -37.39
CA ASN C 220 -11.36 -24.79 -36.45
C ASN C 220 -11.25 -24.23 -35.04
N LEU C 221 -11.49 -22.94 -34.88
CA LEU C 221 -11.58 -22.32 -33.58
C LEU C 221 -12.97 -21.72 -33.38
N ASP C 222 -13.25 -21.34 -32.15
CA ASP C 222 -14.48 -20.67 -31.78
C ASP C 222 -14.27 -19.17 -31.96
N HIS C 223 -15.37 -18.42 -32.00
CA HIS C 223 -15.27 -16.97 -32.01
C HIS C 223 -14.51 -16.47 -30.78
N VAL C 224 -14.95 -16.91 -29.60
CA VAL C 224 -14.30 -16.47 -28.37
C VAL C 224 -12.88 -17.00 -28.31
N GLU C 225 -12.67 -18.23 -28.76
CA GLU C 225 -11.33 -18.80 -28.76
C GLU C 225 -10.39 -17.95 -29.61
N PHE C 226 -10.81 -17.62 -30.82
CA PHE C 226 -9.95 -16.83 -31.70
C PHE C 226 -9.73 -15.44 -31.13
N LYS C 227 -10.76 -14.87 -30.48
CA LYS C 227 -10.57 -13.56 -29.87
C LYS C 227 -9.51 -13.61 -28.79
N HIS C 228 -9.60 -14.61 -27.92
CA HIS C 228 -8.61 -14.74 -26.86
C HIS C 228 -7.23 -14.98 -27.43
N PHE C 229 -7.14 -15.78 -28.49
CA PHE C 229 -5.86 -16.08 -29.10
C PHE C 229 -5.23 -14.82 -29.65
N ARG C 230 -6.03 -14.00 -30.35
CA ARG C 230 -5.50 -12.77 -30.91
C ARG C 230 -5.04 -11.83 -29.80
N PHE C 231 -5.81 -11.75 -28.72
CA PHE C 231 -5.43 -10.89 -27.61
C PHE C 231 -4.10 -11.31 -27.01
N LEU C 232 -3.94 -12.61 -26.78
CA LEU C 232 -2.71 -13.10 -26.18
C LEU C 232 -1.52 -12.90 -27.10
N VAL C 233 -1.71 -13.13 -28.41
CA VAL C 233 -0.61 -12.96 -29.35
C VAL C 233 -0.14 -11.53 -29.36
N ILE C 234 -1.08 -10.59 -29.41
CA ILE C 234 -0.69 -9.18 -29.49
C ILE C 234 -0.05 -8.72 -28.19
N GLU C 235 -0.57 -9.19 -27.06
CA GLU C 235 0.05 -8.86 -25.78
C GLU C 235 1.48 -9.38 -25.72
N ALA C 236 1.68 -10.62 -26.16
CA ALA C 236 3.01 -11.22 -26.14
C ALA C 236 3.98 -10.42 -26.99
N ILE C 237 3.57 -10.07 -28.21
CA ILE C 237 4.47 -9.31 -29.07
C ILE C 237 4.75 -7.94 -28.49
N LEU C 238 3.75 -7.32 -27.86
CA LEU C 238 3.97 -6.00 -27.29
C LEU C 238 4.81 -6.05 -26.03
N ALA C 239 4.99 -7.24 -25.46
CA ALA C 239 5.81 -7.34 -24.26
C ALA C 239 7.29 -7.16 -24.55
N THR C 240 7.71 -7.32 -25.80
CA THR C 240 9.14 -7.34 -26.11
C THR C 240 9.67 -5.95 -26.42
N ASP C 241 9.01 -4.92 -25.91
CA ASP C 241 9.47 -3.55 -26.08
C ASP C 241 10.43 -3.20 -24.95
N LEU C 242 11.70 -3.02 -25.30
CA LEU C 242 12.75 -2.84 -24.31
C LEU C 242 12.55 -1.61 -23.44
N LYS C 243 11.76 -0.64 -23.87
CA LYS C 243 11.50 0.51 -23.02
C LYS C 243 10.75 0.11 -21.75
N LYS C 244 9.87 -0.88 -21.86
CA LYS C 244 9.03 -1.31 -20.74
C LYS C 244 9.68 -2.46 -20.00
N HIS C 245 11.01 -2.46 -19.94
CA HIS C 245 11.71 -3.61 -19.37
C HIS C 245 11.67 -3.57 -17.85
N PHE C 246 12.13 -2.47 -17.25
CA PHE C 246 12.17 -2.41 -15.80
C PHE C 246 10.79 -2.45 -15.19
N ASP C 247 9.79 -1.96 -15.92
CA ASP C 247 8.42 -2.09 -15.43
C ASP C 247 8.02 -3.54 -15.31
N PHE C 248 8.30 -4.34 -16.34
CA PHE C 248 7.98 -5.75 -16.28
C PHE C 248 8.76 -6.44 -15.19
N VAL C 249 10.04 -6.10 -15.04
CA VAL C 249 10.83 -6.74 -14.00
C VAL C 249 10.28 -6.43 -12.62
N ALA C 250 9.94 -5.17 -12.36
CA ALA C 250 9.41 -4.80 -11.06
C ALA C 250 8.05 -5.45 -10.81
N LYS C 251 7.22 -5.56 -11.84
CA LYS C 251 5.93 -6.22 -11.65
C LYS C 251 6.12 -7.70 -11.36
N PHE C 252 7.06 -8.36 -12.03
CA PHE C 252 7.26 -9.77 -11.75
C PHE C 252 7.94 -9.99 -10.42
N ASN C 253 8.71 -9.02 -9.94
CA ASN C 253 9.25 -9.12 -8.60
C ASN C 253 8.17 -8.99 -7.56
N GLY C 254 7.33 -7.97 -7.67
CA GLY C 254 6.28 -7.77 -6.69
C GLY C 254 5.22 -8.84 -6.67
N LYS C 255 5.15 -9.67 -7.70
CA LYS C 255 4.12 -10.71 -7.80
C LYS C 255 4.68 -12.09 -7.49
N VAL C 256 5.91 -12.18 -7.01
CA VAL C 256 6.49 -13.45 -6.61
C VAL C 256 7.15 -13.31 -5.26
N ASN C 257 7.32 -12.06 -4.82
CA ASN C 257 8.11 -11.81 -3.63
C ASN C 257 7.26 -11.84 -2.36
N ASP C 258 6.31 -10.93 -2.26
CA ASP C 258 5.52 -10.79 -1.04
C ASP C 258 4.14 -11.40 -1.17
N ASP C 259 3.75 -11.80 -2.37
CA ASP C 259 2.39 -12.29 -2.59
C ASP C 259 2.28 -13.73 -2.15
N VAL C 260 1.21 -14.39 -2.58
CA VAL C 260 1.02 -15.82 -2.34
C VAL C 260 1.88 -16.64 -3.31
N GLY C 261 2.68 -15.98 -4.14
CA GLY C 261 3.49 -16.66 -5.12
C GLY C 261 2.90 -16.49 -6.50
N ILE C 262 2.49 -17.60 -7.09
CA ILE C 262 1.93 -17.61 -8.43
C ILE C 262 0.70 -18.50 -8.41
N ASP C 263 -0.49 -17.88 -8.41
CA ASP C 263 -1.73 -18.65 -8.54
C ASP C 263 -2.01 -18.87 -10.01
N TRP C 264 -1.69 -20.08 -10.45
CA TRP C 264 -1.72 -20.37 -11.88
C TRP C 264 -3.16 -20.38 -12.41
N THR C 265 -4.14 -20.51 -11.52
CA THR C 265 -5.52 -20.39 -11.98
C THR C 265 -5.83 -18.98 -12.46
N ASN C 266 -5.12 -17.98 -11.95
CA ASN C 266 -5.27 -16.61 -12.45
C ASN C 266 -4.89 -16.56 -13.92
N GLU C 267 -5.66 -15.81 -14.69
CA GLU C 267 -5.24 -15.56 -16.06
C GLU C 267 -4.24 -14.42 -16.11
N ASN C 268 -4.32 -13.48 -15.17
CA ASN C 268 -3.32 -12.42 -15.09
C ASN C 268 -1.93 -13.00 -14.85
N ASP C 269 -1.82 -13.96 -13.92
CA ASP C 269 -0.53 -14.57 -13.65
C ASP C 269 0.02 -15.30 -14.87
N ARG C 270 -0.83 -16.09 -15.54
CA ARG C 270 -0.35 -16.81 -16.71
C ARG C 270 0.06 -15.86 -17.81
N LEU C 271 -0.71 -14.80 -18.02
CA LEU C 271 -0.33 -13.79 -19.00
C LEU C 271 1.00 -13.15 -18.65
N LEU C 272 1.19 -12.75 -17.40
CA LEU C 272 2.44 -12.12 -17.01
C LEU C 272 3.61 -13.08 -17.13
N VAL C 273 3.36 -14.37 -16.87
CA VAL C 273 4.45 -15.34 -16.97
C VAL C 273 4.86 -15.52 -18.43
N CYS C 274 3.89 -15.64 -19.34
CA CYS C 274 4.26 -15.72 -20.76
C CYS C 274 4.92 -14.45 -21.24
N GLN C 275 4.48 -13.29 -20.77
CA GLN C 275 5.16 -12.06 -21.14
C GLN C 275 6.60 -12.07 -20.70
N MET C 276 6.86 -12.46 -19.45
CA MET C 276 8.25 -12.52 -18.99
C MET C 276 9.04 -13.57 -19.74
N CYS C 277 8.41 -14.68 -20.07
CA CYS C 277 9.12 -15.74 -20.77
C CYS C 277 9.59 -15.28 -22.14
N ILE C 278 8.71 -14.62 -22.89
CA ILE C 278 9.17 -14.15 -24.20
C ILE C 278 10.12 -12.98 -24.06
N LYS C 279 9.98 -12.17 -23.01
CA LYS C 279 10.99 -11.15 -22.75
C LYS C 279 12.36 -11.76 -22.62
N LEU C 280 12.45 -12.84 -21.85
CA LEU C 280 13.73 -13.51 -21.64
C LEU C 280 14.19 -14.21 -22.90
N ALA C 281 13.26 -14.68 -23.72
CA ALA C 281 13.67 -15.38 -24.92
C ALA C 281 14.22 -14.44 -26.00
N ASP C 282 13.64 -13.26 -26.17
CA ASP C 282 14.12 -12.39 -27.25
C ASP C 282 15.54 -11.93 -26.98
N ILE C 283 15.90 -11.72 -25.72
CA ILE C 283 17.28 -11.39 -25.35
C ILE C 283 17.90 -12.66 -24.77
N ASN C 284 18.50 -13.47 -25.64
CA ASN C 284 19.14 -14.70 -25.20
C ASN C 284 20.46 -14.94 -25.91
N GLY C 285 21.05 -13.93 -26.52
CA GLY C 285 22.39 -14.03 -27.03
C GLY C 285 23.36 -14.40 -25.93
N PRO C 286 23.43 -13.58 -24.88
CA PRO C 286 24.35 -13.90 -23.78
C PRO C 286 23.80 -14.92 -22.82
N ALA C 287 23.27 -16.02 -23.34
CA ALA C 287 22.92 -17.14 -22.50
C ALA C 287 23.18 -18.46 -23.19
N LYS C 288 23.95 -18.47 -24.27
CA LYS C 288 24.33 -19.68 -24.95
C LYS C 288 25.83 -19.89 -24.84
N CYS C 289 26.36 -20.87 -25.56
CA CYS C 289 27.80 -21.07 -25.58
C CYS C 289 28.50 -19.84 -26.14
N LYS C 290 29.83 -19.84 -26.03
CA LYS C 290 30.56 -18.63 -26.36
C LYS C 290 30.49 -18.32 -27.85
N GLU C 291 30.57 -19.32 -28.71
CA GLU C 291 30.61 -19.04 -30.14
C GLU C 291 29.26 -18.54 -30.64
N LEU C 292 28.17 -19.14 -30.18
CA LEU C 292 26.84 -18.68 -30.58
C LEU C 292 26.63 -17.23 -30.18
N HIS C 293 26.92 -16.91 -28.92
CA HIS C 293 26.77 -15.54 -28.45
C HIS C 293 27.67 -14.60 -29.22
N LEU C 294 28.87 -15.03 -29.57
CA LEU C 294 29.75 -14.17 -30.34
C LEU C 294 29.15 -13.89 -31.70
N GLN C 295 28.49 -14.87 -32.31
CA GLN C 295 27.87 -14.65 -33.61
C GLN C 295 26.72 -13.66 -33.50
N TRP C 296 25.87 -13.83 -32.50
CA TRP C 296 24.77 -12.89 -32.31
C TRP C 296 25.29 -11.49 -32.05
N THR C 297 26.36 -11.36 -31.26
CA THR C 297 26.93 -10.05 -31.02
C THR C 297 27.49 -9.45 -32.29
N ASP C 298 28.12 -10.27 -33.13
CA ASP C 298 28.58 -9.78 -34.42
C ASP C 298 27.42 -9.23 -35.25
N GLY C 299 26.30 -9.94 -35.25
CA GLY C 299 25.13 -9.45 -35.97
C GLY C 299 24.65 -8.12 -35.43
N ILE C 300 24.50 -8.01 -34.12
CA ILE C 300 23.91 -6.80 -33.56
C ILE C 300 24.84 -5.61 -33.74
N VAL C 301 26.15 -5.84 -33.65
CA VAL C 301 27.06 -4.73 -33.89
C VAL C 301 27.01 -4.31 -35.36
N ASN C 302 26.85 -5.27 -36.28
CA ASN C 302 26.73 -4.89 -37.69
C ASN C 302 25.50 -4.04 -37.92
N GLU C 303 24.39 -4.41 -37.27
CA GLU C 303 23.16 -3.65 -37.48
C GLU C 303 23.27 -2.25 -36.89
N PHE C 304 23.85 -2.13 -35.71
CA PHE C 304 24.07 -0.80 -35.13
C PHE C 304 24.99 0.02 -36.01
N TYR C 305 25.98 -0.62 -36.63
CA TYR C 305 26.87 0.12 -37.51
C TYR C 305 26.14 0.64 -38.73
N GLU C 306 25.25 -0.18 -39.30
CA GLU C 306 24.42 0.30 -40.41
C GLU C 306 23.62 1.53 -39.99
N GLN C 307 22.97 1.46 -38.84
CA GLN C 307 22.14 2.57 -38.39
C GLN C 307 22.96 3.81 -38.15
N GLY C 308 24.13 3.66 -37.54
CA GLY C 308 24.99 4.82 -37.33
C GLY C 308 25.49 5.39 -38.64
N ASP C 309 25.77 4.54 -39.61
CA ASP C 309 26.15 5.00 -40.94
C ASP C 309 25.07 5.90 -41.52
N GLU C 310 23.82 5.45 -41.46
CA GLU C 310 22.75 6.31 -41.95
C GLU C 310 22.61 7.56 -41.12
N GLU C 311 22.86 7.47 -39.82
CA GLU C 311 22.62 8.60 -38.93
C GLU C 311 23.64 9.71 -39.13
N ALA C 312 24.89 9.37 -39.43
CA ALA C 312 25.88 10.40 -39.68
C ALA C 312 25.62 11.13 -40.99
N SER C 313 24.93 10.48 -41.93
CA SER C 313 24.67 11.09 -43.22
C SER C 313 23.54 12.10 -43.18
N LEU C 314 22.59 11.95 -42.26
CA LEU C 314 21.49 12.88 -42.15
C LEU C 314 21.81 14.09 -41.31
N GLY C 315 23.06 14.24 -40.86
CA GLY C 315 23.49 15.38 -40.09
C GLY C 315 23.36 15.23 -38.59
N LEU C 316 22.76 14.14 -38.13
CA LEU C 316 22.53 13.97 -36.71
C LEU C 316 23.81 13.54 -36.01
N PRO C 317 24.00 13.95 -34.76
CA PRO C 317 25.15 13.47 -34.00
C PRO C 317 25.08 11.97 -33.80
N ILE C 318 26.19 11.30 -34.09
CA ILE C 318 26.19 9.85 -34.16
C ILE C 318 25.88 9.27 -32.79
N SER C 319 25.23 8.11 -32.79
CA SER C 319 24.74 7.53 -31.55
C SER C 319 25.87 6.85 -30.79
N PRO C 320 25.71 6.67 -29.49
CA PRO C 320 26.70 5.90 -28.72
C PRO C 320 26.71 4.45 -29.17
N PHE C 321 27.90 3.86 -29.19
CA PHE C 321 28.14 2.47 -29.57
C PHE C 321 27.92 2.20 -31.05
N MET C 322 27.47 3.18 -31.82
CA MET C 322 27.05 2.98 -33.20
C MET C 322 28.00 3.65 -34.17
N ASP C 323 29.29 3.55 -33.90
CA ASP C 323 30.30 4.16 -34.75
C ASP C 323 31.33 3.11 -35.09
N ARG C 324 31.24 2.56 -36.31
CA ARG C 324 32.21 1.54 -36.73
C ARG C 324 33.63 2.08 -36.80
N SER C 325 33.81 3.40 -36.81
CA SER C 325 35.13 3.99 -36.79
C SER C 325 35.67 4.20 -35.38
N ALA C 326 34.87 3.93 -34.36
CA ALA C 326 35.31 3.98 -32.96
C ALA C 326 34.52 2.95 -32.15
N PRO C 327 34.74 1.67 -32.39
CA PRO C 327 33.89 0.65 -31.77
C PRO C 327 34.14 0.50 -30.28
N GLN C 328 33.07 0.26 -29.55
CA GLN C 328 33.09 -0.03 -28.13
C GLN C 328 32.27 -1.26 -27.84
N LEU C 329 32.53 -2.30 -28.63
CA LEU C 329 31.72 -3.51 -28.62
C LEU C 329 31.66 -4.15 -27.24
N ALA C 330 32.81 -4.34 -26.61
CA ALA C 330 32.83 -5.00 -25.31
C ALA C 330 32.14 -4.13 -24.25
N ASN C 331 32.29 -2.82 -24.33
CA ASN C 331 31.56 -1.94 -23.44
C ASN C 331 30.07 -2.21 -23.53
N LEU C 332 29.55 -2.22 -24.78
CA LEU C 332 28.13 -2.47 -25.01
C LEU C 332 27.71 -3.81 -24.43
N GLN C 333 28.46 -4.86 -24.71
CA GLN C 333 28.00 -6.18 -24.31
C GLN C 333 28.05 -6.36 -22.81
N GLU C 334 29.08 -5.82 -22.15
CA GLU C 334 29.12 -5.92 -20.70
C GLU C 334 27.98 -5.14 -20.06
N SER C 335 27.78 -3.89 -20.48
CA SER C 335 26.71 -3.10 -19.89
C SER C 335 25.37 -3.75 -20.15
N PHE C 336 25.19 -4.32 -21.33
CA PHE C 336 23.94 -5.01 -21.65
C PHE C 336 23.72 -6.18 -20.71
N ILE C 337 24.72 -7.05 -20.58
CA ILE C 337 24.54 -8.23 -19.74
C ILE C 337 24.30 -7.84 -18.30
N SER C 338 24.92 -6.76 -17.85
CA SER C 338 24.76 -6.37 -16.46
C SER C 338 23.43 -5.70 -16.18
N HIS C 339 22.93 -4.90 -17.12
CA HIS C 339 21.75 -4.09 -16.88
C HIS C 339 20.46 -4.74 -17.36
N ILE C 340 20.46 -5.41 -18.50
CA ILE C 340 19.25 -5.91 -19.12
C ILE C 340 19.04 -7.39 -18.82
N VAL C 341 19.94 -8.25 -19.27
CA VAL C 341 19.70 -9.68 -19.10
C VAL C 341 19.95 -10.14 -17.68
N GLY C 342 20.72 -9.40 -16.90
CA GLY C 342 21.03 -9.80 -15.55
C GLY C 342 19.79 -9.82 -14.68
N PRO C 343 19.26 -8.63 -14.40
CA PRO C 343 18.09 -8.57 -13.51
C PRO C 343 16.90 -9.34 -14.02
N LEU C 344 16.74 -9.46 -15.33
CA LEU C 344 15.64 -10.25 -15.85
C LEU C 344 15.81 -11.72 -15.49
N CYS C 345 17.00 -12.29 -15.73
CA CYS C 345 17.22 -13.68 -15.37
C CYS C 345 17.15 -13.89 -13.87
N ASN C 346 17.57 -12.89 -13.09
CA ASN C 346 17.43 -12.99 -11.65
C ASN C 346 15.97 -13.09 -11.24
N SER C 347 15.13 -12.20 -11.75
CA SER C 347 13.73 -12.22 -11.36
C SER C 347 13.05 -13.47 -11.88
N TYR C 348 13.43 -13.94 -13.06
CA TYR C 348 12.87 -15.15 -13.61
C TYR C 348 13.27 -16.39 -12.82
N ASP C 349 14.48 -16.39 -12.24
CA ASP C 349 14.95 -17.55 -11.51
C ASP C 349 14.50 -17.57 -10.07
N SER C 350 14.49 -16.40 -9.40
CA SER C 350 14.05 -16.33 -8.01
C SER C 350 12.64 -16.82 -7.83
N ALA C 351 11.82 -16.74 -8.87
CA ALA C 351 10.49 -17.35 -8.87
C ALA C 351 10.54 -18.83 -9.21
N GLY C 352 11.72 -19.43 -9.24
CA GLY C 352 11.86 -20.86 -9.38
C GLY C 352 11.26 -21.43 -10.65
N LEU C 353 11.48 -20.75 -11.76
CA LEU C 353 10.98 -21.21 -13.04
C LEU C 353 12.06 -21.55 -14.03
N MET C 354 13.29 -21.19 -13.77
CA MET C 354 14.36 -21.47 -14.71
C MET C 354 14.56 -22.97 -14.80
N PRO C 355 14.73 -23.53 -16.00
CA PRO C 355 14.92 -24.98 -16.13
C PRO C 355 16.34 -25.36 -15.75
N GLY C 356 16.46 -26.42 -14.95
CA GLY C 356 17.77 -26.90 -14.52
C GLY C 356 17.71 -28.32 -14.04
N LYS C 357 18.67 -28.70 -13.20
CA LYS C 357 18.73 -30.07 -12.71
C LYS C 357 19.29 -30.06 -11.29
N TRP C 358 18.94 -31.09 -10.53
CA TRP C 358 19.46 -31.22 -9.19
C TRP C 358 20.94 -31.58 -9.23
N VAL C 359 21.53 -31.68 -8.04
CA VAL C 359 22.89 -32.18 -7.88
C VAL C 359 22.82 -33.21 -6.76
N GLU C 360 23.04 -34.48 -7.09
CA GLU C 360 22.96 -35.54 -6.10
C GLU C 360 24.17 -35.53 -5.17
N LYS C 402 23.07 -26.96 -4.86
CA LYS C 402 22.09 -28.03 -4.80
C LYS C 402 21.51 -28.31 -6.18
N ILE C 403 21.34 -27.26 -6.97
CA ILE C 403 20.72 -27.33 -8.29
C ILE C 403 21.67 -26.71 -9.30
N TYR C 404 21.75 -27.30 -10.48
CA TYR C 404 22.61 -26.78 -11.54
C TYR C 404 21.76 -26.22 -12.67
N CYS C 405 21.97 -24.94 -12.99
CA CYS C 405 21.27 -24.26 -14.07
C CYS C 405 22.29 -23.87 -15.13
N GLN C 406 22.09 -24.37 -16.34
CA GLN C 406 23.03 -24.09 -17.42
C GLN C 406 23.02 -22.63 -17.84
N ILE C 407 21.84 -22.01 -17.81
CA ILE C 407 21.66 -20.70 -18.39
C ILE C 407 22.44 -19.65 -17.63
N THR C 408 22.22 -19.56 -16.32
CA THR C 408 22.91 -18.54 -15.55
C THR C 408 24.42 -18.79 -15.53
N GLN C 409 24.84 -20.05 -15.62
CA GLN C 409 26.27 -20.32 -15.71
C GLN C 409 26.86 -19.74 -17.00
N HIS C 410 26.20 -19.98 -18.13
CA HIS C 410 26.64 -19.38 -19.38
C HIS C 410 26.67 -17.86 -19.26
N LEU C 411 25.68 -17.29 -18.59
CA LEU C 411 25.60 -15.85 -18.43
C LEU C 411 26.81 -15.33 -17.67
N LEU C 412 27.14 -15.98 -16.55
CA LEU C 412 28.28 -15.55 -15.75
C LEU C 412 29.58 -15.67 -16.54
N GLN C 413 29.73 -16.76 -17.30
CA GLN C 413 30.95 -16.94 -18.08
C GLN C 413 31.11 -15.83 -19.10
N ASN C 414 30.05 -15.52 -19.83
CA ASN C 414 30.16 -14.48 -20.85
C ASN C 414 30.40 -13.12 -20.23
N HIS C 415 29.74 -12.83 -19.11
CA HIS C 415 29.96 -11.54 -18.45
C HIS C 415 31.41 -11.41 -18.01
N LYS C 416 31.98 -12.49 -17.47
CA LYS C 416 33.38 -12.45 -17.09
C LYS C 416 34.28 -12.24 -18.29
N MET C 417 33.94 -12.85 -19.42
CA MET C 417 34.76 -12.68 -20.62
C MET C 417 34.78 -11.23 -21.08
N TRP C 418 33.60 -10.60 -21.13
CA TRP C 418 33.56 -9.21 -21.55
C TRP C 418 34.24 -8.30 -20.53
N LYS C 419 34.17 -8.66 -19.25
CA LYS C 419 34.90 -7.90 -18.24
C LYS C 419 36.40 -8.04 -18.43
N LYS C 420 36.89 -9.21 -18.85
CA LYS C 420 38.30 -9.37 -19.28
C LYS C 420 38.66 -8.43 -20.42
N VAL C 421 37.82 -8.39 -21.46
CA VAL C 421 38.16 -7.58 -22.62
C VAL C 421 38.20 -6.10 -22.24
N ILE C 422 37.24 -5.65 -21.43
CA ILE C 422 37.22 -4.26 -21.00
C ILE C 422 38.46 -3.93 -20.18
N GLU C 423 38.78 -4.79 -19.21
CA GLU C 423 39.92 -4.53 -18.33
C GLU C 423 41.21 -4.45 -19.13
N GLU C 424 41.43 -5.43 -20.00
CA GLU C 424 42.66 -5.45 -20.79
C GLU C 424 42.76 -4.23 -21.70
N GLU C 425 41.65 -3.86 -22.34
CA GLU C 425 41.70 -2.69 -23.22
C GLU C 425 42.03 -1.43 -22.45
N GLN C 426 41.37 -1.21 -21.32
CA GLN C 426 41.62 0.00 -20.55
C GLN C 426 43.05 0.01 -20.03
N ARG C 427 43.55 -1.16 -19.63
CA ARG C 427 44.91 -1.24 -19.12
C ARG C 427 45.92 -0.87 -20.21
N LEU C 428 45.75 -1.45 -21.40
CA LEU C 428 46.67 -1.16 -22.50
C LEU C 428 46.59 0.31 -22.89
N ALA C 429 45.38 0.87 -22.92
CA ALA C 429 45.24 2.26 -23.32
C ALA C 429 45.86 3.19 -22.29
N GLY C 430 45.66 2.90 -21.00
CA GLY C 430 46.30 3.70 -19.98
C GLY C 430 47.81 3.58 -20.00
N ILE C 431 48.32 2.41 -20.37
CA ILE C 431 49.76 2.27 -20.54
C ILE C 431 50.25 3.15 -21.68
N GLU C 432 49.65 3.01 -22.85
CA GLU C 432 50.19 3.65 -24.05
C GLU C 432 50.02 5.16 -23.98
N ASN C 433 48.83 5.61 -23.60
CA ASN C 433 48.50 7.02 -23.60
C ASN C 433 48.85 7.73 -22.31
N GLN C 434 49.49 7.02 -21.37
CA GLN C 434 50.00 7.63 -20.15
C GLN C 434 48.87 8.22 -19.30
N ASN D 1 18.73 20.86 33.52
CA ASN D 1 18.22 20.45 32.21
C ASN D 1 19.12 19.46 31.50
N ILE D 2 19.01 19.44 30.17
CA ILE D 2 19.72 18.49 29.33
C ILE D 2 20.40 19.28 28.23
N SER D 3 21.73 19.19 28.18
CA SER D 3 22.54 20.05 27.34
C SER D 3 23.32 19.21 26.34
N VAL D 4 23.33 19.66 25.09
CA VAL D 4 24.06 18.94 24.05
C VAL D 4 25.55 19.16 24.27
N ASP D 5 26.26 18.11 24.65
CA ASP D 5 27.67 18.23 24.98
C ASP D 5 28.43 18.51 23.70
N LEU D 6 28.77 19.77 23.47
CA LEU D 6 29.53 20.17 22.29
C LEU D 6 31.03 19.92 22.44
N GLU D 7 31.44 19.29 23.53
CA GLU D 7 32.86 19.13 23.85
C GLU D 7 33.25 17.66 23.84
N THR D 8 32.73 16.90 22.90
CA THR D 8 33.09 15.51 22.74
C THR D 8 33.69 15.29 21.37
N ASN D 9 34.57 14.31 21.28
CA ASN D 9 35.16 13.90 20.02
C ASN D 9 34.35 12.81 19.34
N TYR D 10 33.11 12.64 19.74
CA TYR D 10 32.21 11.69 19.09
C TYR D 10 31.57 12.34 17.88
N ALA D 11 31.36 11.55 16.85
CA ALA D 11 30.64 12.01 15.66
C ALA D 11 29.13 11.80 15.85
N GLU D 12 28.61 12.36 16.93
CA GLU D 12 27.22 12.10 17.29
C GLU D 12 26.71 13.21 18.18
N LEU D 13 25.40 13.21 18.38
CA LEU D 13 24.79 14.08 19.37
C LEU D 13 25.02 13.46 20.75
N VAL D 14 25.62 14.21 21.65
CA VAL D 14 25.83 13.77 23.01
C VAL D 14 24.99 14.64 23.92
N LEU D 15 24.25 14.02 24.81
CA LEU D 15 23.44 14.74 25.78
C LEU D 15 23.96 14.48 27.18
N ASP D 16 23.98 15.53 27.98
CA ASP D 16 24.52 15.48 29.33
C ASP D 16 23.34 15.60 30.29
N VAL D 17 23.02 14.49 30.95
CA VAL D 17 21.88 14.45 31.87
C VAL D 17 22.26 14.83 33.29
N GLY D 18 23.44 15.38 33.52
CA GLY D 18 23.83 15.73 34.87
C GLY D 18 24.20 14.50 35.67
N ARG D 19 24.39 14.65 36.97
CA ARG D 19 24.76 13.52 37.80
C ARG D 19 23.60 12.53 37.86
N VAL D 20 23.93 11.25 37.96
CA VAL D 20 22.90 10.21 37.95
C VAL D 20 23.40 9.03 38.77
N THR D 21 22.65 8.70 39.82
CA THR D 21 22.95 7.49 40.58
C THR D 21 22.67 6.28 39.71
N LEU D 22 23.28 5.15 40.04
CA LEU D 22 23.07 3.95 39.26
C LEU D 22 23.23 2.72 40.14
N GLY D 23 22.69 1.62 39.66
CA GLY D 23 22.74 0.37 40.41
C GLY D 23 21.43 0.09 41.09
N GLU D 24 21.03 -1.18 41.06
CA GLU D 24 19.73 -1.56 41.63
C GLU D 24 19.68 -1.27 43.13
N ASN D 25 20.72 -1.66 43.85
CA ASN D 25 20.74 -1.42 45.29
C ASN D 25 21.00 0.04 45.61
N SER D 26 21.72 0.75 44.75
CA SER D 26 21.95 2.17 45.03
C SER D 26 20.71 2.99 44.72
N ARG D 27 19.93 2.58 43.72
CA ARG D 27 18.67 3.26 43.46
C ARG D 27 17.62 2.91 44.51
N LYS D 28 17.55 1.64 44.90
CA LYS D 28 16.54 1.20 45.85
C LYS D 28 16.72 1.89 47.20
N LYS D 29 17.94 1.88 47.71
CA LYS D 29 18.22 2.51 49.00
C LYS D 29 18.47 3.99 48.90
N MET D 30 18.04 4.64 47.83
CA MET D 30 18.22 6.06 47.68
C MET D 30 17.18 6.81 48.50
N LYS D 31 17.65 7.60 49.47
CA LYS D 31 16.76 8.28 50.41
C LYS D 31 16.35 9.66 49.92
N ASP D 32 15.87 9.73 48.68
CA ASP D 32 15.29 10.98 48.16
C ASP D 32 14.42 10.61 46.96
N CYS D 33 13.12 10.45 47.19
CA CYS D 33 12.25 9.96 46.14
C CYS D 33 12.07 10.99 45.04
N LYS D 34 11.94 12.26 45.40
CA LYS D 34 11.79 13.29 44.38
C LYS D 34 13.03 13.36 43.50
N LEU D 35 14.21 13.28 44.09
CA LEU D 35 15.43 13.32 43.30
C LEU D 35 15.51 12.13 42.36
N ARG D 36 15.15 10.94 42.84
CA ARG D 36 15.20 9.76 42.01
C ARG D 36 14.24 9.88 40.84
N LYS D 37 13.02 10.33 41.10
CA LYS D 37 12.07 10.53 40.01
C LYS D 37 12.59 11.57 39.02
N LYS D 38 13.24 12.63 39.52
CA LYS D 38 13.73 13.66 38.62
C LYS D 38 14.86 13.12 37.74
N GLN D 39 15.76 12.33 38.30
CA GLN D 39 16.82 11.74 37.50
C GLN D 39 16.26 10.80 36.45
N ASN D 40 15.33 9.93 36.85
CA ASN D 40 14.72 9.02 35.89
C ASN D 40 14.03 9.79 34.77
N GLU D 41 13.34 10.87 35.12
CA GLU D 41 12.67 11.67 34.10
C GLU D 41 13.67 12.35 33.18
N SER D 42 14.79 12.80 33.71
CA SER D 42 15.78 13.45 32.85
C SER D 42 16.36 12.46 31.86
N VAL D 43 16.67 11.25 32.33
CA VAL D 43 17.20 10.24 31.42
C VAL D 43 16.17 9.85 30.38
N SER D 44 14.89 9.75 30.77
CA SER D 44 13.88 9.37 29.79
C SER D 44 13.66 10.48 28.76
N ARG D 45 13.68 11.73 29.20
CA ARG D 45 13.63 12.84 28.24
C ARG D 45 14.78 12.76 27.26
N ALA D 46 15.98 12.51 27.77
CA ALA D 46 17.14 12.41 26.88
C ALA D 46 16.96 11.28 25.89
N MET D 47 16.49 10.14 26.34
CA MET D 47 16.39 8.99 25.45
C MET D 47 15.31 9.20 24.39
N CYS D 48 14.19 9.79 24.76
CA CYS D 48 13.18 10.09 23.74
C CYS D 48 13.70 11.10 22.75
N ALA D 49 14.39 12.13 23.22
CA ALA D 49 14.93 13.15 22.33
C ALA D 49 15.94 12.55 21.37
N LEU D 50 16.71 11.57 21.83
CA LEU D 50 17.65 10.91 20.94
C LEU D 50 16.92 10.05 19.93
N LEU D 51 15.93 9.28 20.36
CA LEU D 51 15.24 8.41 19.42
C LEU D 51 14.54 9.19 18.33
N ASN D 52 14.01 10.37 18.67
CA ASN D 52 13.22 11.09 17.69
C ASN D 52 14.05 11.76 16.62
N SER D 53 15.35 11.95 16.85
CA SER D 53 16.19 12.72 15.92
C SER D 53 17.46 11.95 15.61
N GLY D 54 17.38 11.00 14.69
CA GLY D 54 18.55 10.20 14.36
C GLY D 54 19.05 9.45 15.58
N GLY D 55 20.35 9.20 15.61
CA GLY D 55 20.88 8.46 16.74
C GLY D 55 21.33 9.40 17.83
N GLY D 56 22.27 8.97 18.66
CA GLY D 56 22.78 9.83 19.71
C GLY D 56 23.40 9.00 20.82
N VAL D 57 23.95 9.70 21.79
CA VAL D 57 24.60 9.05 22.92
C VAL D 57 24.34 9.87 24.17
N ILE D 58 23.91 9.21 25.23
CA ILE D 58 23.59 9.86 26.49
C ILE D 58 24.75 9.65 27.45
N LYS D 59 25.23 10.72 28.04
CA LYS D 59 26.39 10.68 28.92
C LYS D 59 25.97 11.12 30.31
N ALA D 60 26.13 10.24 31.28
CA ALA D 60 25.66 10.49 32.65
C ALA D 60 26.82 10.33 33.61
N GLU D 61 27.06 11.36 34.42
CA GLU D 61 28.10 11.27 35.44
C GLU D 61 27.67 10.38 36.58
N ILE D 62 28.47 9.36 36.88
CA ILE D 62 28.12 8.43 37.94
C ILE D 62 28.14 9.15 39.27
N GLU D 63 27.00 9.16 39.96
CA GLU D 63 26.89 9.94 41.18
C GLU D 63 27.49 9.21 42.39
N ASN D 64 27.13 7.94 42.58
CA ASN D 64 27.77 7.17 43.63
C ASN D 64 29.26 7.01 43.37
N GLU D 65 30.03 6.86 44.44
CA GLU D 65 31.49 6.85 44.32
C GLU D 65 31.97 5.58 43.61
N ASP D 66 31.76 4.43 44.22
CA ASP D 66 32.30 3.16 43.71
C ASP D 66 31.19 2.43 42.97
N TYR D 67 31.17 2.59 41.65
CA TYR D 67 30.15 1.98 40.81
C TYR D 67 30.82 1.11 39.77
N SER D 68 30.26 -0.07 39.53
CA SER D 68 30.90 -1.03 38.65
C SER D 68 30.10 -1.35 37.40
N TYR D 69 28.80 -1.60 37.53
CA TYR D 69 27.90 -2.04 36.47
C TYR D 69 28.15 -3.49 36.09
N THR D 70 29.25 -4.07 36.53
CA THR D 70 29.48 -5.48 36.26
C THR D 70 29.14 -6.34 37.46
N LYS D 71 28.97 -5.72 38.62
CA LYS D 71 28.33 -6.38 39.74
C LYS D 71 27.25 -5.48 40.33
N ASP D 72 26.78 -4.49 39.58
CA ASP D 72 25.75 -3.59 40.07
C ASP D 72 24.57 -3.42 39.13
N GLY D 73 24.74 -3.59 37.82
CA GLY D 73 23.62 -3.37 36.94
C GLY D 73 23.26 -1.90 36.87
N ILE D 74 22.05 -1.63 36.38
CA ILE D 74 21.60 -0.25 36.19
C ILE D 74 20.63 0.11 37.30
N GLY D 75 19.50 -0.57 37.33
CA GLY D 75 18.43 -0.23 38.25
C GLY D 75 17.16 -0.91 37.80
N LEU D 76 16.04 -0.44 38.33
CA LEU D 76 14.75 -1.00 37.94
C LEU D 76 13.75 0.04 37.49
N ASP D 77 13.79 1.24 38.05
CA ASP D 77 12.95 2.30 37.52
C ASP D 77 13.38 2.68 36.11
N LEU D 78 14.69 2.84 35.90
CA LEU D 78 15.18 3.16 34.57
C LEU D 78 14.86 2.04 33.59
N GLU D 79 14.96 0.79 34.03
CA GLU D 79 14.63 -0.32 33.14
C GLU D 79 13.15 -0.31 32.78
N ASN D 80 12.29 0.02 33.73
CA ASN D 80 10.88 0.12 33.45
C ASN D 80 10.61 1.20 32.41
N SER D 81 11.20 2.39 32.60
CA SER D 81 11.01 3.47 31.65
C SER D 81 11.51 3.07 30.26
N PHE D 82 12.69 2.44 30.21
CA PHE D 82 13.25 2.01 28.93
C PHE D 82 12.32 1.05 28.23
N SER D 83 11.91 -0.01 28.92
CA SER D 83 11.01 -0.99 28.33
C SER D 83 9.67 -0.41 27.96
N ASN D 84 9.28 0.72 28.56
CA ASN D 84 8.03 1.33 28.14
C ASN D 84 8.19 2.11 26.85
N ILE D 85 9.25 2.92 26.74
CA ILE D 85 9.37 3.75 25.55
C ILE D 85 9.61 2.91 24.30
N LEU D 86 10.30 1.79 24.45
CA LEU D 86 10.62 0.93 23.33
C LEU D 86 9.86 -0.37 23.47
N LEU D 87 9.72 -1.10 22.36
CA LEU D 87 9.27 -2.47 22.45
C LEU D 87 10.43 -3.36 22.86
N PHE D 88 11.51 -3.34 22.09
CA PHE D 88 12.68 -4.19 22.32
C PHE D 88 13.83 -3.31 22.76
N VAL D 89 14.41 -3.63 23.90
CA VAL D 89 15.52 -2.87 24.46
C VAL D 89 16.85 -3.24 23.83
N PRO D 90 17.18 -4.52 23.64
CA PRO D 90 18.47 -4.86 23.01
C PRO D 90 18.62 -4.34 21.60
N GLU D 91 17.53 -4.04 20.91
CA GLU D 91 17.64 -3.58 19.54
C GLU D 91 18.00 -2.10 19.43
N TYR D 92 17.80 -1.34 20.46
CA TYR D 92 17.99 0.11 20.35
C TYR D 92 19.08 0.61 21.26
N LEU D 93 19.27 -0.01 22.42
CA LEU D 93 20.11 0.55 23.47
C LEU D 93 21.38 -0.24 23.63
N ASP D 94 22.45 0.46 23.98
CA ASP D 94 23.68 -0.13 24.44
C ASP D 94 24.19 0.70 25.60
N PHE D 95 24.59 0.03 26.66
CA PHE D 95 25.10 0.69 27.85
C PHE D 95 26.58 0.40 27.97
N MET D 96 27.37 1.44 28.22
CA MET D 96 28.81 1.26 28.32
C MET D 96 29.35 2.29 29.29
N GLN D 97 29.93 1.82 30.38
CA GLN D 97 30.52 2.68 31.39
C GLN D 97 31.97 2.96 31.05
N ASN D 98 32.32 4.24 31.00
CA ASN D 98 33.65 4.68 30.59
C ASN D 98 34.29 5.37 31.79
N GLY D 99 34.89 4.58 32.68
CA GLY D 99 35.46 5.14 33.88
C GLY D 99 34.42 5.78 34.77
N ASN D 100 34.43 7.11 34.85
CA ASN D 100 33.48 7.85 35.67
C ASN D 100 32.34 8.43 34.84
N TYR D 101 31.93 7.74 33.78
CA TYR D 101 30.82 8.16 32.96
C TYR D 101 30.09 6.94 32.44
N PHE D 102 28.76 7.03 32.43
CA PHE D 102 27.91 5.95 31.96
C PHE D 102 27.25 6.37 30.67
N LEU D 103 27.66 5.76 29.57
CA LEU D 103 27.21 6.14 28.26
C LEU D 103 26.17 5.17 27.73
N ILE D 104 25.07 5.72 27.21
CA ILE D 104 23.98 4.94 26.64
C ILE D 104 23.88 5.31 25.17
N PHE D 105 24.13 4.35 24.30
CA PHE D 105 24.11 4.58 22.87
C PHE D 105 22.73 4.24 22.35
N VAL D 106 22.12 5.18 21.65
CA VAL D 106 20.73 5.05 21.23
C VAL D 106 20.65 4.98 19.71
N LYS D 107 20.14 3.88 19.20
CA LYS D 107 19.81 3.79 17.79
C LYS D 107 18.73 4.82 17.46
N SER D 108 18.55 5.08 16.17
CA SER D 108 17.51 6.00 15.74
C SER D 108 16.20 5.26 15.56
N TRP D 109 15.09 5.95 15.82
CA TRP D 109 13.79 5.31 15.66
C TRP D 109 13.52 5.02 14.20
N SER D 110 12.88 3.88 13.93
CA SER D 110 12.62 3.45 12.58
C SER D 110 11.15 3.14 12.40
N LEU D 111 10.64 3.34 11.19
CA LEU D 111 9.28 2.94 10.87
C LEU D 111 9.15 1.43 10.94
N ASN D 112 8.19 0.94 11.71
CA ASN D 112 7.96 -0.48 11.80
C ASN D 112 6.51 -0.79 11.48
N THR D 113 6.07 -2.02 11.75
CA THR D 113 4.71 -2.40 11.39
C THR D 113 3.68 -1.62 12.18
N SER D 114 4.03 -1.16 13.39
CA SER D 114 3.09 -0.43 14.22
C SER D 114 2.59 0.84 13.55
N GLY D 115 3.41 1.43 12.68
CA GLY D 115 3.02 2.65 12.01
C GLY D 115 3.49 3.92 12.66
N LEU D 116 4.08 3.84 13.85
CA LEU D 116 4.50 5.04 14.55
C LEU D 116 5.71 5.64 13.86
N ARG D 117 5.74 6.98 13.80
CA ARG D 117 6.86 7.68 13.22
C ARG D 117 7.70 8.44 14.25
N ILE D 118 7.18 8.66 15.46
CA ILE D 118 7.96 9.24 16.53
C ILE D 118 7.53 8.59 17.84
N THR D 119 8.45 8.63 18.80
CA THR D 119 8.20 8.07 20.12
C THR D 119 7.78 9.16 21.08
N THR D 120 6.91 8.80 22.01
CA THR D 120 6.37 9.75 22.96
C THR D 120 6.41 9.14 24.36
N LEU D 121 6.91 9.91 25.32
CA LEU D 121 6.86 9.46 26.70
C LEU D 121 5.44 9.26 27.17
N SER D 122 4.52 10.08 26.69
CA SER D 122 3.12 10.01 27.06
C SER D 122 2.31 10.87 26.11
N SER D 123 1.24 10.32 25.55
CA SER D 123 0.44 11.10 24.62
C SER D 123 -0.35 12.19 25.33
N ASN D 124 -0.70 11.97 26.58
CA ASN D 124 -1.54 12.88 27.36
C ASN D 124 -2.94 13.00 26.81
N LEU D 125 -3.38 12.03 26.03
CA LEU D 125 -4.78 11.91 25.62
C LEU D 125 -5.39 10.79 26.45
N TYR D 126 -6.18 11.17 27.44
CA TYR D 126 -6.79 10.17 28.29
C TYR D 126 -8.08 9.67 27.68
N LYS D 127 -8.37 8.40 27.92
CA LYS D 127 -9.61 7.79 27.48
C LYS D 127 -10.31 7.21 28.70
N ARG D 128 -11.63 7.21 28.65
CA ARG D 128 -12.45 6.72 29.74
C ARG D 128 -12.79 5.28 29.47
N ASP D 129 -12.28 4.39 30.29
CA ASP D 129 -12.62 2.97 30.18
C ASP D 129 -14.00 2.77 30.76
N ILE D 130 -14.34 1.52 31.10
CA ILE D 130 -15.61 1.29 31.79
C ILE D 130 -15.69 2.16 33.04
N THR D 131 -14.66 2.18 33.85
CA THR D 131 -14.69 2.89 35.12
C THR D 131 -13.57 3.88 35.32
N SER D 132 -12.38 3.64 34.80
CA SER D 132 -11.21 4.43 35.11
C SER D 132 -10.75 5.21 33.90
N ALA D 133 -10.21 6.39 34.15
CA ALA D 133 -9.68 7.25 33.10
C ALA D 133 -8.21 6.96 32.91
N LYS D 134 -7.89 6.20 31.86
CA LYS D 134 -6.52 5.81 31.55
C LYS D 134 -5.97 6.72 30.48
N VAL D 135 -4.68 6.66 30.29
CA VAL D 135 -4.02 7.46 29.28
C VAL D 135 -3.76 6.59 28.06
N MET D 136 -4.02 7.15 26.89
CA MET D 136 -3.83 6.41 25.65
C MET D 136 -2.35 6.11 25.45
N ASN D 137 -2.02 4.88 25.13
CA ASN D 137 -0.65 4.53 24.80
C ASN D 137 -0.35 5.07 23.42
N ALA D 138 0.79 4.69 22.85
CA ALA D 138 1.15 5.20 21.53
C ALA D 138 0.20 4.67 20.47
N THR D 139 -0.07 3.37 20.50
CA THR D 139 -0.85 2.76 19.42
C THR D 139 -2.30 3.20 19.47
N ALA D 140 -2.89 3.24 20.65
CA ALA D 140 -4.28 3.68 20.75
C ALA D 140 -4.41 5.13 20.35
N ALA D 141 -3.44 5.96 20.74
CA ALA D 141 -3.50 7.35 20.33
C ALA D 141 -3.38 7.50 18.83
N LEU D 142 -2.51 6.72 18.20
CA LEU D 142 -2.41 6.74 16.75
C LEU D 142 -3.74 6.38 16.11
N GLU D 143 -4.34 5.27 16.53
CA GLU D 143 -5.60 4.83 15.97
C GLU D 143 -6.69 5.87 16.16
N PHE D 144 -6.79 6.42 17.36
CA PHE D 144 -7.78 7.45 17.68
C PHE D 144 -7.64 8.65 16.75
N LEU D 145 -6.43 9.21 16.67
CA LEU D 145 -6.22 10.41 15.87
C LEU D 145 -6.41 10.15 14.39
N LYS D 146 -6.05 8.96 13.90
CA LYS D 146 -6.22 8.71 12.48
C LYS D 146 -7.68 8.51 12.13
N ASP D 147 -8.44 7.80 12.97
CA ASP D 147 -9.87 7.68 12.71
C ASP D 147 -10.53 9.04 12.69
N MET D 148 -10.15 9.91 13.62
CA MET D 148 -10.71 11.25 13.61
C MET D 148 -10.33 12.04 12.38
N LYS D 149 -9.05 12.02 11.99
CA LYS D 149 -8.64 12.77 10.81
C LYS D 149 -9.32 12.25 9.56
N LYS D 150 -9.71 10.97 9.54
CA LYS D 150 -10.34 10.41 8.35
C LYS D 150 -11.69 11.07 8.09
N THR D 151 -12.58 11.07 9.08
CA THR D 151 -13.92 11.61 8.94
C THR D 151 -13.96 13.13 9.00
N ARG D 152 -12.80 13.78 9.09
CA ARG D 152 -12.72 15.24 9.24
C ARG D 152 -13.50 15.73 10.43
N GLY D 153 -13.66 14.88 11.43
CA GLY D 153 -14.35 15.22 12.65
C GLY D 153 -14.45 13.99 13.52
N ARG D 154 -15.51 13.88 14.30
CA ARG D 154 -15.73 12.71 15.14
C ARG D 154 -17.23 12.44 15.18
N LEU D 155 -17.63 11.31 14.61
CA LEU D 155 -19.02 11.08 14.23
C LEU D 155 -19.85 10.73 15.47
N TYR D 156 -20.95 11.44 15.65
CA TYR D 156 -21.93 11.18 16.70
C TYR D 156 -23.29 10.98 16.05
N LEU D 157 -24.26 10.53 16.85
CA LEU D 157 -25.61 10.24 16.37
C LEU D 157 -26.62 10.97 17.25
N ARG D 158 -26.45 12.29 17.34
CA ARG D 158 -27.30 13.22 18.09
C ARG D 158 -28.79 12.90 17.94
N PRO D 159 -29.62 13.22 18.94
CA PRO D 159 -30.89 12.50 19.14
C PRO D 159 -31.90 12.65 18.02
N GLU D 160 -31.67 11.90 16.94
CA GLU D 160 -32.64 11.84 15.86
C GLU D 160 -33.85 10.98 16.22
N LEU D 161 -33.67 9.92 17.01
CA LEU D 161 -34.78 9.07 17.40
C LEU D 161 -34.34 8.10 18.47
N LEU D 162 -35.24 7.82 19.41
CA LEU D 162 -35.12 6.64 20.26
C LEU D 162 -35.71 5.46 19.50
N ALA D 163 -34.91 4.41 19.33
CA ALA D 163 -35.35 3.26 18.54
C ALA D 163 -36.58 2.61 19.15
N LYS D 164 -37.44 2.06 18.29
CA LYS D 164 -38.65 1.40 18.76
C LYS D 164 -38.33 0.00 19.25
N ARG D 165 -37.99 -0.11 20.52
CA ARG D 165 -37.64 -1.39 21.09
C ARG D 165 -38.80 -1.93 21.91
N PRO D 166 -38.81 -3.23 22.19
CA PRO D 166 -39.89 -3.80 22.99
C PRO D 166 -39.91 -3.20 24.38
N CYS D 167 -41.07 -3.29 25.02
CA CYS D 167 -41.23 -2.88 26.40
C CYS D 167 -40.82 -4.08 27.24
N VAL D 168 -39.85 -3.87 28.13
CA VAL D 168 -39.39 -4.92 29.02
C VAL D 168 -38.44 -4.28 30.04
N ASP D 169 -38.52 -4.74 31.28
CA ASP D 169 -37.65 -4.20 32.32
C ASP D 169 -36.22 -4.62 32.02
N ILE D 170 -35.39 -3.66 31.61
CA ILE D 170 -34.02 -3.94 31.21
C ILE D 170 -33.13 -2.84 31.75
N GLN D 171 -31.89 -3.18 32.07
CA GLN D 171 -30.97 -2.26 32.73
C GLN D 171 -29.73 -2.07 31.88
N GLU D 172 -29.36 -0.81 31.65
CA GLU D 172 -28.21 -0.49 30.81
C GLU D 172 -27.50 0.73 31.36
N GLU D 173 -26.36 1.05 30.75
CA GLU D 173 -25.56 2.20 31.13
C GLU D 173 -26.32 3.51 30.98
N ASN D 174 -27.20 3.60 29.99
CA ASN D 174 -27.97 4.82 29.84
C ASN D 174 -28.89 5.05 31.01
N ASN D 175 -29.25 4.00 31.74
CA ASN D 175 -29.95 4.19 33.00
C ASN D 175 -29.12 5.04 33.94
N MET D 176 -27.84 4.69 34.12
CA MET D 176 -26.97 5.46 34.99
C MET D 176 -26.77 6.87 34.46
N LYS D 177 -26.63 7.01 33.16
CA LYS D 177 -26.48 8.33 32.56
C LYS D 177 -27.70 9.20 32.85
N ALA D 178 -28.90 8.62 32.73
CA ALA D 178 -30.12 9.39 32.98
C ALA D 178 -30.28 9.72 34.46
N LEU D 179 -29.94 8.78 35.33
CA LEU D 179 -30.04 9.06 36.75
C LEU D 179 -29.06 10.17 37.14
N ALA D 180 -27.89 10.20 36.51
CA ALA D 180 -26.98 11.31 36.74
C ALA D 180 -27.57 12.60 36.20
N GLY D 181 -28.24 12.53 35.05
CA GLY D 181 -28.87 13.71 34.50
C GLY D 181 -29.95 14.28 35.39
N VAL D 182 -30.63 13.43 36.14
CA VAL D 182 -31.60 13.92 37.12
C VAL D 182 -30.91 14.36 38.41
N PHE D 183 -29.79 13.76 38.76
CA PHE D 183 -29.06 14.21 39.93
C PHE D 183 -28.49 15.59 39.71
N PHE D 184 -28.14 15.92 38.47
CA PHE D 184 -27.37 17.12 38.20
C PHE D 184 -28.22 18.38 38.37
N ASP D 185 -29.50 18.29 38.06
CA ASP D 185 -30.39 19.44 38.15
C ASP D 185 -31.10 19.54 39.49
N ARG D 186 -30.87 18.59 40.39
CA ARG D 186 -31.48 18.67 41.72
C ARG D 186 -31.02 19.94 42.42
N THR D 187 -31.96 20.63 43.05
CA THR D 187 -31.66 21.91 43.66
C THR D 187 -31.09 21.79 45.06
N GLU D 188 -31.23 20.64 45.70
CA GLU D 188 -30.76 20.46 47.06
C GLU D 188 -30.52 18.98 47.28
N LEU D 189 -29.65 18.67 48.23
CA LEU D 189 -29.31 17.28 48.56
C LEU D 189 -29.45 17.07 50.06
N ASP D 190 -30.17 16.01 50.43
CA ASP D 190 -30.28 15.68 51.85
C ASP D 190 -29.03 14.94 52.30
N ARG D 191 -28.40 15.47 53.34
CA ARG D 191 -27.14 14.93 53.81
C ARG D 191 -27.31 13.49 54.27
N LYS D 192 -26.29 12.67 54.01
CA LYS D 192 -26.28 11.27 54.40
C LYS D 192 -27.50 10.53 53.83
N GLU D 193 -27.69 10.68 52.53
CA GLU D 193 -28.68 9.92 51.80
C GLU D 193 -27.98 8.94 50.87
N LYS D 194 -28.74 7.96 50.38
CA LYS D 194 -28.20 6.93 49.52
C LYS D 194 -28.27 7.37 48.07
N LEU D 195 -27.49 6.70 47.23
CA LEU D 195 -27.52 6.95 45.80
C LEU D 195 -28.21 5.82 45.07
N THR D 196 -28.87 6.14 43.98
CA THR D 196 -29.54 5.14 43.16
C THR D 196 -28.65 4.60 42.05
N PHE D 197 -27.45 5.14 41.89
CA PHE D 197 -26.64 4.82 40.73
C PHE D 197 -25.17 4.76 41.13
N THR D 198 -24.39 4.06 40.33
CA THR D 198 -22.95 3.95 40.53
C THR D 198 -22.22 4.54 39.33
N GLU D 199 -20.90 4.45 39.36
CA GLU D 199 -20.06 5.08 38.36
C GLU D 199 -19.81 4.12 37.21
N SER D 200 -19.88 4.64 35.99
CA SER D 200 -19.65 3.86 34.79
C SER D 200 -18.98 4.76 33.77
N THR D 201 -19.04 4.37 32.50
CA THR D 201 -18.36 5.12 31.46
C THR D 201 -18.84 6.56 31.32
N HIS D 202 -19.94 6.95 31.94
CA HIS D 202 -20.37 8.33 31.93
C HIS D 202 -20.38 8.97 33.31
N VAL D 203 -20.12 8.22 34.36
CA VAL D 203 -20.27 8.71 35.72
C VAL D 203 -19.01 8.42 36.53
N GLU D 204 -18.51 9.43 37.21
CA GLU D 204 -17.35 9.31 38.08
C GLU D 204 -17.63 9.99 39.41
N ILE D 205 -17.04 9.47 40.47
CA ILE D 205 -17.28 9.95 41.82
C ILE D 205 -15.96 10.05 42.57
N LYS D 206 -15.79 11.13 43.32
CA LYS D 206 -14.55 11.39 44.04
C LYS D 206 -14.86 11.79 45.47
N ASN D 207 -14.05 11.32 46.42
CA ASN D 207 -14.24 11.69 47.81
C ASN D 207 -13.60 13.04 48.14
N PHE D 208 -12.28 13.12 48.03
CA PHE D 208 -11.51 14.35 48.24
C PHE D 208 -11.84 15.01 49.58
N SER D 209 -11.53 14.27 50.65
CA SER D 209 -11.76 14.75 52.02
C SER D 209 -10.57 15.63 52.43
N THR D 210 -10.37 16.69 51.66
CA THR D 210 -9.18 17.52 51.75
C THR D 210 -9.57 18.92 52.20
N GLU D 211 -8.79 19.44 53.16
CA GLU D 211 -9.07 20.76 53.71
C GLU D 211 -8.94 21.83 52.64
N ARG D 212 -7.93 21.71 51.78
CA ARG D 212 -7.78 22.64 50.67
C ARG D 212 -8.70 22.27 49.51
N LEU D 213 -8.49 21.09 48.93
CA LEU D 213 -9.30 20.55 47.84
C LEU D 213 -9.06 21.26 46.51
N LEU D 214 -8.38 22.40 46.53
CA LEU D 214 -8.14 23.18 45.31
C LEU D 214 -6.83 22.81 44.65
N GLN D 215 -5.78 22.63 45.45
CA GLN D 215 -4.55 22.10 44.89
C GLN D 215 -4.74 20.70 44.31
N ARG D 216 -5.70 19.95 44.84
CA ARG D 216 -5.99 18.60 44.37
C ARG D 216 -6.83 18.62 43.10
N ILE D 217 -7.88 19.43 43.08
CA ILE D 217 -8.71 19.55 41.89
C ILE D 217 -7.88 20.08 40.73
N LYS D 218 -7.04 21.08 40.99
CA LYS D 218 -6.23 21.70 39.95
C LYS D 218 -5.35 20.69 39.22
N GLU D 219 -5.01 19.59 39.87
CA GLU D 219 -4.15 18.59 39.26
C GLU D 219 -4.88 17.33 38.82
N ILE D 220 -6.04 17.04 39.38
CA ILE D 220 -6.75 15.81 39.01
C ILE D 220 -7.87 16.05 38.01
N LEU D 221 -8.41 17.25 37.93
CA LEU D 221 -9.56 17.51 37.08
C LEU D 221 -9.27 17.35 35.60
N PRO D 222 -8.19 17.93 35.06
CA PRO D 222 -8.00 17.88 33.61
C PRO D 222 -7.94 16.49 33.03
N GLN D 223 -7.37 15.52 33.74
CA GLN D 223 -7.35 14.20 33.15
C GLN D 223 -8.73 13.58 33.08
N TYR D 224 -9.60 13.87 34.05
CA TYR D 224 -10.96 13.37 33.96
C TYR D 224 -11.79 14.12 32.94
N VAL D 225 -11.56 15.42 32.81
CA VAL D 225 -12.21 16.19 31.74
C VAL D 225 -11.82 15.63 30.39
N SER D 226 -10.54 15.29 30.20
CA SER D 226 -10.13 14.73 28.93
C SER D 226 -10.73 13.34 28.73
N ALA D 227 -10.76 12.54 29.79
CA ALA D 227 -11.34 11.21 29.66
C ALA D 227 -12.79 11.29 29.24
N PHE D 228 -13.51 12.30 29.72
CA PHE D 228 -14.91 12.42 29.34
C PHE D 228 -15.07 12.98 27.94
N ALA D 229 -14.41 14.11 27.64
CA ALA D 229 -14.58 14.72 26.33
C ALA D 229 -14.08 13.84 25.22
N ASN D 230 -13.20 12.89 25.52
CA ASN D 230 -12.73 11.97 24.50
C ASN D 230 -13.61 10.74 24.38
N THR D 231 -14.66 10.62 25.18
CA THR D 231 -15.60 9.52 24.98
C THR D 231 -16.94 9.84 25.63
N ASP D 232 -17.90 10.29 24.83
CA ASP D 232 -19.31 10.25 25.19
C ASP D 232 -19.75 11.28 26.23
N GLY D 233 -18.85 12.10 26.73
CA GLY D 233 -19.21 13.06 27.77
C GLY D 233 -19.61 12.39 29.06
N GLY D 234 -19.85 13.17 30.12
CA GLY D 234 -20.29 12.56 31.36
C GLY D 234 -20.24 13.53 32.51
N TYR D 235 -20.43 12.98 33.71
CA TYR D 235 -20.56 13.77 34.93
C TYR D 235 -19.49 13.37 35.93
N LEU D 236 -19.06 14.34 36.74
CA LEU D 236 -18.04 14.12 37.74
C LEU D 236 -18.48 14.77 39.04
N PHE D 237 -18.79 13.95 40.04
CA PHE D 237 -19.35 14.42 41.30
C PHE D 237 -18.28 14.33 42.38
N ILE D 238 -18.23 15.36 43.22
CA ILE D 238 -17.25 15.44 44.31
C ILE D 238 -18.00 15.75 45.59
N GLY D 239 -17.65 15.04 46.67
CA GLY D 239 -18.29 15.25 47.95
C GLY D 239 -19.00 14.00 48.41
N LEU D 240 -18.83 12.92 47.67
CA LEU D 240 -19.43 11.65 48.01
C LEU D 240 -18.35 10.75 48.58
N ASN D 241 -18.76 9.61 49.12
CA ASN D 241 -17.77 8.67 49.63
C ASN D 241 -17.90 7.34 48.93
N GLU D 242 -17.00 6.41 49.24
CA GLU D 242 -16.99 5.10 48.61
C GLU D 242 -18.31 4.38 48.78
N ASP D 243 -18.95 4.51 49.93
CA ASP D 243 -20.19 3.81 50.19
C ASP D 243 -21.40 4.53 49.64
N LYS D 244 -21.19 5.50 48.75
CA LYS D 244 -22.29 6.19 48.07
C LYS D 244 -23.17 6.95 49.05
N GLU D 245 -22.60 7.43 50.14
CA GLU D 245 -23.32 8.23 51.12
C GLU D 245 -22.91 9.67 50.92
N ILE D 246 -23.85 10.51 50.47
CA ILE D 246 -23.54 11.91 50.21
C ILE D 246 -23.11 12.60 51.49
N ILE D 247 -21.89 13.11 51.49
CA ILE D 247 -21.36 13.87 52.62
C ILE D 247 -20.97 15.28 52.21
N GLY D 248 -20.35 15.41 51.05
CA GLY D 248 -19.90 16.70 50.60
C GLY D 248 -18.69 17.15 51.38
N PHE D 249 -18.14 18.28 50.94
CA PHE D 249 -16.95 18.86 51.55
C PHE D 249 -17.32 20.16 52.25
N LYS D 250 -16.74 20.37 53.42
CA LYS D 250 -17.12 21.48 54.29
C LYS D 250 -16.60 22.80 53.74
N ALA D 251 -17.34 23.40 52.84
CA ALA D 251 -16.94 24.65 52.20
C ALA D 251 -17.93 25.75 52.56
N GLU D 252 -17.40 26.90 52.95
CA GLU D 252 -18.19 28.08 53.23
C GLU D 252 -18.30 28.94 51.99
N MET D 253 -19.26 29.87 52.02
CA MET D 253 -19.40 30.80 50.92
C MET D 253 -18.17 31.69 50.82
N SER D 254 -18.04 32.37 49.68
CA SER D 254 -16.89 33.16 49.26
C SER D 254 -15.76 32.28 48.75
N ASP D 255 -15.85 30.96 48.87
CA ASP D 255 -14.86 30.08 48.24
C ASP D 255 -15.41 29.34 47.04
N LEU D 256 -16.73 29.16 46.96
CA LEU D 256 -17.28 28.43 45.82
C LEU D 256 -17.05 29.20 44.53
N ASP D 257 -17.14 30.53 44.58
CA ASP D 257 -16.81 31.34 43.42
C ASP D 257 -15.35 31.17 43.04
N ASP D 258 -14.46 31.12 44.03
CA ASP D 258 -13.04 30.92 43.75
C ASP D 258 -12.81 29.57 43.11
N LEU D 259 -13.44 28.53 43.66
CA LEU D 259 -13.30 27.18 43.11
C LEU D 259 -13.79 27.13 41.69
N GLU D 260 -14.94 27.74 41.42
CA GLU D 260 -15.46 27.77 40.05
C GLU D 260 -14.51 28.53 39.12
N ARG D 261 -13.92 29.60 39.62
CA ARG D 261 -12.98 30.36 38.81
C ARG D 261 -11.77 29.52 38.46
N GLU D 262 -11.23 28.81 39.45
CA GLU D 262 -10.07 27.96 39.20
C GLU D 262 -10.42 26.83 38.24
N ILE D 263 -11.64 26.29 38.35
CA ILE D 263 -12.06 25.23 37.45
C ILE D 263 -12.15 25.74 36.02
N GLU D 264 -12.75 26.92 35.84
CA GLU D 264 -12.86 27.46 34.50
C GLU D 264 -11.49 27.75 33.91
N LYS D 265 -10.59 28.32 34.73
CA LYS D 265 -9.22 28.55 34.28
C LYS D 265 -8.56 27.25 33.86
N SER D 266 -8.66 26.22 34.71
CA SER D 266 -8.02 24.94 34.42
C SER D 266 -8.55 24.33 33.14
N ILE D 267 -9.86 24.36 32.93
CA ILE D 267 -10.40 23.71 31.75
C ILE D 267 -10.15 24.54 30.51
N ARG D 268 -9.97 25.85 30.65
CA ARG D 268 -9.60 26.64 29.49
C ARG D 268 -8.11 26.54 29.16
N LYS D 269 -7.28 26.13 30.11
CA LYS D 269 -5.87 25.94 29.82
C LYS D 269 -5.59 24.65 29.06
N MET D 270 -6.49 23.68 29.14
CA MET D 270 -6.25 22.38 28.52
C MET D 270 -6.22 22.51 27.01
N PRO D 271 -5.17 22.00 26.36
CA PRO D 271 -5.07 22.12 24.91
C PRO D 271 -6.15 21.34 24.19
N VAL D 272 -6.27 21.61 22.89
CA VAL D 272 -7.25 20.95 22.04
C VAL D 272 -6.86 21.15 20.58
N HIS D 273 -7.21 20.17 19.76
CA HIS D 273 -6.83 20.19 18.35
C HIS D 273 -7.98 19.69 17.51
N HIS D 274 -8.45 20.53 16.59
CA HIS D 274 -9.66 20.26 15.82
C HIS D 274 -9.31 19.72 14.44
N PHE D 275 -10.09 18.74 13.98
CA PHE D 275 -10.07 18.31 12.59
C PHE D 275 -11.36 18.66 11.87
N CYS D 276 -12.19 19.51 12.46
CA CYS D 276 -13.49 19.88 11.90
C CYS D 276 -13.41 21.28 11.33
N MET D 277 -14.48 21.69 10.64
CA MET D 277 -14.50 23.00 9.99
C MET D 277 -14.48 24.11 11.02
N GLU D 278 -15.53 24.21 11.82
CA GLU D 278 -15.58 25.14 12.92
C GLU D 278 -14.56 24.73 13.97
N LYS D 279 -14.41 25.56 14.99
CA LYS D 279 -13.50 25.27 16.09
C LYS D 279 -14.22 25.66 17.37
N LYS D 280 -14.93 24.71 17.95
CA LYS D 280 -15.67 24.99 19.17
C LYS D 280 -14.71 25.13 20.34
N LYS D 281 -15.28 25.28 21.53
CA LYS D 281 -14.55 25.16 22.77
C LYS D 281 -15.10 23.97 23.53
N ILE D 282 -14.50 23.68 24.67
CA ILE D 282 -14.96 22.54 25.45
C ILE D 282 -16.24 22.96 26.17
N ASN D 283 -17.38 22.53 25.65
CA ASN D 283 -18.64 22.88 26.28
C ASN D 283 -18.81 22.08 27.56
N TYR D 284 -18.99 22.78 28.67
CA TYR D 284 -19.10 22.15 29.97
C TYR D 284 -19.93 23.07 30.86
N SER D 285 -20.12 22.66 32.11
CA SER D 285 -20.82 23.50 33.05
C SER D 285 -20.70 22.96 34.47
N CYS D 286 -20.41 23.81 35.42
CA CYS D 286 -20.30 23.41 36.82
C CYS D 286 -21.60 23.73 37.55
N LYS D 287 -21.65 23.33 38.81
CA LYS D 287 -22.80 23.59 39.65
C LYS D 287 -22.50 23.12 41.06
N PHE D 288 -23.16 23.72 42.03
CA PHE D 288 -22.99 23.34 43.42
C PHE D 288 -24.36 23.08 44.05
N LEU D 289 -24.39 22.16 45.00
CA LEU D 289 -25.63 21.73 45.62
C LEU D 289 -25.45 21.67 47.13
N GLY D 290 -26.48 22.10 47.86
CA GLY D 290 -26.44 22.06 49.30
C GLY D 290 -26.73 20.67 49.83
N VAL D 291 -26.23 20.39 51.02
CA VAL D 291 -26.34 19.07 51.61
C VAL D 291 -27.06 19.19 52.95
N TYR D 292 -28.02 20.11 53.03
CA TYR D 292 -28.73 20.45 54.27
C TYR D 292 -29.18 19.23 55.04
N ASP D 293 -28.61 19.06 56.24
CA ASP D 293 -28.92 17.90 57.06
C ASP D 293 -30.37 17.89 57.51
N LYS D 294 -30.77 18.83 58.35
CA LYS D 294 -32.17 18.88 58.71
C LYS D 294 -32.78 20.27 58.59
N GLY D 295 -32.03 21.31 58.96
CA GLY D 295 -32.47 22.66 58.68
C GLY D 295 -31.31 23.57 58.36
N SER D 296 -30.10 23.01 58.36
CA SER D 296 -28.88 23.78 58.23
C SER D 296 -28.00 23.19 57.14
N LEU D 297 -27.14 24.04 56.59
CA LEU D 297 -26.24 23.65 55.52
C LEU D 297 -24.97 23.05 56.11
N CYS D 298 -24.74 21.77 55.82
CA CYS D 298 -23.52 21.12 56.26
C CYS D 298 -22.36 21.38 55.32
N GLY D 299 -22.64 21.57 54.03
CA GLY D 299 -21.61 21.77 53.04
C GLY D 299 -22.17 21.75 51.63
N TYR D 300 -21.31 21.45 50.66
CA TYR D 300 -21.72 21.50 49.26
C TYR D 300 -21.22 20.24 48.57
N VAL D 301 -21.65 20.07 47.33
CA VAL D 301 -21.18 19.00 46.46
C VAL D 301 -21.07 19.54 45.05
N CYS D 302 -19.85 19.76 44.59
CA CYS D 302 -19.61 20.36 43.28
C CYS D 302 -19.83 19.33 42.20
N ALA D 303 -20.80 19.60 41.33
CA ALA D 303 -21.14 18.70 40.24
C ALA D 303 -20.77 19.34 38.92
N LEU D 304 -19.99 18.62 38.12
CA LEU D 304 -19.48 19.12 36.86
C LEU D 304 -19.97 18.20 35.73
N ARG D 305 -20.51 18.81 34.69
CA ARG D 305 -21.01 18.07 33.53
C ARG D 305 -20.18 18.45 32.33
N VAL D 306 -19.62 17.45 31.66
CA VAL D 306 -18.76 17.64 30.50
C VAL D 306 -19.42 17.01 29.31
N GLU D 307 -19.50 17.73 28.21
CA GLU D 307 -20.16 17.24 27.02
C GLU D 307 -19.14 16.69 26.04
N ARG D 308 -19.56 15.66 25.30
CA ARG D 308 -18.66 15.01 24.36
C ARG D 308 -18.15 15.99 23.32
N PHE D 309 -16.88 15.87 22.98
CA PHE D 309 -16.21 16.82 22.12
C PHE D 309 -16.06 16.28 20.70
N CYS D 310 -15.84 17.21 19.77
CA CYS D 310 -15.78 16.90 18.36
C CYS D 310 -14.40 16.53 17.87
N CYS D 311 -13.35 16.94 18.58
CA CYS D 311 -11.99 16.55 18.24
C CYS D 311 -11.25 16.23 19.53
N ALA D 312 -9.94 16.07 19.46
CA ALA D 312 -9.21 15.53 20.59
C ALA D 312 -8.98 16.58 21.67
N VAL D 313 -8.88 16.12 22.91
CA VAL D 313 -8.69 16.99 24.06
C VAL D 313 -7.56 16.43 24.92
N PHE D 314 -6.51 17.23 25.10
CA PHE D 314 -5.34 16.83 25.85
C PHE D 314 -5.44 17.31 27.29
N ALA D 315 -4.76 16.61 28.19
CA ALA D 315 -4.59 17.13 29.53
C ALA D 315 -3.43 18.12 29.61
N LYS D 316 -2.36 17.85 28.89
CA LYS D 316 -1.25 18.76 28.71
C LYS D 316 -0.71 18.53 27.31
N GLU D 317 0.33 19.27 26.94
CA GLU D 317 0.93 19.04 25.66
C GLU D 317 1.48 17.62 25.60
N PRO D 318 1.52 17.03 24.41
CA PRO D 318 2.02 15.66 24.28
C PRO D 318 3.48 15.59 24.71
N ASP D 319 3.83 14.51 25.39
CA ASP D 319 5.16 14.38 25.97
C ASP D 319 6.10 13.75 24.94
N SER D 320 6.50 14.57 23.99
CA SER D 320 7.39 14.15 22.91
C SER D 320 8.45 15.21 22.70
N TRP D 321 9.71 14.78 22.66
CA TRP D 321 10.84 15.68 22.61
C TRP D 321 11.62 15.50 21.33
N HIS D 322 12.56 16.42 21.12
CA HIS D 322 13.49 16.33 20.01
C HIS D 322 14.49 17.45 20.16
N VAL D 323 15.71 17.21 19.69
CA VAL D 323 16.75 18.24 19.69
C VAL D 323 16.77 18.86 18.31
N LYS D 324 16.48 20.16 18.24
CA LYS D 324 16.36 20.83 16.97
C LYS D 324 17.73 21.21 16.42
N ASP D 325 18.41 22.14 17.09
CA ASP D 325 19.79 22.45 16.79
C ASP D 325 20.69 22.25 17.99
N ASN D 326 20.35 22.87 19.10
CA ASN D 326 20.84 22.52 20.41
C ASN D 326 19.70 22.78 21.37
N ARG D 327 19.94 22.52 22.65
CA ARG D 327 18.94 22.81 23.67
C ARG D 327 17.64 22.04 23.37
N VAL D 328 17.74 20.72 23.55
CA VAL D 328 16.67 19.77 23.22
C VAL D 328 15.31 20.27 23.68
N MET D 329 14.37 20.34 22.75
CA MET D 329 13.08 20.97 22.96
C MET D 329 11.98 19.93 22.95
N GLN D 330 10.76 20.38 23.20
CA GLN D 330 9.59 19.53 23.17
C GLN D 330 8.81 19.82 21.91
N LEU D 331 8.36 18.77 21.25
CA LEU D 331 7.58 18.95 20.02
C LEU D 331 6.31 19.71 20.33
N THR D 332 6.03 20.73 19.52
CA THR D 332 4.77 21.43 19.66
C THR D 332 3.62 20.49 19.34
N ARG D 333 2.42 20.91 19.73
CA ARG D 333 1.25 20.08 19.51
C ARG D 333 1.01 19.84 18.02
N LYS D 334 1.14 20.89 17.22
CA LYS D 334 0.85 20.78 15.79
C LYS D 334 1.83 19.81 15.11
N GLU D 335 3.12 19.96 15.40
CA GLU D 335 4.11 19.04 14.85
C GLU D 335 3.85 17.61 15.30
N TRP D 336 3.49 17.43 16.57
CA TRP D 336 3.24 16.09 17.08
C TRP D 336 2.10 15.43 16.33
N ILE D 337 1.00 16.15 16.13
CA ILE D 337 -0.11 15.53 15.43
C ILE D 337 0.18 15.38 13.95
N GLN D 338 1.06 16.20 13.40
CA GLN D 338 1.43 15.95 12.01
C GLN D 338 2.28 14.70 11.89
N PHE D 339 3.09 14.40 12.91
CA PHE D 339 3.86 13.16 12.88
C PHE D 339 2.97 11.95 13.15
N MET D 340 1.87 12.16 13.88
CA MET D 340 0.99 11.05 14.17
C MET D 340 -0.05 10.80 13.10
N VAL D 341 -0.38 11.78 12.27
CA VAL D 341 -1.48 11.67 11.33
C VAL D 341 -0.99 11.45 9.91
N GLU D 342 -0.01 12.21 9.46
CA GLU D 342 0.43 12.10 8.07
C GLU D 342 1.20 10.80 7.85
N ALA D 343 1.30 10.41 6.59
CA ALA D 343 2.09 9.28 6.14
C ALA D 343 3.40 9.79 5.58
N GLU D 344 4.37 8.83 5.19
CA GLU D 344 5.55 9.20 4.38
C GLU D 344 5.23 9.13 2.89
N PRO D 345 5.95 9.93 2.08
CA PRO D 345 5.63 10.01 0.65
C PRO D 345 5.81 8.69 -0.09
N LYS D 346 7.01 8.11 -0.07
CA LYS D 346 7.26 6.77 -0.56
C LYS D 346 6.85 6.61 -2.02
N PHE D 347 7.53 7.37 -2.88
CA PHE D 347 7.22 7.36 -4.31
C PHE D 347 7.63 6.05 -4.96
N SER D 348 8.93 5.77 -5.00
CA SER D 348 9.46 4.48 -5.44
C SER D 348 9.03 4.14 -6.87
N SER D 349 9.58 4.89 -7.81
CA SER D 349 9.40 4.59 -9.23
C SER D 349 9.89 3.17 -9.55
N ALA D 350 9.57 2.72 -10.76
CA ALA D 350 9.85 1.33 -11.14
C ALA D 350 11.35 1.08 -11.23
N TYR D 351 12.09 2.04 -11.77
CA TYR D 351 13.53 1.92 -11.84
C TYR D 351 14.12 1.80 -10.45
N GLU D 352 13.69 2.63 -9.52
CA GLU D 352 14.17 2.53 -8.15
C GLU D 352 13.70 1.24 -7.51
N GLU D 353 12.51 0.77 -7.86
CA GLU D 353 12.04 -0.48 -7.30
C GLU D 353 12.98 -1.62 -7.66
N VAL D 354 13.41 -1.69 -8.92
CA VAL D 354 14.31 -2.78 -9.28
C VAL D 354 15.71 -2.54 -8.73
N ILE D 355 16.16 -1.28 -8.70
CA ILE D 355 17.48 -0.98 -8.14
C ILE D 355 17.58 -1.37 -6.67
N SER D 356 16.49 -1.25 -5.92
CA SER D 356 16.50 -1.74 -4.55
C SER D 356 16.30 -3.25 -4.49
N GLN D 357 15.26 -3.77 -5.16
CA GLN D 357 14.91 -5.17 -5.08
C GLN D 357 15.96 -6.09 -5.68
N ILE D 358 17.02 -5.53 -6.27
CA ILE D 358 18.26 -6.28 -6.42
C ILE D 358 18.81 -6.72 -5.06
N ASN D 359 18.40 -6.04 -3.98
CA ASN D 359 18.91 -6.30 -2.65
C ASN D 359 18.12 -7.36 -1.88
N THR D 360 17.52 -8.33 -2.56
CA THR D 360 16.82 -9.38 -1.83
C THR D 360 17.80 -10.38 -1.23
N SER D 361 18.69 -10.93 -2.04
CA SER D 361 19.85 -11.70 -1.57
C SER D 361 19.43 -12.90 -0.72
N LEU D 362 18.70 -13.81 -1.35
CA LEU D 362 18.33 -15.06 -0.71
C LEU D 362 19.60 -15.90 -0.51
N PRO D 363 19.47 -17.10 0.09
CA PRO D 363 20.66 -17.96 0.20
C PRO D 363 21.09 -18.49 -1.16
N ALA D 364 21.63 -17.59 -1.99
CA ALA D 364 22.00 -17.86 -3.37
C ALA D 364 22.82 -16.67 -3.88
N PRO D 365 23.54 -16.82 -5.00
CA PRO D 365 24.52 -15.81 -5.38
C PRO D 365 23.91 -14.45 -5.65
N HIS D 366 22.94 -14.41 -6.56
CA HIS D 366 22.22 -13.20 -6.93
C HIS D 366 23.22 -12.12 -7.34
N SER D 367 23.90 -12.39 -8.44
CA SER D 367 24.89 -11.44 -8.93
C SER D 367 24.17 -10.26 -9.56
N TRP D 368 24.91 -9.40 -10.23
CA TRP D 368 24.35 -8.27 -10.93
C TRP D 368 23.68 -7.29 -9.97
N PRO D 369 24.46 -6.58 -9.17
CA PRO D 369 23.92 -5.43 -8.42
C PRO D 369 24.15 -4.15 -9.20
N LEU D 370 23.10 -3.33 -9.29
CA LEU D 370 23.16 -2.14 -10.11
C LEU D 370 23.78 -0.94 -9.41
N LEU D 371 23.75 -0.88 -8.08
CA LEU D 371 24.32 0.24 -7.37
C LEU D 371 25.83 0.09 -7.16
N GLU D 372 26.48 -0.81 -7.89
CA GLU D 372 27.90 -1.07 -7.74
C GLU D 372 28.56 -1.19 -9.11
N TRP D 373 28.26 -0.26 -10.00
CA TRP D 373 28.68 -0.34 -11.40
C TRP D 373 29.64 0.78 -11.71
N GLN D 374 30.42 0.59 -12.79
CA GLN D 374 31.37 1.61 -13.18
C GLN D 374 31.85 1.36 -14.61
N ARG D 375 32.08 2.44 -15.35
CA ARG D 375 32.71 2.33 -16.67
C ARG D 375 34.20 2.09 -16.53
N GLN D 376 34.91 3.07 -15.98
CA GLN D 376 36.36 2.99 -15.87
C GLN D 376 36.75 1.94 -14.84
N ARG D 377 37.14 0.76 -15.33
CA ARG D 377 37.49 -0.37 -14.46
C ARG D 377 38.99 -0.54 -14.32
N HIS D 378 39.74 0.55 -14.31
CA HIS D 378 41.20 0.47 -14.13
C HIS D 378 41.65 1.64 -13.25
N HIS D 379 41.65 1.42 -11.95
CA HIS D 379 42.26 2.35 -11.00
C HIS D 379 43.25 1.59 -10.14
N CYS D 380 44.22 2.32 -9.62
CA CYS D 380 45.09 1.76 -8.60
C CYS D 380 45.85 0.54 -9.11
N PRO D 381 46.89 0.75 -9.95
CA PRO D 381 47.47 -0.31 -10.80
C PRO D 381 47.59 -1.70 -10.20
N GLY D 382 48.23 -1.83 -9.05
CA GLY D 382 48.30 -3.15 -8.46
C GLY D 382 47.09 -3.41 -7.60
N LEU D 383 46.08 -4.06 -8.19
CA LEU D 383 44.82 -4.35 -7.51
C LEU D 383 43.92 -5.10 -8.48
N SER D 384 42.79 -5.55 -7.98
CA SER D 384 41.75 -6.16 -8.79
C SER D 384 40.62 -5.14 -9.01
N GLY D 385 39.56 -5.57 -9.68
CA GLY D 385 38.40 -4.72 -9.86
C GLY D 385 37.42 -4.83 -8.71
N ARG D 386 37.82 -4.37 -7.53
CA ARG D 386 37.08 -4.60 -6.31
C ARG D 386 36.73 -3.33 -5.56
N ILE D 387 36.79 -2.17 -6.21
CA ILE D 387 36.49 -0.88 -5.60
C ILE D 387 35.93 0.01 -6.69
N THR D 388 34.71 0.52 -6.47
CA THR D 388 34.04 1.32 -7.48
C THR D 388 34.17 2.79 -7.10
N TYR D 389 35.11 3.49 -7.73
CA TYR D 389 35.28 4.92 -7.56
C TYR D 389 34.18 5.59 -8.35
N THR D 390 33.17 6.08 -7.66
CA THR D 390 31.86 6.22 -8.29
C THR D 390 31.65 7.43 -9.19
N PRO D 391 31.94 8.65 -8.74
CA PRO D 391 31.65 9.81 -9.59
C PRO D 391 32.32 9.76 -10.96
N GLU D 392 33.52 9.21 -11.04
CA GLU D 392 34.15 8.82 -12.31
C GLU D 392 34.59 9.98 -13.19
N ASN D 393 34.20 11.15 -12.86
CA ASN D 393 34.71 12.34 -13.50
C ASN D 393 35.29 13.30 -12.49
N LEU D 394 34.63 13.44 -11.34
CA LEU D 394 35.24 14.15 -10.24
C LEU D 394 36.47 13.40 -9.74
N CYS D 395 36.39 12.07 -9.67
CA CYS D 395 37.54 11.30 -9.21
C CYS D 395 38.67 11.34 -10.22
N ARG D 396 38.36 11.27 -11.52
CA ARG D 396 39.41 11.34 -12.53
C ARG D 396 40.12 12.68 -12.49
N LYS D 397 39.35 13.76 -12.46
CA LYS D 397 39.96 15.09 -12.42
C LYS D 397 40.76 15.29 -11.14
N LEU D 398 40.22 14.83 -10.01
CA LEU D 398 40.95 14.97 -8.75
C LEU D 398 42.21 14.12 -8.74
N PHE D 399 42.25 13.07 -9.58
CA PHE D 399 43.46 12.28 -9.65
C PHE D 399 44.47 12.90 -10.61
N LEU D 400 43.99 13.67 -11.60
CA LEU D 400 44.88 14.32 -12.54
C LEU D 400 45.78 15.30 -11.82
N GLN D 401 45.21 16.35 -11.27
CA GLN D 401 45.95 17.19 -10.36
C GLN D 401 46.07 16.48 -9.02
N HIS D 402 46.87 17.04 -8.11
CA HIS D 402 47.01 16.49 -6.77
C HIS D 402 47.54 15.06 -6.83
N GLU D 403 48.73 14.96 -7.43
CA GLU D 403 49.30 13.67 -7.81
C GLU D 403 49.43 12.72 -6.62
N GLY D 404 49.76 13.24 -5.43
CA GLY D 404 49.85 12.38 -4.28
C GLY D 404 48.53 11.78 -3.85
N LEU D 405 47.42 12.34 -4.32
CA LEU D 405 46.11 11.86 -3.90
C LEU D 405 45.86 10.44 -4.36
N LYS D 406 46.19 10.12 -5.60
CA LYS D 406 45.91 8.78 -6.11
C LYS D 406 46.75 7.75 -5.38
N GLN D 407 48.01 8.09 -5.10
CA GLN D 407 48.86 7.18 -4.37
C GLN D 407 48.36 6.98 -2.94
N LEU D 408 47.91 8.06 -2.32
CA LEU D 408 47.37 7.94 -0.97
C LEU D 408 46.12 7.08 -0.96
N ILE D 409 45.25 7.25 -1.95
CA ILE D 409 44.04 6.44 -2.01
C ILE D 409 44.37 4.98 -2.24
N CYS D 410 45.37 4.69 -3.07
CA CYS D 410 45.82 3.30 -3.20
C CYS D 410 46.35 2.75 -1.89
N GLU D 411 47.23 3.48 -1.21
CA GLU D 411 47.78 2.96 0.02
C GLU D 411 46.73 2.89 1.11
N GLU D 412 45.60 3.56 0.95
CA GLU D 412 44.51 3.41 1.91
C GLU D 412 43.62 2.23 1.57
N MET D 413 43.31 2.03 0.29
CA MET D 413 42.34 1.05 -0.15
C MET D 413 42.93 -0.36 -0.25
N SER D 414 44.06 -0.62 0.40
CA SER D 414 44.68 -1.92 0.26
C SER D 414 43.95 -2.98 1.08
N SER D 415 43.62 -2.66 2.31
CA SER D 415 43.01 -3.64 3.22
C SER D 415 41.49 -3.54 3.21
N VAL D 416 40.88 -3.85 2.07
CA VAL D 416 39.43 -3.86 1.93
C VAL D 416 39.04 -4.93 0.93
N ARG D 417 38.21 -5.88 1.39
CA ARG D 417 37.76 -6.95 0.49
C ARG D 417 36.97 -6.39 -0.67
N LYS D 418 35.95 -5.58 -0.38
CA LYS D 418 35.10 -5.01 -1.42
C LYS D 418 34.37 -3.82 -0.83
N GLY D 419 34.48 -2.68 -1.49
CA GLY D 419 33.86 -1.47 -1.02
C GLY D 419 33.57 -0.54 -2.16
N SER D 420 33.14 0.68 -1.85
CA SER D 420 32.90 1.63 -2.92
C SER D 420 32.96 3.05 -2.39
N LEU D 421 34.08 3.75 -2.58
CA LEU D 421 34.17 5.09 -2.05
C LEU D 421 33.60 6.05 -3.07
N ILE D 422 33.07 7.17 -2.57
CA ILE D 422 32.29 8.12 -3.34
C ILE D 422 32.85 9.49 -3.06
N PHE D 423 33.50 10.09 -4.04
CA PHE D 423 34.10 11.39 -3.85
C PHE D 423 33.05 12.48 -3.87
N SER D 424 33.49 13.72 -3.69
CA SER D 424 32.62 14.87 -3.80
C SER D 424 33.44 16.13 -3.69
N ARG D 425 32.99 17.17 -4.39
CA ARG D 425 33.60 18.48 -4.23
C ARG D 425 33.49 18.95 -2.79
N SER D 426 32.38 18.64 -2.14
CA SER D 426 32.24 18.84 -0.70
C SER D 426 30.99 18.13 -0.22
N TRP D 427 31.14 17.23 0.75
CA TRP D 427 29.99 16.49 1.24
C TRP D 427 29.10 17.33 2.14
N SER D 428 29.64 18.38 2.74
CA SER D 428 28.85 19.22 3.62
C SER D 428 27.71 19.88 2.87
N VAL D 429 27.96 20.32 1.64
CA VAL D 429 26.91 20.97 0.86
C VAL D 429 25.98 19.94 0.25
N ASP D 430 26.43 18.70 0.12
CA ASP D 430 25.53 17.67 -0.37
C ASP D 430 24.55 17.21 0.70
N LEU D 431 24.77 17.61 1.95
CA LEU D 431 23.86 17.30 3.03
C LEU D 431 23.13 18.54 3.54
N GLY D 432 23.18 19.62 2.78
CA GLY D 432 22.55 20.86 3.20
C GLY D 432 23.23 21.45 4.41
N LEU D 433 24.47 21.88 4.25
CA LEU D 433 25.26 22.40 5.36
C LEU D 433 26.16 23.52 4.84
N GLN D 434 26.82 24.19 5.75
CA GLN D 434 27.72 25.28 5.40
C GLN D 434 29.04 24.72 4.90
N GLU D 435 29.40 25.09 3.69
CA GLU D 435 30.69 24.74 3.12
C GLU D 435 31.75 25.70 3.64
N ASN D 436 32.95 25.18 3.87
CA ASN D 436 34.13 25.99 4.09
C ASN D 436 35.13 25.71 2.98
N HIS D 437 35.63 26.78 2.36
CA HIS D 437 36.35 26.66 1.11
C HIS D 437 37.73 26.04 1.26
N LYS D 438 38.21 25.82 2.48
CA LYS D 438 39.54 25.26 2.62
C LYS D 438 39.57 23.75 2.46
N VAL D 439 38.42 23.11 2.29
CA VAL D 439 38.36 21.67 2.15
C VAL D 439 38.52 21.30 0.68
N LEU D 440 39.55 20.54 0.36
CA LEU D 440 39.82 20.21 -1.03
C LEU D 440 38.71 19.35 -1.61
N CYS D 441 38.51 18.17 -1.03
CA CYS D 441 37.47 17.26 -1.49
C CYS D 441 37.06 16.39 -0.32
N ASP D 442 36.36 15.31 -0.61
CA ASP D 442 35.89 14.41 0.43
C ASP D 442 35.86 13.00 -0.14
N ALA D 443 35.31 12.09 0.63
CA ALA D 443 35.14 10.72 0.19
C ALA D 443 34.25 10.01 1.19
N LEU D 444 33.86 8.79 0.84
CA LEU D 444 33.00 8.04 1.73
C LEU D 444 33.20 6.56 1.45
N LEU D 445 34.05 5.93 2.24
CA LEU D 445 34.39 4.54 2.04
C LEU D 445 33.35 3.67 2.72
N ILE D 446 32.70 2.81 1.97
CA ILE D 446 31.62 1.99 2.46
C ILE D 446 31.96 0.55 2.11
N SER D 447 32.65 -0.14 3.02
CA SER D 447 33.08 -1.51 2.80
C SER D 447 32.19 -2.45 3.60
N GLN D 448 32.53 -3.74 3.56
CA GLN D 448 31.70 -4.73 4.25
C GLN D 448 31.78 -4.59 5.76
N ASP D 449 32.96 -4.78 6.32
CA ASP D 449 33.25 -4.46 7.71
C ASP D 449 33.82 -3.05 7.76
N SER D 450 34.34 -2.64 8.92
CA SER D 450 34.92 -1.32 9.03
C SER D 450 33.91 -0.22 8.68
N PRO D 451 33.07 0.18 9.63
CA PRO D 451 31.97 1.12 9.35
C PRO D 451 32.43 2.34 8.56
N PRO D 452 31.51 2.98 7.85
CA PRO D 452 31.89 3.95 6.81
C PRO D 452 32.77 5.07 7.35
N VAL D 453 33.67 5.55 6.50
CA VAL D 453 34.65 6.55 6.86
C VAL D 453 34.50 7.75 5.94
N LEU D 454 34.74 8.93 6.48
CA LEU D 454 34.61 10.17 5.74
C LEU D 454 35.97 10.83 5.66
N TYR D 455 36.76 10.48 4.67
CA TYR D 455 38.03 11.14 4.45
C TYR D 455 37.78 12.58 4.06
N THR D 456 38.57 13.50 4.64
CA THR D 456 38.55 14.89 4.25
C THR D 456 39.97 15.28 3.88
N PHE D 457 40.16 15.79 2.67
CA PHE D 457 41.47 16.17 2.20
C PHE D 457 41.57 17.68 2.02
N HIS D 458 42.75 18.21 2.31
CA HIS D 458 42.98 19.64 2.26
C HIS D 458 44.47 19.87 2.29
N MET D 459 44.91 21.03 1.81
CA MET D 459 46.30 21.44 1.90
C MET D 459 46.32 22.82 2.54
N VAL D 460 46.27 22.85 3.88
CA VAL D 460 46.43 24.09 4.63
C VAL D 460 47.09 23.78 5.96
N GLN D 461 48.32 24.24 6.15
CA GLN D 461 49.06 23.93 7.37
C GLN D 461 48.80 24.97 8.46
N ASP D 462 47.55 25.31 8.69
CA ASP D 462 47.22 26.20 9.80
C ASP D 462 46.08 25.68 10.67
N GLU D 463 45.06 25.08 10.09
CA GLU D 463 43.86 24.71 10.82
C GLU D 463 43.91 23.23 11.16
N GLU D 464 42.80 22.70 11.66
CA GLU D 464 42.73 21.31 12.07
C GLU D 464 41.57 20.61 11.38
N PHE D 465 40.47 21.32 11.16
CA PHE D 465 39.32 20.80 10.42
C PHE D 465 38.63 19.66 11.16
N LYS D 466 38.78 19.60 12.49
CA LYS D 466 38.07 18.58 13.24
C LYS D 466 36.59 18.90 13.32
N GLY D 467 36.25 20.17 13.56
CA GLY D 467 34.85 20.54 13.69
C GLY D 467 34.07 20.29 12.43
N TYR D 468 34.64 20.68 11.29
CA TYR D 468 33.97 20.46 10.01
C TYR D 468 33.71 18.99 9.77
N SER D 469 34.75 18.17 9.88
CA SER D 469 34.61 16.76 9.57
C SER D 469 33.64 16.08 10.51
N THR D 470 33.70 16.41 11.80
CA THR D 470 32.79 15.74 12.73
C THR D 470 31.35 16.17 12.51
N GLN D 471 31.11 17.46 12.25
CA GLN D 471 29.76 17.88 11.92
C GLN D 471 29.24 17.15 10.69
N THR D 472 30.09 17.01 9.67
CA THR D 472 29.63 16.34 8.46
C THR D 472 29.35 14.87 8.71
N ALA D 473 30.18 14.20 9.50
CA ALA D 473 29.95 12.79 9.78
C ALA D 473 28.67 12.61 10.58
N LEU D 474 28.47 13.47 11.58
CA LEU D 474 27.24 13.42 12.35
C LEU D 474 26.03 13.59 11.46
N THR D 475 26.04 14.60 10.60
CA THR D 475 24.88 14.86 9.78
C THR D 475 24.64 13.72 8.80
N LEU D 476 25.71 13.13 8.28
CA LEU D 476 25.53 12.00 7.38
C LEU D 476 24.92 10.81 8.09
N LYS D 477 25.34 10.54 9.31
CA LYS D 477 24.76 9.45 10.08
C LYS D 477 23.27 9.69 10.31
N GLN D 478 22.92 10.89 10.74
CA GLN D 478 21.52 11.19 11.02
C GLN D 478 20.68 11.11 9.76
N LYS D 479 21.20 11.65 8.65
CA LYS D 479 20.45 11.62 7.40
C LYS D 479 20.24 10.21 6.92
N LEU D 480 21.28 9.37 7.00
CA LEU D 480 21.14 7.97 6.65
C LEU D 480 20.00 7.34 7.42
N ALA D 481 20.05 7.43 8.75
CA ALA D 481 19.10 6.69 9.56
C ALA D 481 17.69 7.27 9.48
N LYS D 482 17.55 8.57 9.25
CA LYS D 482 16.22 9.18 9.28
C LYS D 482 15.56 9.32 7.92
N ILE D 483 16.33 9.33 6.83
CA ILE D 483 15.77 9.49 5.50
C ILE D 483 16.10 8.32 4.61
N GLY D 484 17.33 7.82 4.66
CA GLY D 484 17.60 6.62 3.91
C GLY D 484 16.89 5.41 4.41
N GLY D 485 16.40 5.44 5.64
CA GLY D 485 15.71 4.28 6.15
C GLY D 485 16.59 3.13 6.52
N TYR D 486 17.85 3.38 6.87
CA TYR D 486 18.68 2.31 7.37
C TYR D 486 18.26 1.98 8.80
N THR D 487 18.02 0.70 9.05
CA THR D 487 17.40 0.25 10.28
C THR D 487 18.35 -0.47 11.22
N LYS D 488 19.62 -0.14 11.19
CA LYS D 488 20.58 -0.74 12.10
C LYS D 488 21.44 0.34 12.72
N LYS D 489 22.29 -0.06 13.66
CA LYS D 489 23.15 0.87 14.36
C LYS D 489 24.34 1.21 13.47
N VAL D 490 24.72 2.49 13.46
CA VAL D 490 25.79 2.97 12.60
C VAL D 490 26.63 3.98 13.35
N CYS D 491 27.90 4.04 12.99
CA CYS D 491 28.74 5.18 13.28
C CYS D 491 29.48 5.52 12.00
N VAL D 492 29.61 6.80 11.72
CA VAL D 492 30.35 7.28 10.56
C VAL D 492 31.70 7.75 11.07
N MET D 493 32.75 6.96 10.82
CA MET D 493 34.08 7.29 11.32
C MET D 493 34.63 8.48 10.56
N THR D 494 35.88 8.85 10.82
CA THR D 494 36.44 10.04 10.20
C THR D 494 37.94 9.85 10.03
N LYS D 495 38.50 10.54 9.04
CA LYS D 495 39.93 10.63 8.84
C LYS D 495 40.23 11.95 8.15
N ILE D 496 41.33 12.58 8.49
CA ILE D 496 41.73 13.83 7.86
C ILE D 496 43.15 13.68 7.34
N PHE D 497 43.42 14.29 6.19
CA PHE D 497 44.70 14.16 5.53
C PHE D 497 45.19 15.52 5.07
N TYR D 498 46.50 15.72 5.15
CA TYR D 498 47.12 16.91 4.62
C TYR D 498 47.80 16.59 3.29
N LEU D 499 47.73 17.51 2.35
CA LEU D 499 48.11 17.23 0.97
C LEU D 499 48.96 18.36 0.39
N SER D 500 50.02 18.73 1.10
CA SER D 500 50.96 19.69 0.54
C SER D 500 51.57 19.15 -0.74
N PRO D 501 51.92 20.03 -1.67
CA PRO D 501 52.58 19.56 -2.90
C PRO D 501 53.91 18.90 -2.56
N GLU D 502 54.20 17.81 -3.27
CA GLU D 502 55.39 17.01 -3.01
C GLU D 502 55.35 16.41 -1.60
N GLY D 503 54.30 15.62 -1.38
CA GLY D 503 54.16 14.85 -0.15
C GLY D 503 52.72 14.60 0.24
N MET D 504 52.37 13.33 0.43
CA MET D 504 50.98 12.90 0.63
C MET D 504 50.93 11.96 1.85
N THR D 505 50.88 12.56 3.03
CA THR D 505 50.93 11.82 4.28
C THR D 505 50.35 12.75 5.35
N SER D 506 50.74 12.51 6.61
CA SER D 506 50.35 13.39 7.70
C SER D 506 48.85 13.35 7.92
N CYS D 507 48.37 12.16 8.27
CA CYS D 507 46.98 12.01 8.66
C CYS D 507 46.77 12.77 9.95
N GLN D 508 46.20 13.98 9.85
CA GLN D 508 46.16 14.85 11.01
C GLN D 508 45.16 14.38 12.06
N TYR D 509 44.34 13.38 11.75
CA TYR D 509 43.35 12.91 12.70
C TYR D 509 42.82 11.57 12.25
N ASP D 510 42.55 10.70 13.21
CA ASP D 510 42.01 9.37 12.94
C ASP D 510 40.97 9.09 14.03
N LEU D 511 39.70 9.24 13.68
CA LEU D 511 38.65 9.14 14.68
C LEU D 511 38.45 7.73 15.20
N ARG D 512 38.98 6.71 14.52
CA ARG D 512 38.72 5.35 14.97
C ARG D 512 39.57 5.00 16.19
N SER D 513 40.82 5.45 16.22
CA SER D 513 41.63 5.27 17.42
C SER D 513 41.54 6.48 18.34
N GLN D 514 40.31 6.92 18.58
CA GLN D 514 40.06 7.96 19.56
C GLN D 514 38.82 7.74 20.39
N VAL D 515 37.84 6.98 19.91
CA VAL D 515 36.57 6.82 20.57
C VAL D 515 36.13 5.37 20.42
N ILE D 516 35.49 4.86 21.44
CA ILE D 516 35.04 3.48 21.49
C ILE D 516 33.53 3.44 21.36
N TYR D 517 33.03 2.43 20.66
CA TYR D 517 31.61 2.18 20.48
C TYR D 517 31.31 0.78 20.97
N PRO D 518 30.06 0.41 21.13
CA PRO D 518 29.74 -0.97 21.51
C PRO D 518 30.21 -1.94 20.46
N GLU D 519 30.12 -3.23 20.80
CA GLU D 519 30.66 -4.26 19.92
C GLU D 519 29.88 -4.34 18.62
N SER D 520 28.63 -3.86 18.60
CA SER D 520 27.76 -4.06 17.46
C SER D 520 27.84 -2.94 16.43
N TYR D 521 28.35 -1.77 16.79
CA TYR D 521 28.46 -0.69 15.83
C TYR D 521 29.52 -0.93 14.77
N TYR D 522 30.34 -1.97 14.91
CA TYR D 522 31.46 -2.21 14.02
C TYR D 522 31.13 -3.18 12.90
N PHE D 523 29.86 -3.51 12.69
CA PHE D 523 29.47 -4.43 11.64
C PHE D 523 28.34 -3.84 10.82
N THR D 524 28.69 -3.19 9.71
CA THR D 524 27.70 -2.67 8.79
C THR D 524 27.39 -3.74 7.75
N ARG D 525 26.49 -3.42 6.83
CA ARG D 525 26.02 -4.40 5.86
C ARG D 525 26.29 -4.02 4.42
N ARG D 526 26.54 -2.75 4.13
CA ARG D 526 27.21 -2.33 2.91
C ARG D 526 26.38 -2.44 1.65
N LYS D 527 25.25 -3.13 1.70
CA LYS D 527 24.29 -3.06 0.62
C LYS D 527 23.09 -2.25 1.00
N TYR D 528 22.65 -2.35 2.25
CA TYR D 528 21.63 -1.49 2.78
C TYR D 528 22.14 -0.09 3.05
N LEU D 529 23.43 0.06 3.34
CA LEU D 529 24.01 1.39 3.39
C LEU D 529 23.98 2.03 2.01
N LEU D 530 24.15 1.24 0.96
CA LEU D 530 24.07 1.83 -0.37
C LEU D 530 22.65 2.26 -0.70
N LYS D 531 21.67 1.42 -0.40
CA LYS D 531 20.29 1.80 -0.58
C LYS D 531 19.96 3.06 0.21
N ALA D 532 20.44 3.10 1.46
CA ALA D 532 20.16 4.24 2.32
C ALA D 532 20.82 5.51 1.79
N LEU D 533 22.04 5.41 1.30
CA LEU D 533 22.71 6.57 0.74
C LEU D 533 22.01 7.04 -0.52
N PHE D 534 21.57 6.10 -1.36
CA PHE D 534 20.83 6.46 -2.56
C PHE D 534 19.55 7.21 -2.19
N LYS D 535 18.77 6.67 -1.27
CA LYS D 535 17.51 7.31 -0.90
C LYS D 535 17.74 8.63 -0.22
N ALA D 536 18.81 8.76 0.58
CA ALA D 536 19.09 10.02 1.24
C ALA D 536 19.45 11.09 0.22
N LEU D 537 20.32 10.74 -0.73
CA LEU D 537 20.69 11.71 -1.74
C LEU D 537 19.49 12.09 -2.60
N LYS D 538 18.65 11.12 -2.92
CA LYS D 538 17.44 11.42 -3.68
C LYS D 538 16.55 12.39 -2.91
N ARG D 539 16.29 12.08 -1.65
CA ARG D 539 15.38 12.89 -0.85
C ARG D 539 15.95 14.28 -0.58
N LEU D 540 17.27 14.41 -0.55
CA LEU D 540 17.88 15.71 -0.39
C LEU D 540 18.06 16.45 -1.71
N LYS D 541 17.75 15.81 -2.84
CA LYS D 541 17.84 16.45 -4.14
C LYS D 541 19.28 16.84 -4.48
N SER D 542 20.24 16.03 -4.04
CA SER D 542 21.63 16.25 -4.36
C SER D 542 22.22 15.11 -5.15
N LEU D 543 21.41 14.11 -5.49
CA LEU D 543 21.86 12.97 -6.26
C LEU D 543 22.15 13.44 -7.67
N ARG D 544 23.43 13.51 -8.04
CA ARG D 544 23.80 13.95 -9.37
C ARG D 544 24.52 12.87 -10.17
N ASP D 545 25.62 12.33 -9.65
CA ASP D 545 26.49 11.45 -10.42
C ASP D 545 26.85 10.17 -9.72
N GLN D 546 26.77 10.10 -8.39
CA GLN D 546 27.01 8.88 -7.66
C GLN D 546 26.11 7.78 -8.23
N PHE D 547 26.53 6.53 -8.10
CA PHE D 547 25.76 5.42 -8.65
C PHE D 547 25.56 5.58 -10.16
N SER D 548 26.64 5.30 -10.89
CA SER D 548 26.72 5.62 -12.32
C SER D 548 25.50 5.15 -13.11
N PHE D 549 25.27 3.83 -13.17
CA PHE D 549 24.30 3.19 -14.07
C PHE D 549 24.23 3.84 -15.46
N ALA D 550 25.34 3.80 -16.20
CA ALA D 550 25.52 4.61 -17.40
C ALA D 550 24.36 4.48 -18.38
N GLU D 551 24.02 5.62 -18.99
CA GLU D 551 22.81 5.80 -19.75
C GLU D 551 23.04 5.64 -21.25
N ASN D 552 24.29 5.46 -21.67
CA ASN D 552 24.59 5.27 -23.07
C ASN D 552 23.90 4.04 -23.64
N LEU D 553 23.65 3.03 -22.82
CA LEU D 553 22.81 1.92 -23.26
C LEU D 553 21.34 2.29 -23.15
N TYR D 554 20.99 3.04 -22.09
CA TYR D 554 19.61 3.48 -21.95
C TYR D 554 19.19 4.39 -23.09
N GLN D 555 20.07 5.31 -23.49
CA GLN D 555 19.72 6.19 -24.59
C GLN D 555 19.54 5.42 -25.89
N ILE D 556 20.32 4.37 -26.11
CA ILE D 556 20.08 3.55 -27.29
C ILE D 556 18.75 2.84 -27.20
N ILE D 557 18.47 2.21 -26.07
CA ILE D 557 17.28 1.37 -25.99
C ILE D 557 16.01 2.20 -25.97
N GLY D 558 16.07 3.41 -25.45
CA GLY D 558 14.91 4.27 -25.36
C GLY D 558 14.39 4.48 -23.96
N ILE D 559 15.13 4.04 -22.94
CA ILE D 559 14.71 4.27 -21.57
C ILE D 559 15.14 5.67 -21.13
N ASP D 560 14.34 6.27 -20.26
CA ASP D 560 14.52 7.66 -19.90
C ASP D 560 15.40 7.79 -18.66
N CYS D 561 15.49 9.00 -18.10
CA CYS D 561 16.35 9.30 -16.97
C CYS D 561 15.91 8.52 -15.73
N PHE D 562 16.67 8.69 -14.65
CA PHE D 562 16.45 7.88 -13.45
C PHE D 562 15.10 8.22 -12.81
N GLN D 563 14.90 9.45 -12.37
CA GLN D 563 13.62 9.87 -11.83
C GLN D 563 13.68 11.35 -11.49
N LYS D 564 12.63 12.08 -11.84
CA LYS D 564 12.36 13.41 -11.29
C LYS D 564 11.07 13.95 -11.91
N ASN D 565 10.56 15.01 -11.30
CA ASN D 565 9.43 15.76 -11.84
C ASN D 565 9.90 16.78 -12.88
N ASP D 566 10.64 16.29 -13.87
CA ASP D 566 11.23 17.13 -14.91
C ASP D 566 10.90 16.64 -16.32
N LYS D 567 10.11 15.57 -16.45
CA LYS D 567 9.72 15.03 -17.73
C LYS D 567 8.52 14.10 -17.55
C1 J33 E . -22.31 12.35 -26.31
C2 J33 E . -23.82 14.31 -25.68
C3 J33 E . -24.50 12.12 -25.17
C4 J33 E . -22.32 10.84 -26.20
C5 J33 E . -23.41 10.15 -25.58
C6 J33 E . -25.18 14.27 -24.98
C7 J33 E . -21.24 10.10 -26.69
C8 J33 E . -23.37 8.76 -25.50
C9 J33 E . -21.23 8.71 -26.60
C10 J33 E . -22.29 8.04 -26.00
CL1 J33 E . -19.89 10.93 -27.44
CL2 J33 E . -19.91 7.75 -27.19
O1 J33 E . -25.84 15.26 -24.71
N1 J33 E . -23.51 12.89 -25.73
N2 J33 E . -25.48 12.95 -24.73
N3 J33 E . -24.53 10.84 -25.06
H2 J33 E . -22.26 12.63 -27.37
H1 J33 E . -21.44 12.75 -25.77
H3 J33 E . -23.92 14.74 -26.68
H4 J33 E . -23.10 14.86 -25.07
H6 J33 E . -24.20 8.23 -25.04
H7 J33 E . -22.29 6.96 -25.92
H5 J33 E . -26.33 12.63 -24.27
MG MG F . -14.72 13.92 -29.08
MG MG G . -13.20 10.05 -29.73
ZN ZN H . 13.90 -21.90 12.55
C1 J33 I . 20.94 -8.54 -28.56
C2 J33 I . 22.47 -10.56 -28.29
C3 J33 I . 23.18 -8.47 -27.52
C4 J33 I . 20.96 -7.06 -28.24
C5 J33 I . 22.08 -6.46 -27.59
C6 J33 I . 23.86 -10.62 -27.65
C7 J33 I . 19.85 -6.27 -28.58
C8 J33 I . 22.05 -5.10 -27.32
C9 J33 I . 19.85 -4.90 -28.29
C10 J33 I . 20.95 -4.32 -27.66
CL1 J33 I . 18.47 -6.98 -29.36
CL2 J33 I . 18.52 -3.87 -28.68
O1 J33 I . 24.54 -11.63 -27.56
N1 J33 I . 22.16 -9.15 -28.13
N2 J33 I . 24.19 -9.34 -27.23
N3 J33 I . 23.22 -7.21 -27.23
H2 J33 I . 20.83 -8.68 -29.64
H1 J33 I . 20.09 -9.02 -28.04
H3 J33 I . 22.52 -10.85 -29.33
H4 J33 I . 21.78 -11.18 -27.72
H6 J33 I . 22.90 -4.62 -26.83
H7 J33 I . 20.96 -3.26 -27.43
H5 J33 I . 25.06 -9.09 -26.79
MG MG J . 13.21 -9.74 -31.14
MG MG K . 11.68 -5.83 -31.17
ZN ZN L . -13.19 19.87 16.41
#